data_4A5S
#
_entry.id   4A5S
#
_cell.length_a   97.183
_cell.length_b   121.424
_cell.length_c   190.699
_cell.angle_alpha   90.00
_cell.angle_beta   90.00
_cell.angle_gamma   90.00
#
_symmetry.space_group_name_H-M   'P 21 21 21'
#
loop_
_entity.id
_entity.type
_entity.pdbx_description
1 polymer 'DIPEPTIDYL PEPTIDASE 4 SOLUBLE FORM'
2 branched alpha-D-mannopyranose-(1-3)-[alpha-D-mannopyranose-(1-6)]alpha-D-mannopyranose-(1-4)-2-acetamido-2-deoxy-beta-D-glucopyranose-(1-4)-2-acetamido-2-deoxy-beta-D-glucopyranose
3 non-polymer 6-[(3S)-3-AMINOPIPERIDIN-1-YL]-5-BENZYL-4-OXO-3-(QUINOLIN-4-YLMETHYL)-4,5-DIHYDRO-3H-PYRROLO[3,2-D]PYRIMIDINE-7-CARBONITRILE
4 non-polymer 2-acetamido-2-deoxy-beta-D-glucopyranose
5 non-polymer 'SULFATE ION'
6 water water
#
_entity_poly.entity_id   1
_entity_poly.type   'polypeptide(L)'
_entity_poly.pdbx_seq_one_letter_code
;SRKTYTLTDYLKNTYRLKLYSLRWISDHEYLYKQENNILVFNAEYGNSSVFLENSTFDEFGHSINDYSISPDGQFILLEY
NYVKQWRHSYTASYDIYDLNKRQLITEERIPNNTQWVTWSPVGHKLAYVWNNDIYVKIEPNLPSYRITWTGKEDIIYNGI
TDWVYEEEVFSAYSALWWSPNGTFLAYAQFNDTEVPLIEYSFYSDESLQYPKTVRVPYPKAGAVNPTVKFFVVNTDSLSS
VTNATSIQITAPASMLIGDHYLCDVTWATQERISLQWLRRIQNYSVMDICDYDESSGRWNCLVARQHIEMSTTGWVGRFR
PSEPHFTLDGNSFYKIISNEEGYRHICYFQIDKKDCTFITKGTWEVIGIEALTSDYLYYISNEYKGMPGGRNLYKIQLID
YTKVTCLSCELNPERCQYYSVSFSKEAKYYQLRCSGPGLPLYTLHSSVNDKGLRVLEDNSALDKMLQNVQMPSKKLDFII
LNETKFWYQMILPPHFDKSKKYPLLLDVYAGPCSQKADTVFRLNWATYLASTENIIVASFDGRGSGYQGDKIMHAINRRL
GTFEVEDQIEAARQFSKMGFVDNKRIAIWGWSYGGYVTSMVLGSGSGVFKCGIAVAPVSRWEYYDSVYTERYMGLPTPED
NLDHYRNSTVMSRAENFKQVEYLLIHGTADDNVHFQQSAQISKALVDVGVDFQAMWYTDEDHGIASSTAHQHIYTHMSHF
IKQCFSLPAAASWSHPQFEK
;
_entity_poly.pdbx_strand_id   A,B
#
loop_
_chem_comp.id
_chem_comp.type
_chem_comp.name
_chem_comp.formula
MAN D-saccharide, alpha linking alpha-D-mannopyranose 'C6 H12 O6'
N7F non-polymer 6-[(3S)-3-AMINOPIPERIDIN-1-YL]-5-BENZYL-4-OXO-3-(QUINOLIN-4-YLMETHYL)-4,5-DIHYDRO-3H-PYRROLO[3,2-D]PYRIMIDINE-7-CARBONITRILE 'C29 H27 N7 O'
NAG D-saccharide, beta linking 2-acetamido-2-deoxy-beta-D-glucopyranose 'C8 H15 N O6'
SO4 non-polymer 'SULFATE ION' 'O4 S -2'
#
# COMPACT_ATOMS: atom_id res chain seq x y z
N ARG A 2 40.16 -4.91 20.18
CA ARG A 2 39.99 -3.82 19.22
C ARG A 2 38.48 -3.60 18.97
N LYS A 3 38.15 -2.51 18.29
CA LYS A 3 36.76 -2.24 17.91
C LYS A 3 36.38 -3.17 16.74
N THR A 4 35.09 -3.23 16.44
CA THR A 4 34.61 -4.04 15.33
C THR A 4 33.99 -3.08 14.35
N TYR A 5 33.60 -3.59 13.16
CA TYR A 5 32.97 -2.75 12.15
C TYR A 5 31.48 -2.85 12.50
N THR A 6 30.92 -1.78 13.00
CA THR A 6 29.57 -1.81 13.55
C THR A 6 28.50 -1.43 12.54
N LEU A 7 27.22 -1.57 12.94
CA LEU A 7 26.13 -1.14 12.07
C LEU A 7 26.18 0.38 11.85
N THR A 8 26.51 1.17 12.90
CA THR A 8 26.63 2.62 12.72
C THR A 8 27.80 2.93 11.76
N ASP A 9 28.87 2.12 11.81
CA ASP A 9 29.99 2.33 10.86
C ASP A 9 29.49 2.19 9.44
N TYR A 10 28.70 1.14 9.18
CA TYR A 10 28.12 0.94 7.85
C TYR A 10 27.17 2.08 7.47
N LEU A 11 26.22 2.40 8.36
CA LEU A 11 25.23 3.43 8.06
C LEU A 11 25.77 4.85 7.95
N LYS A 12 26.86 5.15 8.69
CA LYS A 12 27.42 6.51 8.68
C LYS A 12 28.67 6.64 7.82
N ASN A 13 29.10 5.52 7.17
CA ASN A 13 30.27 5.48 6.27
C ASN A 13 31.51 6.01 7.01
N THR A 14 31.73 5.51 8.22
CA THR A 14 32.88 5.88 9.06
C THR A 14 34.20 5.57 8.32
N TYR A 15 34.27 4.39 7.66
CA TYR A 15 35.47 3.93 6.96
C TYR A 15 35.26 4.03 5.46
N ARG A 16 35.73 5.12 4.86
CA ARG A 16 35.49 5.45 3.45
C ARG A 16 36.51 4.90 2.49
N LEU A 17 36.02 4.26 1.41
CA LEU A 17 36.89 3.81 0.34
C LEU A 17 37.16 5.00 -0.53
N LYS A 18 38.45 5.30 -0.80
CA LYS A 18 38.79 6.41 -1.70
C LYS A 18 38.83 5.90 -3.13
N LEU A 19 38.46 6.77 -4.06
CA LEU A 19 38.41 6.51 -5.49
C LEU A 19 39.44 7.43 -6.15
N TYR A 20 39.55 7.33 -7.47
CA TYR A 20 40.36 8.25 -8.24
C TYR A 20 39.63 8.37 -9.56
N SER A 21 38.60 9.22 -9.59
CA SER A 21 37.78 9.37 -10.77
C SER A 21 38.38 10.42 -11.65
N LEU A 22 38.87 9.98 -12.80
CA LEU A 22 39.46 10.90 -13.76
C LEU A 22 38.62 10.97 -15.02
N ARG A 23 38.83 12.03 -15.81
CA ARG A 23 38.14 12.16 -17.09
C ARG A 23 39.16 12.43 -18.16
N TRP A 24 39.39 11.47 -19.04
CA TRP A 24 40.36 11.67 -20.12
C TRP A 24 39.87 12.74 -21.09
N ILE A 25 40.76 13.65 -21.49
CA ILE A 25 40.39 14.74 -22.44
C ILE A 25 41.15 14.65 -23.75
N SER A 26 42.19 13.82 -23.78
CA SER A 26 43.01 13.59 -24.96
C SER A 26 43.70 12.27 -24.81
N ASP A 27 44.68 12.00 -25.66
CA ASP A 27 45.39 10.76 -25.52
C ASP A 27 46.52 10.90 -24.47
N HIS A 28 46.76 12.11 -23.94
CA HIS A 28 47.87 12.28 -22.99
CA HIS A 28 47.90 12.42 -23.04
C HIS A 28 47.54 13.00 -21.69
N GLU A 29 46.32 13.56 -21.58
CA GLU A 29 45.93 14.30 -20.39
C GLU A 29 44.56 13.91 -19.89
N TYR A 30 44.40 14.04 -18.57
CA TYR A 30 43.09 13.83 -17.94
C TYR A 30 42.79 14.93 -16.97
N LEU A 31 41.50 15.08 -16.64
CA LEU A 31 41.02 16.03 -15.65
C LEU A 31 40.73 15.28 -14.39
N TYR A 32 41.00 15.92 -13.24
CA TYR A 32 40.79 15.30 -11.94
C TYR A 32 40.35 16.38 -10.98
N LYS A 33 39.17 16.21 -10.39
CA LYS A 33 38.58 17.16 -9.43
C LYS A 33 39.20 16.89 -8.06
N GLN A 34 39.88 17.91 -7.50
CA GLN A 34 40.57 17.84 -6.21
C GLN A 34 40.32 19.14 -5.45
N GLU A 35 39.76 19.05 -4.21
CA GLU A 35 39.42 20.20 -3.35
C GLU A 35 38.51 21.20 -4.13
N ASN A 36 37.52 20.64 -4.87
CA ASN A 36 36.56 21.35 -5.72
C ASN A 36 37.14 22.10 -6.96
N ASN A 37 38.49 22.13 -7.08
CA ASN A 37 39.15 22.72 -8.24
C ASN A 37 39.43 21.59 -9.24
N ILE A 38 39.40 21.87 -10.55
CA ILE A 38 39.65 20.82 -11.55
C ILE A 38 41.06 20.98 -12.04
N LEU A 39 41.85 19.91 -11.95
CA LEU A 39 43.22 19.91 -12.41
C LEU A 39 43.34 19.16 -13.72
N VAL A 40 44.33 19.52 -14.55
CA VAL A 40 44.66 18.77 -15.76
C VAL A 40 46.02 18.13 -15.50
N PHE A 41 46.10 16.81 -15.69
CA PHE A 41 47.35 16.08 -15.46
C PHE A 41 47.94 15.60 -16.75
N ASN A 42 49.28 15.61 -16.84
CA ASN A 42 50.03 15.01 -17.93
C ASN A 42 50.23 13.56 -17.48
N ALA A 43 49.69 12.60 -18.24
CA ALA A 43 49.81 11.18 -17.86
C ALA A 43 51.27 10.69 -17.79
N GLU A 44 52.14 11.14 -18.70
CA GLU A 44 53.53 10.63 -18.68
C GLU A 44 54.32 10.99 -17.45
N TYR A 45 54.29 12.27 -17.08
CA TYR A 45 55.11 12.80 -15.99
C TYR A 45 54.39 13.03 -14.68
N GLY A 46 53.07 13.14 -14.74
CA GLY A 46 52.25 13.30 -13.54
C GLY A 46 52.15 14.72 -13.05
N ASN A 47 52.74 15.67 -13.79
CA ASN A 47 52.63 17.07 -13.39
C ASN A 47 51.24 17.56 -13.73
N SER A 48 50.80 18.62 -13.02
CA SER A 48 49.48 19.15 -13.28
C SER A 48 49.47 20.66 -13.33
N SER A 49 48.37 21.20 -13.84
CA SER A 49 48.09 22.63 -13.89
C SER A 49 46.63 22.78 -13.49
N VAL A 50 46.26 23.98 -13.04
CA VAL A 50 44.86 24.22 -12.69
C VAL A 50 44.08 24.42 -14.01
N PHE A 51 42.98 23.68 -14.19
CA PHE A 51 42.14 23.81 -15.37
C PHE A 51 41.01 24.79 -15.06
N LEU A 52 40.34 24.58 -13.91
CA LEU A 52 39.24 25.42 -13.46
C LEU A 52 39.24 25.52 -11.92
N GLU A 53 39.45 26.76 -11.38
CA GLU A 53 39.50 26.95 -9.92
C GLU A 53 38.16 26.74 -9.23
N ASN A 54 38.21 26.27 -7.98
CA ASN A 54 37.04 26.04 -7.12
C ASN A 54 36.29 27.34 -6.74
N SER A 55 36.84 28.51 -7.10
CA SER A 55 36.28 29.84 -6.82
C SER A 55 35.50 30.44 -7.99
N THR A 56 35.69 29.88 -9.22
CA THR A 56 35.04 30.37 -10.44
C THR A 56 33.55 30.61 -10.31
N PHE A 57 32.84 29.66 -9.66
CA PHE A 57 31.39 29.69 -9.54
C PHE A 57 30.88 30.03 -8.14
N ASP A 58 31.72 30.67 -7.31
CA ASP A 58 31.35 31.09 -5.95
C ASP A 58 30.07 31.93 -5.91
N GLU A 59 29.82 32.75 -6.95
CA GLU A 59 28.64 33.62 -7.06
C GLU A 59 27.48 33.02 -7.90
N PHE A 60 27.61 31.75 -8.35
CA PHE A 60 26.59 31.10 -9.18
C PHE A 60 25.13 31.16 -8.68
N GLY A 61 24.91 30.95 -7.40
CA GLY A 61 23.56 31.07 -6.85
C GLY A 61 22.71 29.82 -6.79
N HIS A 62 23.23 28.71 -7.32
CA HIS A 62 22.56 27.41 -7.28
C HIS A 62 23.63 26.41 -6.91
N SER A 63 23.24 25.33 -6.20
CA SER A 63 24.19 24.28 -5.84
C SER A 63 24.41 23.43 -7.11
N ILE A 64 25.66 23.30 -7.56
CA ILE A 64 25.98 22.55 -8.78
C ILE A 64 26.07 21.04 -8.49
N ASN A 65 25.23 20.25 -9.17
CA ASN A 65 25.20 18.79 -9.04
C ASN A 65 26.33 18.09 -9.80
N ASP A 66 26.61 18.54 -11.03
CA ASP A 66 27.64 17.95 -11.88
C ASP A 66 27.98 18.92 -12.99
N TYR A 67 29.00 18.59 -13.77
CA TYR A 67 29.48 19.45 -14.85
C TYR A 67 29.84 18.57 -16.04
N SER A 68 29.93 19.18 -17.22
CA SER A 68 30.34 18.48 -18.40
C SER A 68 31.07 19.50 -19.25
N ILE A 69 32.36 19.28 -19.46
CA ILE A 69 33.19 20.18 -20.29
C ILE A 69 33.05 19.72 -21.73
N SER A 70 32.86 20.66 -22.66
CA SER A 70 32.75 20.32 -24.07
C SER A 70 34.05 19.65 -24.54
N PRO A 71 34.00 18.73 -25.52
CA PRO A 71 35.25 18.03 -25.92
C PRO A 71 36.36 18.96 -26.38
N ASP A 72 36.01 20.15 -26.89
CA ASP A 72 37.04 21.11 -27.34
C ASP A 72 37.57 22.01 -26.20
N GLY A 73 37.03 21.84 -25.00
CA GLY A 73 37.44 22.56 -23.79
C GLY A 73 37.02 24.01 -23.72
N GLN A 74 36.17 24.44 -24.68
CA GLN A 74 35.71 25.83 -24.79
C GLN A 74 34.56 26.20 -23.85
N PHE A 75 33.75 25.21 -23.46
CA PHE A 75 32.58 25.49 -22.65
C PHE A 75 32.40 24.45 -21.56
N ILE A 76 31.63 24.82 -20.53
CA ILE A 76 31.26 23.92 -19.43
C ILE A 76 29.77 24.01 -19.18
N LEU A 77 29.12 22.85 -19.11
CA LEU A 77 27.71 22.75 -18.81
C LEU A 77 27.63 22.53 -17.31
N LEU A 78 26.81 23.31 -16.62
CA LEU A 78 26.65 23.20 -15.17
C LEU A 78 25.25 22.72 -14.91
N GLU A 79 25.13 21.55 -14.29
CA GLU A 79 23.84 20.92 -13.99
C GLU A 79 23.41 21.26 -12.56
N TYR A 80 22.18 21.65 -12.38
CA TYR A 80 21.62 21.95 -11.06
C TYR A 80 20.14 21.68 -11.08
N ASN A 81 19.43 21.88 -9.94
CA ASN A 81 18.00 21.58 -9.82
C ASN A 81 17.73 20.09 -10.21
N TYR A 82 18.65 19.19 -9.86
CA TYR A 82 18.52 17.75 -10.19
C TYR A 82 17.27 17.16 -9.53
N VAL A 83 16.39 16.51 -10.33
CA VAL A 83 15.19 15.87 -9.76
C VAL A 83 15.18 14.44 -10.33
N LYS A 84 15.43 13.44 -9.48
CA LYS A 84 15.43 12.04 -9.92
C LYS A 84 14.10 11.56 -10.45
N GLN A 85 14.14 10.70 -11.50
CA GLN A 85 12.96 10.01 -11.98
C GLN A 85 13.17 8.50 -11.65
N TRP A 86 13.56 7.66 -12.64
CA TRP A 86 13.74 6.24 -12.42
C TRP A 86 15.17 5.89 -12.13
N ARG A 87 15.68 4.72 -12.59
CA ARG A 87 17.04 4.34 -12.19
C ARG A 87 18.08 5.29 -12.75
N HIS A 88 17.86 5.71 -14.02
CA HIS A 88 18.81 6.55 -14.75
C HIS A 88 18.26 7.93 -15.07
N SER A 89 16.95 8.03 -15.30
CA SER A 89 16.34 9.28 -15.71
C SER A 89 16.23 10.31 -14.61
N TYR A 90 16.27 11.58 -15.00
CA TYR A 90 16.08 12.69 -14.09
C TYR A 90 15.88 13.92 -14.96
N THR A 91 15.46 15.03 -14.36
CA THR A 91 15.39 16.29 -15.09
C THR A 91 16.31 17.26 -14.34
N ALA A 92 16.77 18.30 -15.03
CA ALA A 92 17.63 19.27 -14.36
C ALA A 92 17.58 20.56 -15.12
N SER A 93 18.16 21.61 -14.52
CA SER A 93 18.36 22.90 -15.20
C SER A 93 19.81 22.91 -15.59
N TYR A 94 20.19 23.70 -16.62
CA TYR A 94 21.55 23.76 -17.08
C TYR A 94 21.95 25.16 -17.44
N ASP A 95 23.16 25.53 -17.07
CA ASP A 95 23.76 26.77 -17.52
C ASP A 95 25.02 26.44 -18.29
N ILE A 96 25.35 27.28 -19.28
CA ILE A 96 26.55 27.08 -20.07
C ILE A 96 27.47 28.24 -19.75
N TYR A 97 28.72 27.92 -19.49
CA TYR A 97 29.75 28.91 -19.20
C TYR A 97 30.84 28.84 -20.28
N ASP A 98 31.13 30.00 -20.88
CA ASP A 98 32.17 30.10 -21.90
C ASP A 98 33.51 30.24 -21.16
N LEU A 99 34.37 29.23 -21.26
CA LEU A 99 35.65 29.19 -20.55
C LEU A 99 36.71 30.17 -21.07
N ASN A 100 36.59 30.62 -22.33
CA ASN A 100 37.54 31.61 -22.86
C ASN A 100 37.12 33.03 -22.50
N LYS A 101 35.83 33.34 -22.65
CA LYS A 101 35.25 34.68 -22.37
C LYS A 101 34.93 34.92 -20.91
N ARG A 102 34.89 33.86 -20.08
CA ARG A 102 34.51 33.94 -18.65
C ARG A 102 33.08 34.51 -18.54
N GLN A 103 32.15 33.99 -19.36
CA GLN A 103 30.78 34.47 -19.36
C GLN A 103 29.81 33.33 -19.29
N LEU A 104 28.74 33.53 -18.52
CA LEU A 104 27.62 32.63 -18.50
C LEU A 104 26.74 33.02 -19.71
N ILE A 105 26.20 32.03 -20.41
CA ILE A 105 25.26 32.27 -21.51
C ILE A 105 23.90 32.66 -20.88
N THR A 106 23.36 33.84 -21.24
CA THR A 106 22.12 34.35 -20.63
C THR A 106 20.90 34.35 -21.54
N GLU A 107 21.10 34.12 -22.85
CA GLU A 107 20.05 34.08 -23.86
C GLU A 107 20.12 32.74 -24.55
N GLU A 108 18.97 32.25 -25.04
CA GLU A 108 18.84 30.96 -25.73
C GLU A 108 19.38 29.85 -24.83
N ARG A 109 19.07 29.94 -23.53
CA ARG A 109 19.55 28.95 -22.57
C ARG A 109 18.88 27.60 -22.75
N ILE A 110 19.52 26.57 -22.20
CA ILE A 110 18.91 25.24 -22.16
C ILE A 110 17.72 25.42 -21.17
N PRO A 111 16.50 24.96 -21.54
CA PRO A 111 15.34 25.17 -20.65
C PRO A 111 15.42 24.46 -19.30
N ASN A 112 14.58 24.89 -18.35
CA ASN A 112 14.50 24.20 -17.07
C ASN A 112 13.73 22.88 -17.38
N ASN A 113 13.83 21.90 -16.48
CA ASN A 113 13.16 20.60 -16.67
C ASN A 113 13.65 19.87 -17.91
N THR A 114 14.92 20.11 -18.29
CA THR A 114 15.53 19.39 -19.40
C THR A 114 15.69 17.93 -18.98
N GLN A 115 15.33 17.02 -19.88
CA GLN A 115 15.36 15.55 -19.66
C GLN A 115 16.67 14.92 -19.99
N TRP A 116 17.37 15.44 -21.00
CA TRP A 116 18.67 14.92 -21.37
C TRP A 116 19.40 15.98 -22.11
N VAL A 117 20.72 16.06 -21.91
CA VAL A 117 21.57 16.98 -22.66
C VAL A 117 22.91 16.32 -22.92
N THR A 118 23.47 16.54 -24.12
CA THR A 118 24.77 16.01 -24.43
C THR A 118 25.50 16.88 -25.42
N TRP A 119 26.82 17.05 -25.19
CA TRP A 119 27.68 17.69 -26.18
C TRP A 119 27.85 16.70 -27.33
N SER A 120 28.17 17.24 -28.52
CA SER A 120 28.58 16.44 -29.66
C SER A 120 29.97 15.84 -29.27
N PRO A 121 30.45 14.76 -29.91
CA PRO A 121 31.72 14.13 -29.47
C PRO A 121 32.98 14.93 -29.79
N VAL A 122 32.87 15.84 -30.74
CA VAL A 122 33.95 16.77 -31.11
C VAL A 122 33.29 18.16 -31.12
N GLY A 123 34.08 19.20 -30.83
CA GLY A 123 33.57 20.55 -30.83
C GLY A 123 32.66 20.88 -29.64
N HIS A 124 31.57 21.59 -29.91
CA HIS A 124 30.68 22.08 -28.86
C HIS A 124 29.23 22.24 -29.27
N LYS A 125 28.71 21.35 -30.15
CA LYS A 125 27.29 21.38 -30.42
C LYS A 125 26.62 20.70 -29.22
N LEU A 126 25.32 20.94 -29.04
CA LEU A 126 24.52 20.38 -27.97
C LEU A 126 23.24 19.82 -28.53
N ALA A 127 22.80 18.67 -28.01
CA ALA A 127 21.49 18.13 -28.33
C ALA A 127 20.84 17.99 -26.96
N TYR A 128 19.56 18.32 -26.88
CA TYR A 128 18.86 18.17 -25.61
C TYR A 128 17.43 17.78 -25.84
N VAL A 129 16.82 17.18 -24.82
CA VAL A 129 15.45 16.76 -24.87
C VAL A 129 14.66 17.49 -23.81
N TRP A 130 13.58 18.13 -24.22
CA TRP A 130 12.74 18.91 -23.32
C TRP A 130 11.30 18.70 -23.74
N ASN A 131 10.45 18.33 -22.76
CA ASN A 131 9.06 17.98 -23.02
C ASN A 131 8.95 16.90 -24.12
N ASN A 132 9.88 15.92 -24.06
CA ASN A 132 9.88 14.74 -24.95
C ASN A 132 10.21 15.03 -26.41
N ASP A 133 10.74 16.22 -26.69
CA ASP A 133 11.19 16.59 -28.04
C ASP A 133 12.65 16.96 -28.05
N ILE A 134 13.31 16.71 -29.20
CA ILE A 134 14.74 16.96 -29.38
C ILE A 134 14.97 18.36 -29.95
N TYR A 135 16.04 18.98 -29.47
CA TYR A 135 16.52 20.31 -29.88
C TYR A 135 18.02 20.25 -30.08
N VAL A 136 18.54 21.01 -31.05
CA VAL A 136 19.97 21.06 -31.31
C VAL A 136 20.41 22.51 -31.27
N LYS A 137 21.52 22.80 -30.57
CA LYS A 137 22.16 24.13 -30.60
C LYS A 137 23.52 23.94 -31.24
N ILE A 138 23.78 24.67 -32.33
CA ILE A 138 25.06 24.58 -33.01
C ILE A 138 26.15 25.31 -32.20
N GLU A 139 25.76 26.42 -31.55
CA GLU A 139 26.66 27.18 -30.70
C GLU A 139 25.92 27.51 -29.39
N PRO A 140 26.61 27.51 -28.23
CA PRO A 140 25.93 27.78 -26.95
C PRO A 140 25.14 29.08 -26.87
N ASN A 141 25.61 30.13 -27.55
CA ASN A 141 24.93 31.43 -27.55
C ASN A 141 23.84 31.58 -28.61
N LEU A 142 23.61 30.54 -29.44
CA LEU A 142 22.63 30.63 -30.53
C LEU A 142 21.30 29.94 -30.29
N PRO A 143 20.18 30.36 -30.95
CA PRO A 143 18.89 29.67 -30.73
C PRO A 143 18.92 28.20 -31.14
N SER A 144 18.07 27.41 -30.49
CA SER A 144 17.91 25.99 -30.76
C SER A 144 17.08 25.73 -32.00
N TYR A 145 17.38 24.62 -32.69
CA TYR A 145 16.59 24.11 -33.79
C TYR A 145 15.77 22.99 -33.20
N ARG A 146 14.45 23.03 -33.39
CA ARG A 146 13.59 21.98 -32.88
C ARG A 146 13.55 20.86 -33.90
N ILE A 147 13.98 19.66 -33.48
CA ILE A 147 14.02 18.52 -34.40
C ILE A 147 12.70 17.78 -34.49
N THR A 148 12.03 17.55 -33.34
CA THR A 148 10.79 16.80 -33.33
C THR A 148 9.67 17.64 -32.72
N TRP A 149 8.45 17.36 -33.16
CA TRP A 149 7.26 18.09 -32.73
C TRP A 149 6.17 17.16 -32.20
N THR A 150 6.46 15.84 -32.12
CA THR A 150 5.50 14.82 -31.71
C THR A 150 5.57 14.41 -30.23
N GLY A 151 6.58 14.91 -29.49
CA GLY A 151 6.74 14.58 -28.06
C GLY A 151 5.50 14.79 -27.24
N LYS A 152 5.15 13.81 -26.39
CA LYS A 152 3.95 13.93 -25.55
C LYS A 152 4.17 13.08 -24.31
N GLU A 153 4.02 13.71 -23.14
CA GLU A 153 4.23 13.05 -21.84
C GLU A 153 3.52 11.70 -21.80
N ASP A 154 4.28 10.65 -21.42
CA ASP A 154 3.76 9.28 -21.27
C ASP A 154 3.30 8.59 -22.55
N ILE A 155 3.47 9.23 -23.73
CA ILE A 155 2.97 8.62 -24.96
CA ILE A 155 2.96 8.67 -24.99
C ILE A 155 4.06 8.55 -26.04
N ILE A 156 4.65 9.69 -26.40
CA ILE A 156 5.69 9.73 -27.43
C ILE A 156 6.95 10.28 -26.84
N TYR A 157 8.04 9.51 -26.96
CA TYR A 157 9.33 9.85 -26.40
C TYR A 157 10.31 9.98 -27.53
N ASN A 158 10.81 11.19 -27.79
CA ASN A 158 11.83 11.40 -28.82
C ASN A 158 13.19 11.64 -28.17
N GLY A 159 14.16 10.74 -28.42
CA GLY A 159 15.51 10.95 -27.93
C GLY A 159 15.73 10.59 -26.47
N ILE A 160 14.67 10.06 -25.85
CA ILE A 160 14.71 9.55 -24.47
C ILE A 160 13.95 8.27 -24.44
N THR A 161 14.29 7.40 -23.48
CA THR A 161 13.60 6.12 -23.37
C THR A 161 12.36 6.20 -22.50
N ASP A 162 11.46 5.23 -22.69
CA ASP A 162 10.32 5.06 -21.80
C ASP A 162 10.79 4.14 -20.65
N TRP A 163 9.88 3.80 -19.72
CA TRP A 163 10.31 3.08 -18.53
C TRP A 163 11.07 1.78 -18.86
N VAL A 164 10.50 0.97 -19.73
CA VAL A 164 11.08 -0.33 -19.96
C VAL A 164 12.36 -0.28 -20.75
N TYR A 165 12.45 0.63 -21.73
CA TYR A 165 13.69 0.75 -22.45
C TYR A 165 14.80 1.31 -21.57
N GLU A 166 14.46 2.22 -20.62
CA GLU A 166 15.45 2.77 -19.73
C GLU A 166 15.98 1.65 -18.83
N GLU A 167 15.07 0.88 -18.22
CA GLU A 167 15.50 -0.10 -17.24
C GLU A 167 16.15 -1.32 -17.85
N GLU A 168 15.57 -1.83 -18.95
CA GLU A 168 15.91 -3.17 -19.46
C GLU A 168 16.68 -3.25 -20.74
N VAL A 169 16.73 -2.15 -21.52
CA VAL A 169 17.41 -2.24 -22.83
C VAL A 169 18.65 -1.37 -22.89
N PHE A 170 18.50 -0.06 -22.74
CA PHE A 170 19.63 0.84 -22.87
C PHE A 170 20.36 1.15 -21.57
N SER A 171 19.73 0.85 -20.40
CA SER A 171 20.33 1.19 -19.10
C SER A 171 20.67 2.68 -19.08
N ALA A 172 19.77 3.49 -19.66
CA ALA A 172 19.99 4.93 -19.78
C ALA A 172 18.70 5.58 -20.16
N TYR A 173 18.59 6.87 -19.87
CA TYR A 173 17.41 7.64 -20.25
C TYR A 173 17.65 8.17 -21.67
N SER A 174 18.89 8.36 -22.07
CA SER A 174 19.21 8.87 -23.41
CA SER A 174 19.14 8.89 -23.40
C SER A 174 18.86 7.90 -24.51
N ALA A 175 18.32 8.42 -25.62
CA ALA A 175 18.09 7.64 -26.83
C ALA A 175 18.52 8.55 -27.99
N LEU A 176 19.71 9.15 -27.81
CA LEU A 176 20.36 10.06 -28.80
C LEU A 176 21.75 9.52 -29.02
N TRP A 177 22.21 9.48 -30.29
CA TRP A 177 23.56 9.03 -30.61
C TRP A 177 24.19 9.92 -31.65
N TRP A 178 25.13 10.78 -31.25
CA TRP A 178 25.83 11.62 -32.23
C TRP A 178 26.76 10.76 -33.06
N SER A 179 26.98 11.13 -34.35
CA SER A 179 27.97 10.49 -35.18
C SER A 179 29.37 10.94 -34.67
N PRO A 180 30.46 10.22 -35.01
CA PRO A 180 31.77 10.50 -34.39
C PRO A 180 32.26 11.94 -34.47
N ASN A 181 32.03 12.61 -35.59
CA ASN A 181 32.49 14.00 -35.72
C ASN A 181 31.33 15.02 -35.47
N GLY A 182 30.16 14.52 -35.05
CA GLY A 182 29.02 15.39 -34.80
C GLY A 182 28.18 15.85 -35.98
N THR A 183 28.44 15.34 -37.21
CA THR A 183 27.60 15.74 -38.33
C THR A 183 26.14 15.30 -38.15
N PHE A 184 25.96 14.01 -37.84
CA PHE A 184 24.63 13.47 -37.72
C PHE A 184 24.24 13.23 -36.28
N LEU A 185 22.96 13.35 -36.03
CA LEU A 185 22.36 13.01 -34.73
C LEU A 185 21.33 11.93 -34.98
N ALA A 186 21.59 10.72 -34.45
CA ALA A 186 20.64 9.62 -34.57
C ALA A 186 19.80 9.56 -33.31
N TYR A 187 18.56 9.16 -33.45
CA TYR A 187 17.70 9.06 -32.25
C TYR A 187 16.60 8.05 -32.41
N ALA A 188 16.11 7.55 -31.28
CA ALA A 188 14.99 6.63 -31.33
C ALA A 188 13.75 7.37 -30.86
N GLN A 189 12.59 6.89 -31.29
CA GLN A 189 11.28 7.40 -30.87
C GLN A 189 10.48 6.23 -30.37
N PHE A 190 10.00 6.32 -29.12
CA PHE A 190 9.19 5.27 -28.52
C PHE A 190 7.75 5.71 -28.44
N ASN A 191 6.85 4.78 -28.69
CA ASN A 191 5.43 5.10 -28.66
C ASN A 191 4.75 4.16 -27.67
N ASP A 192 4.28 4.73 -26.55
CA ASP A 192 3.65 3.94 -25.51
C ASP A 192 2.12 4.06 -25.49
N THR A 193 1.53 4.52 -26.61
CA THR A 193 0.06 4.70 -26.63
C THR A 193 -0.77 3.60 -26.00
N GLU A 194 -0.51 2.36 -26.39
CA GLU A 194 -1.33 1.23 -25.94
C GLU A 194 -0.72 0.42 -24.79
N VAL A 195 0.35 0.94 -24.18
CA VAL A 195 1.02 0.22 -23.08
C VAL A 195 0.18 0.48 -21.83
N PRO A 196 -0.17 -0.56 -21.06
CA PRO A 196 -0.98 -0.32 -19.85
C PRO A 196 -0.19 0.43 -18.80
N LEU A 197 -0.94 1.08 -17.89
CA LEU A 197 -0.32 1.86 -16.83
C LEU A 197 -0.29 1.11 -15.54
N ILE A 198 0.89 1.13 -14.86
CA ILE A 198 0.90 0.68 -13.48
C ILE A 198 0.48 1.94 -12.68
N GLU A 199 -0.40 1.77 -11.68
CA GLU A 199 -0.88 2.88 -10.86
C GLU A 199 -0.61 2.57 -9.40
N TYR A 200 -0.03 3.54 -8.68
CA TYR A 200 0.20 3.35 -7.22
C TYR A 200 0.07 4.67 -6.52
N SER A 201 -0.25 4.63 -5.22
CA SER A 201 -0.37 5.88 -4.47
C SER A 201 0.96 6.45 -4.06
N PHE A 202 1.02 7.78 -3.97
CA PHE A 202 2.20 8.47 -3.47
C PHE A 202 1.66 9.44 -2.44
N TYR A 203 2.13 9.30 -1.19
CA TYR A 203 1.56 10.01 -0.04
C TYR A 203 2.10 11.40 0.17
N SER A 204 3.37 11.60 -0.19
CA SER A 204 4.04 12.91 -0.09
C SER A 204 4.15 13.40 1.36
N ASP A 205 4.46 14.70 1.51
CA ASP A 205 4.59 15.25 2.85
CA ASP A 205 4.56 15.35 2.81
C ASP A 205 3.23 15.20 3.54
N GLU A 206 3.24 15.18 4.89
CA GLU A 206 2.00 15.07 5.66
C GLU A 206 0.97 16.15 5.35
N SER A 207 1.43 17.32 4.84
CA SER A 207 0.50 18.41 4.47
C SER A 207 -0.41 18.04 3.27
N LEU A 208 -0.06 17.00 2.49
CA LEU A 208 -0.88 16.63 1.33
C LEU A 208 -2.13 15.90 1.81
N GLN A 209 -3.29 16.55 1.62
CA GLN A 209 -4.52 15.98 2.17
C GLN A 209 -5.00 14.71 1.46
N TYR A 210 -4.90 14.69 0.13
CA TYR A 210 -5.31 13.50 -0.64
C TYR A 210 -4.07 12.88 -1.30
N PRO A 211 -3.83 11.57 -1.13
CA PRO A 211 -2.69 10.96 -1.85
C PRO A 211 -2.80 11.15 -3.36
N LYS A 212 -1.62 11.21 -4.03
CA LYS A 212 -1.54 11.32 -5.50
C LYS A 212 -1.49 9.88 -6.06
N THR A 213 -2.04 9.66 -7.24
CA THR A 213 -1.89 8.37 -7.90
C THR A 213 -0.86 8.60 -9.00
N VAL A 214 0.23 7.82 -8.96
CA VAL A 214 1.27 7.87 -9.97
C VAL A 214 0.87 6.86 -11.03
N ARG A 215 0.99 7.23 -12.31
CA ARG A 215 0.57 6.34 -13.41
C ARG A 215 1.70 6.28 -14.41
N VAL A 216 2.28 5.09 -14.58
CA VAL A 216 3.45 4.94 -15.46
C VAL A 216 3.19 3.91 -16.55
N PRO A 217 3.46 4.21 -17.83
CA PRO A 217 3.30 3.16 -18.86
C PRO A 217 4.39 2.09 -18.63
N TYR A 218 3.93 0.89 -18.29
CA TYR A 218 4.80 -0.21 -17.88
C TYR A 218 4.21 -1.51 -18.42
N PRO A 219 4.91 -2.17 -19.36
CA PRO A 219 4.38 -3.42 -19.90
C PRO A 219 4.80 -4.60 -19.03
N LYS A 220 3.81 -5.25 -18.39
CA LYS A 220 4.06 -6.47 -17.64
C LYS A 220 4.17 -7.65 -18.63
N ALA A 221 4.63 -8.81 -18.16
CA ALA A 221 4.89 -9.92 -19.06
C ALA A 221 3.65 -10.25 -19.93
N GLY A 222 3.84 -10.29 -21.24
CA GLY A 222 2.77 -10.62 -22.18
C GLY A 222 1.91 -9.46 -22.58
N ALA A 223 2.09 -8.28 -21.94
CA ALA A 223 1.24 -7.10 -22.22
C ALA A 223 1.69 -6.38 -23.49
N VAL A 224 0.90 -5.39 -23.94
CA VAL A 224 1.28 -4.62 -25.11
C VAL A 224 2.56 -3.81 -24.82
N ASN A 225 3.57 -3.97 -25.69
CA ASN A 225 4.83 -3.26 -25.53
C ASN A 225 4.86 -1.92 -26.29
N PRO A 226 5.80 -1.05 -25.94
CA PRO A 226 6.01 0.18 -26.72
C PRO A 226 6.54 -0.21 -28.10
N THR A 227 6.26 0.62 -29.09
CA THR A 227 6.84 0.44 -30.42
C THR A 227 7.96 1.45 -30.58
N VAL A 228 8.87 1.20 -31.54
CA VAL A 228 10.03 2.05 -31.72
C VAL A 228 10.27 2.36 -33.19
N LYS A 229 10.78 3.55 -33.43
CA LYS A 229 11.25 3.98 -34.76
C LYS A 229 12.62 4.59 -34.56
N PHE A 230 13.43 4.62 -35.63
CA PHE A 230 14.78 5.14 -35.56
C PHE A 230 14.97 6.16 -36.66
N PHE A 231 15.64 7.26 -36.32
CA PHE A 231 15.85 8.38 -37.28
C PHE A 231 17.26 8.93 -37.22
N VAL A 232 17.70 9.58 -38.33
CA VAL A 232 18.99 10.22 -38.34
C VAL A 232 18.76 11.61 -38.96
N VAL A 233 19.24 12.65 -38.29
CA VAL A 233 19.15 14.02 -38.82
C VAL A 233 20.55 14.57 -39.08
N ASN A 234 20.73 15.32 -40.20
CA ASN A 234 22.01 15.95 -40.47
C ASN A 234 21.98 17.33 -39.79
N THR A 235 22.82 17.55 -38.79
CA THR A 235 22.86 18.79 -38.02
C THR A 235 23.58 19.91 -38.72
N ASP A 236 24.27 19.60 -39.83
CA ASP A 236 25.03 20.62 -40.57
C ASP A 236 24.20 21.28 -41.65
N SER A 237 22.99 20.79 -41.86
CA SER A 237 22.09 21.31 -42.90
C SER A 237 20.75 21.75 -42.33
N LEU A 238 20.74 22.24 -41.08
CA LEU A 238 19.54 22.72 -40.42
C LEU A 238 19.23 24.14 -40.86
N SER A 239 17.94 24.46 -40.94
CA SER A 239 17.44 25.79 -41.37
C SER A 239 16.57 26.45 -40.31
N SER A 240 16.65 27.79 -40.20
CA SER A 240 15.84 28.58 -39.27
C SER A 240 14.48 28.83 -39.91
N VAL A 241 14.40 28.69 -41.25
CA VAL A 241 13.22 28.90 -42.08
C VAL A 241 12.32 27.66 -42.20
N THR A 242 12.89 26.46 -42.43
CA THR A 242 12.08 25.25 -42.55
C THR A 242 12.35 24.28 -41.40
N ASN A 243 11.41 23.37 -41.17
CA ASN A 243 11.53 22.32 -40.16
C ASN A 243 12.57 21.29 -40.61
N ALA A 244 13.26 20.67 -39.64
CA ALA A 244 14.33 19.69 -39.86
C ALA A 244 13.80 18.41 -40.51
N THR A 245 14.57 17.82 -41.41
CA THR A 245 14.19 16.55 -42.04
C THR A 245 14.95 15.41 -41.33
N SER A 246 14.21 14.51 -40.72
CA SER A 246 14.81 13.33 -40.09
C SER A 246 14.58 12.18 -41.04
N ILE A 247 15.64 11.41 -41.32
CA ILE A 247 15.53 10.25 -42.20
C ILE A 247 15.28 9.04 -41.35
N GLN A 248 14.22 8.30 -41.65
CA GLN A 248 13.93 7.09 -40.90
C GLN A 248 14.73 5.90 -41.43
N ILE A 249 15.23 5.06 -40.50
CA ILE A 249 15.86 3.80 -40.86
C ILE A 249 14.92 2.75 -40.32
N THR A 250 14.26 2.02 -41.20
CA THR A 250 13.29 1.01 -40.77
C THR A 250 13.97 -0.28 -40.35
N ALA A 251 13.33 -0.98 -39.42
CA ALA A 251 13.81 -2.28 -38.97
C ALA A 251 13.74 -3.28 -40.17
N PRO A 252 14.56 -4.34 -40.18
CA PRO A 252 14.43 -5.34 -41.26
C PRO A 252 13.08 -6.08 -41.23
N ALA A 253 12.67 -6.61 -42.38
CA ALA A 253 11.39 -7.34 -42.51
C ALA A 253 11.27 -8.49 -41.54
N SER A 254 12.42 -9.17 -41.22
CA SER A 254 12.43 -10.27 -40.25
C SER A 254 12.06 -9.81 -38.83
N MET A 255 12.13 -8.51 -38.56
CA MET A 255 11.73 -7.91 -37.27
C MET A 255 10.34 -7.33 -37.39
N LEU A 256 10.02 -6.66 -38.52
CA LEU A 256 8.70 -6.01 -38.68
C LEU A 256 7.52 -6.97 -38.66
N ILE A 257 7.77 -8.24 -38.91
CA ILE A 257 6.75 -9.29 -38.91
C ILE A 257 6.00 -9.44 -37.56
N GLY A 258 6.61 -8.97 -36.47
CA GLY A 258 6.01 -9.11 -35.15
C GLY A 258 6.61 -8.12 -34.18
N ASP A 259 6.35 -8.31 -32.87
CA ASP A 259 6.93 -7.38 -31.92
C ASP A 259 8.44 -7.53 -31.88
N HIS A 260 9.11 -6.40 -31.67
CA HIS A 260 10.57 -6.37 -31.62
C HIS A 260 11.05 -5.18 -30.80
N TYR A 261 12.37 -5.12 -30.62
CA TYR A 261 13.02 -4.03 -29.89
C TYR A 261 14.20 -3.54 -30.68
N LEU A 262 14.56 -2.28 -30.48
CA LEU A 262 15.85 -1.75 -30.91
C LEU A 262 16.76 -1.98 -29.69
N CYS A 263 17.85 -2.73 -29.85
CA CYS A 263 18.68 -3.05 -28.69
C CYS A 263 20.09 -2.49 -28.66
N ASP A 264 20.63 -2.01 -29.81
CA ASP A 264 21.95 -1.39 -29.76
C ASP A 264 22.05 -0.41 -30.91
N VAL A 265 22.70 0.70 -30.66
CA VAL A 265 23.04 1.69 -31.68
C VAL A 265 24.51 1.99 -31.59
N THR A 266 25.28 1.73 -32.67
CA THR A 266 26.72 2.00 -32.62
C THR A 266 27.19 2.61 -33.92
N TRP A 267 27.71 3.85 -33.89
CA TRP A 267 28.28 4.45 -35.09
C TRP A 267 29.59 3.72 -35.43
N ALA A 268 29.77 3.42 -36.72
CA ALA A 268 30.97 2.71 -37.21
C ALA A 268 31.94 3.73 -37.79
N THR A 269 31.43 4.69 -38.56
CA THR A 269 32.26 5.76 -39.17
C THR A 269 31.43 7.02 -39.21
N GLN A 270 31.97 8.08 -39.86
CA GLN A 270 31.20 9.30 -40.02
C GLN A 270 29.93 9.10 -40.83
N GLU A 271 29.88 8.03 -41.68
CA GLU A 271 28.76 7.81 -42.59
C GLU A 271 28.18 6.40 -42.51
N ARG A 272 28.46 5.69 -41.40
CA ARG A 272 27.97 4.32 -41.32
C ARG A 272 27.56 4.08 -39.89
N ILE A 273 26.33 3.59 -39.72
CA ILE A 273 25.80 3.29 -38.40
C ILE A 273 25.32 1.85 -38.35
N SER A 274 25.52 1.19 -37.19
CA SER A 274 25.03 -0.16 -37.00
CA SER A 274 25.08 -0.17 -36.96
C SER A 274 23.90 -0.14 -35.99
N LEU A 275 22.89 -0.93 -36.25
CA LEU A 275 21.71 -1.02 -35.38
C LEU A 275 21.49 -2.48 -35.14
N GLN A 276 21.21 -2.86 -33.88
CA GLN A 276 20.84 -4.22 -33.58
C GLN A 276 19.40 -4.23 -33.14
N TRP A 277 18.65 -5.18 -33.66
CA TRP A 277 17.23 -5.35 -33.41
C TRP A 277 17.05 -6.73 -32.81
N LEU A 278 16.09 -6.86 -31.90
CA LEU A 278 15.85 -8.14 -31.23
C LEU A 278 14.38 -8.47 -31.28
N ARG A 279 14.04 -9.72 -31.61
CA ARG A 279 12.63 -10.12 -31.61
C ARG A 279 12.10 -10.15 -30.16
N ARG A 280 10.81 -9.92 -29.98
CA ARG A 280 10.21 -10.00 -28.65
C ARG A 280 10.48 -11.39 -28.03
N ILE A 281 10.53 -12.46 -28.88
CA ILE A 281 11.03 -13.77 -28.45
C ILE A 281 12.54 -13.61 -28.67
N GLN A 282 13.24 -13.34 -27.58
CA GLN A 282 14.63 -12.86 -27.58
C GLN A 282 15.74 -13.86 -27.89
N ASN A 283 15.48 -14.77 -28.82
CA ASN A 283 16.53 -15.69 -29.23
C ASN A 283 16.92 -15.47 -30.69
N TYR A 284 16.55 -14.31 -31.27
CA TYR A 284 16.87 -13.98 -32.66
C TYR A 284 17.10 -12.50 -32.73
N SER A 285 18.29 -12.11 -33.24
CA SER A 285 18.67 -10.71 -33.33
CA SER A 285 18.63 -10.70 -33.35
C SER A 285 19.28 -10.46 -34.70
N VAL A 286 19.12 -9.26 -35.21
CA VAL A 286 19.65 -8.86 -36.52
C VAL A 286 20.39 -7.55 -36.37
N MET A 287 21.61 -7.50 -36.96
CA MET A 287 22.40 -6.27 -36.97
C MET A 287 22.38 -5.74 -38.39
N ASP A 288 21.94 -4.50 -38.58
CA ASP A 288 21.97 -3.87 -39.91
C ASP A 288 23.10 -2.88 -39.88
N ILE A 289 23.83 -2.75 -40.99
CA ILE A 289 24.93 -1.79 -41.10
C ILE A 289 24.50 -0.90 -42.22
N CYS A 290 24.22 0.36 -41.88
CA CYS A 290 23.59 1.36 -42.72
C CYS A 290 24.51 2.46 -43.16
N ASP A 291 24.56 2.72 -44.48
CA ASP A 291 25.45 3.73 -45.03
C ASP A 291 24.71 4.91 -45.60
N TYR A 292 25.23 6.10 -45.35
CA TYR A 292 24.65 7.33 -45.88
C TYR A 292 24.91 7.38 -47.39
N ASP A 293 23.86 7.75 -48.15
CA ASP A 293 23.95 7.90 -49.61
C ASP A 293 23.90 9.42 -49.89
N GLU A 294 25.06 10.01 -50.20
CA GLU A 294 25.25 11.44 -50.46
C GLU A 294 24.35 11.98 -51.59
N SER A 295 24.03 11.13 -52.58
CA SER A 295 23.22 11.48 -53.76
C SER A 295 21.72 11.57 -53.48
N SER A 296 21.21 10.81 -52.50
CA SER A 296 19.79 10.80 -52.16
C SER A 296 19.48 11.39 -50.78
N GLY A 297 20.53 11.51 -49.94
CA GLY A 297 20.39 11.98 -48.56
C GLY A 297 19.79 10.91 -47.66
N ARG A 298 19.65 9.69 -48.18
CA ARG A 298 19.06 8.57 -47.44
C ARG A 298 20.10 7.63 -46.84
N TRP A 299 19.63 6.73 -45.96
CA TRP A 299 20.45 5.74 -45.30
C TRP A 299 20.02 4.39 -45.77
N ASN A 300 20.94 3.61 -46.33
CA ASN A 300 20.61 2.29 -46.85
C ASN A 300 21.34 1.18 -46.09
N CYS A 301 20.61 0.14 -45.69
CA CYS A 301 21.20 -1.02 -44.99
C CYS A 301 21.16 -2.20 -45.97
N LEU A 302 22.30 -2.53 -46.57
CA LEU A 302 22.39 -3.63 -47.52
C LEU A 302 22.30 -4.97 -46.81
N VAL A 303 21.54 -5.96 -47.37
CA VAL A 303 21.49 -7.31 -46.79
C VAL A 303 22.90 -7.97 -46.78
N ALA A 304 23.78 -7.56 -47.73
CA ALA A 304 25.14 -8.09 -47.78
C ALA A 304 25.92 -7.77 -46.50
N ARG A 305 25.44 -6.78 -45.70
CA ARG A 305 26.14 -6.37 -44.47
C ARG A 305 25.28 -6.62 -43.23
N GLN A 306 24.23 -7.41 -43.37
CA GLN A 306 23.32 -7.71 -42.27
C GLN A 306 23.78 -8.99 -41.58
N HIS A 307 23.79 -8.99 -40.23
CA HIS A 307 24.30 -10.14 -39.48
C HIS A 307 23.26 -10.67 -38.54
N ILE A 308 23.11 -11.98 -38.50
CA ILE A 308 22.12 -12.62 -37.64
C ILE A 308 22.79 -13.28 -36.46
N GLU A 309 22.13 -13.19 -35.30
CA GLU A 309 22.61 -13.86 -34.10
CA GLU A 309 22.61 -13.89 -34.12
C GLU A 309 21.41 -14.59 -33.52
N MET A 310 21.55 -15.86 -33.25
CA MET A 310 20.45 -16.61 -32.69
C MET A 310 20.93 -17.59 -31.65
N SER A 311 20.05 -17.92 -30.71
CA SER A 311 20.43 -18.86 -29.67
C SER A 311 19.48 -20.03 -29.71
N THR A 312 20.04 -21.25 -29.68
CA THR A 312 19.16 -22.42 -29.68
C THR A 312 18.90 -22.94 -28.25
N THR A 313 19.70 -22.49 -27.27
CA THR A 313 19.58 -22.97 -25.88
C THR A 313 19.01 -21.93 -24.92
N GLY A 314 18.94 -20.69 -25.36
CA GLY A 314 18.44 -19.63 -24.50
C GLY A 314 18.14 -18.36 -25.26
N TRP A 315 18.52 -17.24 -24.69
CA TRP A 315 18.30 -15.93 -25.24
C TRP A 315 19.62 -15.44 -25.87
N VAL A 316 19.58 -14.28 -26.55
CA VAL A 316 20.82 -13.74 -27.16
C VAL A 316 21.51 -12.76 -26.23
N GLY A 317 22.79 -13.00 -25.96
CA GLY A 317 23.58 -12.11 -25.13
C GLY A 317 23.44 -12.40 -23.65
N ARG A 318 24.25 -11.72 -22.80
CA ARG A 318 24.09 -11.96 -21.37
C ARG A 318 22.74 -11.37 -20.91
N PHE A 319 22.53 -10.07 -21.23
CA PHE A 319 21.25 -9.39 -20.97
C PHE A 319 20.68 -8.83 -22.26
N ARG A 320 21.49 -8.80 -23.32
CA ARG A 320 21.09 -8.31 -24.63
C ARG A 320 22.23 -8.62 -25.60
N PRO A 321 21.98 -8.58 -26.92
CA PRO A 321 23.08 -8.78 -27.88
C PRO A 321 24.24 -7.81 -27.57
N SER A 322 25.45 -8.34 -27.73
CA SER A 322 26.64 -7.58 -27.41
C SER A 322 26.93 -6.44 -28.35
N GLU A 323 27.73 -5.49 -27.87
CA GLU A 323 28.07 -4.32 -28.68
C GLU A 323 29.20 -4.62 -29.67
N PRO A 324 29.09 -4.14 -30.92
CA PRO A 324 30.21 -4.32 -31.86
C PRO A 324 31.24 -3.21 -31.65
N HIS A 325 32.49 -3.55 -31.91
CA HIS A 325 33.59 -2.57 -31.82
C HIS A 325 34.22 -2.53 -33.20
N PHE A 326 33.94 -1.45 -33.91
CA PHE A 326 34.42 -1.31 -35.29
C PHE A 326 35.82 -0.79 -35.42
N THR A 327 36.52 -1.29 -36.45
CA THR A 327 37.83 -0.74 -36.78
C THR A 327 37.59 0.68 -37.30
N LEU A 328 38.65 1.51 -37.34
CA LEU A 328 38.55 2.91 -37.77
C LEU A 328 37.87 3.05 -39.15
N ASP A 329 38.21 2.17 -40.09
CA ASP A 329 37.62 2.23 -41.44
C ASP A 329 36.20 1.70 -41.53
N GLY A 330 35.71 1.12 -40.43
CA GLY A 330 34.35 0.60 -40.36
C GLY A 330 34.07 -0.63 -41.20
N ASN A 331 35.13 -1.31 -41.71
CA ASN A 331 34.96 -2.48 -42.55
C ASN A 331 34.99 -3.81 -41.83
N SER A 332 35.33 -3.77 -40.54
CA SER A 332 35.34 -4.99 -39.74
C SER A 332 35.00 -4.60 -38.32
N PHE A 333 34.64 -5.59 -37.53
CA PHE A 333 34.30 -5.31 -36.13
C PHE A 333 34.51 -6.54 -35.30
N TYR A 334 34.63 -6.32 -33.99
CA TYR A 334 34.83 -7.40 -33.01
C TYR A 334 33.65 -7.36 -32.04
N LYS A 335 33.21 -8.55 -31.65
CA LYS A 335 32.01 -8.63 -30.81
C LYS A 335 32.11 -9.88 -29.99
N ILE A 336 31.60 -9.85 -28.76
CA ILE A 336 31.58 -11.07 -27.96
C ILE A 336 30.39 -11.92 -28.39
N ILE A 337 30.65 -13.21 -28.64
CA ILE A 337 29.65 -14.18 -29.10
C ILE A 337 29.87 -15.47 -28.33
N SER A 338 28.76 -16.19 -28.05
CA SER A 338 28.87 -17.49 -27.40
C SER A 338 29.36 -18.51 -28.47
N ASN A 339 30.45 -19.18 -28.19
CA ASN A 339 31.03 -20.14 -29.16
C ASN A 339 30.27 -21.47 -29.15
N GLU A 340 30.76 -22.46 -29.95
CA GLU A 340 30.14 -23.80 -30.04
C GLU A 340 30.04 -24.57 -28.72
N GLU A 341 30.95 -24.31 -27.74
CA GLU A 341 30.95 -24.94 -26.42
C GLU A 341 30.11 -24.09 -25.39
N GLY A 342 29.55 -22.97 -25.85
CA GLY A 342 28.73 -22.11 -25.00
C GLY A 342 29.52 -21.10 -24.18
N TYR A 343 30.80 -20.85 -24.53
CA TYR A 343 31.61 -19.85 -23.83
C TYR A 343 31.71 -18.61 -24.65
N ARG A 344 31.50 -17.47 -24.01
CA ARG A 344 31.51 -16.17 -24.68
C ARG A 344 32.92 -15.68 -24.91
N HIS A 345 33.24 -15.51 -26.21
CA HIS A 345 34.59 -15.16 -26.67
C HIS A 345 34.53 -14.10 -27.73
N ILE A 346 35.67 -13.49 -28.04
CA ILE A 346 35.63 -12.41 -29.03
C ILE A 346 35.66 -13.00 -30.44
N CYS A 347 34.75 -12.52 -31.28
CA CYS A 347 34.69 -12.94 -32.70
C CYS A 347 35.08 -11.76 -33.57
N TYR A 348 35.78 -12.01 -34.68
CA TYR A 348 36.15 -10.96 -35.62
C TYR A 348 35.30 -11.16 -36.89
N PHE A 349 34.63 -10.09 -37.28
CA PHE A 349 33.75 -10.06 -38.44
C PHE A 349 34.22 -9.08 -39.49
N GLN A 350 34.10 -9.45 -40.78
CA GLN A 350 34.28 -8.46 -41.85
C GLN A 350 32.82 -8.11 -42.18
N ILE A 351 32.52 -6.86 -42.47
CA ILE A 351 31.14 -6.40 -42.59
C ILE A 351 30.32 -7.14 -43.61
N ASP A 352 30.97 -7.63 -44.67
CA ASP A 352 30.23 -8.35 -45.72
C ASP A 352 30.45 -9.85 -45.73
N LYS A 353 30.95 -10.42 -44.61
CA LYS A 353 31.18 -11.85 -44.49
C LYS A 353 30.42 -12.32 -43.26
N LYS A 354 29.60 -13.36 -43.42
CA LYS A 354 28.72 -13.82 -42.36
C LYS A 354 29.29 -14.75 -41.32
N ASP A 355 30.35 -15.46 -41.66
CA ASP A 355 30.96 -16.33 -40.66
C ASP A 355 32.07 -15.54 -39.98
N CYS A 356 32.02 -15.43 -38.65
CA CYS A 356 33.07 -14.72 -37.93
C CYS A 356 34.14 -15.70 -37.55
N THR A 357 35.29 -15.16 -37.16
CA THR A 357 36.39 -15.97 -36.68
C THR A 357 36.60 -15.69 -35.20
N PHE A 358 36.60 -16.73 -34.37
CA PHE A 358 36.89 -16.57 -32.95
C PHE A 358 38.38 -16.29 -32.75
N ILE A 359 38.68 -15.23 -31.97
CA ILE A 359 40.07 -14.86 -31.71
C ILE A 359 40.53 -15.28 -30.32
N THR A 360 39.58 -15.64 -29.43
CA THR A 360 39.88 -16.18 -28.11
C THR A 360 39.07 -17.47 -27.96
N LYS A 361 39.52 -18.36 -27.09
CA LYS A 361 38.82 -19.61 -26.81
C LYS A 361 39.27 -20.14 -25.47
N GLY A 362 38.50 -21.06 -24.94
CA GLY A 362 38.81 -21.65 -23.65
C GLY A 362 37.61 -21.77 -22.75
N THR A 363 37.80 -22.47 -21.62
CA THR A 363 36.70 -22.67 -20.68
C THR A 363 36.71 -21.54 -19.65
N TRP A 364 36.44 -20.35 -20.15
CA TRP A 364 36.42 -19.09 -19.40
C TRP A 364 35.74 -18.12 -20.35
N GLU A 365 35.44 -16.90 -19.88
CA GLU A 365 34.73 -16.00 -20.77
C GLU A 365 35.33 -14.60 -20.81
N VAL A 366 35.15 -13.98 -21.95
CA VAL A 366 35.48 -12.58 -22.13
C VAL A 366 34.29 -11.80 -21.52
N ILE A 367 34.61 -10.86 -20.64
CA ILE A 367 33.61 -10.01 -19.95
C ILE A 367 33.24 -8.78 -20.78
N GLY A 368 34.25 -8.12 -21.34
CA GLY A 368 34.02 -6.96 -22.18
C GLY A 368 35.21 -6.60 -23.02
N ILE A 369 34.95 -5.97 -24.17
CA ILE A 369 35.98 -5.42 -25.03
C ILE A 369 36.11 -3.98 -24.57
N GLU A 370 37.34 -3.58 -24.20
CA GLU A 370 37.64 -2.30 -23.57
C GLU A 370 38.24 -1.25 -24.47
N ALA A 371 39.01 -1.68 -25.47
CA ALA A 371 39.61 -0.70 -26.41
C ALA A 371 40.04 -1.45 -27.64
N LEU A 372 39.96 -0.78 -28.76
CA LEU A 372 40.40 -1.37 -30.01
C LEU A 372 41.30 -0.35 -30.67
N THR A 373 42.58 -0.70 -30.82
CA THR A 373 43.55 0.24 -31.43
C THR A 373 43.90 -0.26 -32.82
N SER A 374 44.92 0.35 -33.47
CA SER A 374 45.31 -0.15 -34.79
C SER A 374 45.98 -1.50 -34.75
N ASP A 375 46.63 -1.83 -33.61
CA ASP A 375 47.43 -3.04 -33.46
C ASP A 375 46.93 -4.07 -32.44
N TYR A 376 46.18 -3.61 -31.41
CA TYR A 376 45.74 -4.52 -30.34
C TYR A 376 44.28 -4.34 -29.98
N LEU A 377 43.68 -5.40 -29.48
CA LEU A 377 42.33 -5.32 -28.89
C LEU A 377 42.56 -5.60 -27.39
N TYR A 378 41.98 -4.76 -26.52
CA TYR A 378 42.15 -4.87 -25.06
C TYR A 378 40.82 -5.35 -24.51
N TYR A 379 40.87 -6.36 -23.63
CA TYR A 379 39.62 -6.92 -23.12
C TYR A 379 39.79 -7.38 -21.69
N ILE A 380 38.65 -7.54 -20.98
CA ILE A 380 38.67 -8.07 -19.63
C ILE A 380 38.13 -9.48 -19.69
N SER A 381 38.77 -10.41 -18.97
CA SER A 381 38.23 -11.77 -18.92
C SER A 381 38.43 -12.37 -17.54
N ASN A 382 37.85 -13.55 -17.32
CA ASN A 382 38.09 -14.25 -16.05
C ASN A 382 38.95 -15.50 -16.32
N GLU A 383 39.86 -15.39 -17.31
CA GLU A 383 40.73 -16.53 -17.61
C GLU A 383 41.68 -16.89 -16.45
N TYR A 384 42.18 -15.88 -15.76
CA TYR A 384 43.28 -16.09 -14.80
C TYR A 384 42.96 -17.07 -13.69
N LYS A 385 43.81 -18.12 -13.58
CA LYS A 385 43.64 -19.16 -12.54
C LYS A 385 42.30 -19.89 -12.62
N GLY A 386 41.61 -19.78 -13.76
CA GLY A 386 40.31 -20.40 -13.97
C GLY A 386 39.30 -19.98 -12.91
N MET A 387 39.42 -18.73 -12.44
CA MET A 387 38.52 -18.20 -11.39
C MET A 387 37.46 -17.33 -12.05
N PRO A 388 36.20 -17.79 -12.11
CA PRO A 388 35.16 -16.99 -12.82
C PRO A 388 34.84 -15.65 -12.18
N GLY A 389 35.17 -15.54 -10.89
CA GLY A 389 34.94 -14.37 -10.09
C GLY A 389 36.09 -13.39 -10.01
N GLY A 390 37.12 -13.62 -10.84
CA GLY A 390 38.21 -12.66 -10.98
C GLY A 390 38.08 -11.93 -12.31
N ARG A 391 38.79 -10.81 -12.44
CA ARG A 391 38.73 -10.03 -13.69
C ARG A 391 40.12 -9.47 -13.94
N ASN A 392 40.65 -9.67 -15.16
CA ASN A 392 41.95 -9.08 -15.48
C ASN A 392 41.91 -8.55 -16.91
N LEU A 393 42.77 -7.57 -17.17
CA LEU A 393 42.92 -6.95 -18.48
C LEU A 393 43.96 -7.70 -19.31
N TYR A 394 43.62 -7.93 -20.58
CA TYR A 394 44.51 -8.60 -21.54
C TYR A 394 44.56 -7.80 -22.80
N LYS A 395 45.59 -8.03 -23.60
CA LYS A 395 45.57 -7.49 -24.95
C LYS A 395 45.89 -8.61 -25.93
N ILE A 396 45.38 -8.49 -27.14
CA ILE A 396 45.59 -9.47 -28.18
C ILE A 396 45.97 -8.76 -29.46
N GLN A 397 47.02 -9.28 -30.13
CA GLN A 397 47.48 -8.65 -31.37
C GLN A 397 46.49 -9.00 -32.51
N LEU A 398 46.01 -7.98 -33.23
CA LEU A 398 45.00 -8.17 -34.27
C LEU A 398 45.49 -9.05 -35.41
N ILE A 399 46.82 -9.05 -35.70
CA ILE A 399 47.34 -9.89 -36.79
C ILE A 399 47.76 -11.28 -36.35
N ASP A 400 47.73 -11.56 -35.03
CA ASP A 400 48.20 -12.85 -34.55
C ASP A 400 47.58 -13.14 -33.20
N TYR A 401 46.53 -13.96 -33.25
CA TYR A 401 45.75 -14.28 -32.05
C TYR A 401 46.49 -15.04 -30.97
N THR A 402 47.68 -15.54 -31.29
CA THR A 402 48.48 -16.24 -30.28
C THR A 402 49.23 -15.23 -29.42
N LYS A 403 49.36 -13.96 -29.89
CA LYS A 403 50.11 -12.95 -29.16
C LYS A 403 49.18 -12.26 -28.16
N VAL A 404 48.97 -12.93 -27.03
CA VAL A 404 48.14 -12.43 -25.93
C VAL A 404 49.05 -12.09 -24.78
N THR A 405 48.79 -10.96 -24.11
CA THR A 405 49.54 -10.60 -22.92
C THR A 405 48.51 -10.31 -21.80
N CYS A 406 48.72 -10.86 -20.60
CA CYS A 406 47.87 -10.45 -19.49
C CYS A 406 48.49 -9.19 -18.93
N LEU A 407 47.74 -8.09 -18.92
CA LEU A 407 48.26 -6.81 -18.47
C LEU A 407 48.14 -6.55 -16.98
N SER A 408 47.25 -7.26 -16.29
CA SER A 408 47.08 -6.96 -14.88
C SER A 408 47.28 -8.13 -13.95
N CYS A 409 47.26 -9.38 -14.45
CA CYS A 409 47.30 -10.61 -13.63
C CYS A 409 48.38 -10.60 -12.55
N GLU A 410 49.61 -10.23 -12.96
CA GLU A 410 50.78 -10.37 -12.11
C GLU A 410 51.27 -9.10 -11.45
N LEU A 411 50.54 -7.98 -11.60
CA LEU A 411 50.94 -6.73 -10.97
C LEU A 411 51.00 -6.78 -9.43
N ASN A 412 49.94 -7.29 -8.79
CA ASN A 412 49.85 -7.35 -7.32
C ASN A 412 48.93 -8.57 -7.09
N PRO A 413 49.37 -9.82 -7.36
CA PRO A 413 48.44 -10.95 -7.38
C PRO A 413 47.70 -11.31 -6.12
N GLU A 414 48.24 -10.99 -4.97
CA GLU A 414 47.53 -11.29 -3.70
C GLU A 414 46.51 -10.19 -3.36
N ARG A 415 46.81 -8.93 -3.73
CA ARG A 415 45.90 -7.84 -3.40
C ARG A 415 44.82 -7.64 -4.48
N CYS A 416 45.21 -7.88 -5.74
CA CYS A 416 44.42 -7.47 -6.90
C CYS A 416 44.10 -8.60 -7.86
N GLN A 417 42.81 -9.00 -7.89
CA GLN A 417 42.35 -10.05 -8.76
C GLN A 417 41.08 -9.62 -9.49
N TYR A 418 40.64 -8.36 -9.33
CA TYR A 418 39.40 -7.88 -9.98
C TYR A 418 39.66 -6.49 -10.46
N TYR A 419 39.88 -6.37 -11.76
CA TYR A 419 40.18 -5.08 -12.35
C TYR A 419 39.12 -4.59 -13.32
N SER A 420 39.03 -3.27 -13.44
CA SER A 420 38.35 -2.58 -14.54
C SER A 420 39.39 -1.59 -15.07
N VAL A 421 39.10 -0.95 -16.20
CA VAL A 421 40.10 -0.07 -16.81
C VAL A 421 39.46 1.13 -17.45
N SER A 422 40.23 2.21 -17.54
CA SER A 422 39.83 3.42 -18.25
C SER A 422 40.97 3.87 -19.15
N PHE A 423 40.78 3.76 -20.48
CA PHE A 423 41.83 4.15 -21.45
C PHE A 423 41.72 5.60 -21.86
N SER A 424 42.85 6.22 -22.20
CA SER A 424 42.92 7.57 -22.76
C SER A 424 42.27 7.57 -24.16
N LYS A 425 42.12 8.77 -24.78
CA LYS A 425 41.35 8.88 -26.04
C LYS A 425 41.75 7.94 -27.15
N GLU A 426 43.04 7.71 -27.32
CA GLU A 426 43.53 6.77 -28.32
C GLU A 426 44.31 5.67 -27.67
N ALA A 427 44.01 5.44 -26.39
CA ALA A 427 44.57 4.33 -25.63
C ALA A 427 46.10 4.32 -25.44
N LYS A 428 46.80 5.48 -25.51
CA LYS A 428 48.23 5.46 -25.18
C LYS A 428 48.41 5.17 -23.67
N TYR A 429 47.42 5.55 -22.85
CA TYR A 429 47.52 5.29 -21.41
C TYR A 429 46.28 4.59 -20.90
N TYR A 430 46.41 3.95 -19.73
CA TYR A 430 45.22 3.40 -19.09
C TYR A 430 45.36 3.47 -17.59
N GLN A 431 44.22 3.69 -16.94
CA GLN A 431 44.14 3.65 -15.49
C GLN A 431 43.59 2.25 -15.15
N LEU A 432 44.28 1.52 -14.28
CA LEU A 432 43.75 0.23 -13.81
C LEU A 432 43.10 0.49 -12.47
N ARG A 433 41.93 -0.15 -12.23
CA ARG A 433 41.17 0.04 -11.01
C ARG A 433 40.98 -1.34 -10.44
N CYS A 434 41.73 -1.66 -9.41
CA CYS A 434 41.70 -2.98 -8.74
C CYS A 434 40.67 -2.80 -7.62
N SER A 435 39.64 -3.65 -7.60
CA SER A 435 38.60 -3.55 -6.55
CA SER A 435 38.57 -3.57 -6.58
C SER A 435 38.64 -4.65 -5.51
N GLY A 436 39.65 -5.51 -5.56
CA GLY A 436 39.78 -6.55 -4.55
C GLY A 436 40.67 -7.68 -4.98
N PRO A 437 41.01 -8.63 -4.08
CA PRO A 437 40.43 -8.81 -2.73
C PRO A 437 40.95 -7.92 -1.62
N GLY A 438 42.08 -7.27 -1.90
CA GLY A 438 42.61 -6.32 -0.94
C GLY A 438 41.96 -4.97 -1.12
N LEU A 439 42.54 -3.94 -0.46
CA LEU A 439 41.96 -2.63 -0.58
C LEU A 439 42.10 -2.11 -2.02
N PRO A 440 41.06 -1.45 -2.54
CA PRO A 440 41.13 -0.95 -3.93
C PRO A 440 42.39 -0.13 -4.21
N LEU A 441 42.95 -0.32 -5.41
CA LEU A 441 44.21 0.31 -5.81
C LEU A 441 44.04 0.83 -7.23
N TYR A 442 44.39 2.09 -7.44
CA TYR A 442 44.22 2.79 -8.74
C TYR A 442 45.61 3.16 -9.22
N THR A 443 45.98 2.69 -10.41
CA THR A 443 47.32 2.91 -10.95
C THR A 443 47.22 3.38 -12.39
N LEU A 444 48.29 4.02 -12.90
CA LEU A 444 48.32 4.56 -14.25
C LEU A 444 49.45 3.89 -14.99
N HIS A 445 49.19 3.54 -16.26
CA HIS A 445 50.10 2.77 -17.08
C HIS A 445 50.17 3.34 -18.46
N SER A 446 51.30 3.05 -19.13
CA SER A 446 51.47 3.42 -20.53
C SER A 446 51.30 2.16 -21.38
N SER A 447 50.48 2.21 -22.43
CA SER A 447 50.27 1.06 -23.29
CA SER A 447 50.24 1.11 -23.36
C SER A 447 51.42 0.87 -24.29
N VAL A 448 52.37 1.83 -24.35
CA VAL A 448 53.51 1.68 -25.28
C VAL A 448 54.20 0.32 -25.06
N ASN A 449 54.54 -0.01 -23.82
CA ASN A 449 55.08 -1.33 -23.52
C ASN A 449 54.51 -1.83 -22.19
N ASP A 450 53.29 -1.34 -21.82
CA ASP A 450 52.57 -1.80 -20.62
C ASP A 450 53.41 -1.65 -19.33
N LYS A 451 53.99 -0.47 -19.17
CA LYS A 451 54.80 -0.15 -18.02
C LYS A 451 54.00 0.70 -17.06
N GLY A 452 54.18 0.44 -15.76
CA GLY A 452 53.51 1.23 -14.75
C GLY A 452 54.14 2.60 -14.66
N LEU A 453 53.30 3.61 -14.53
CA LEU A 453 53.77 5.00 -14.36
C LEU A 453 53.77 5.40 -12.91
N ARG A 454 52.61 5.29 -12.24
CA ARG A 454 52.54 5.66 -10.85
C ARG A 454 51.26 5.15 -10.22
N VAL A 455 51.29 5.08 -8.89
CA VAL A 455 50.11 4.77 -8.08
C VAL A 455 49.33 6.09 -7.94
N LEU A 456 48.03 6.03 -8.23
CA LEU A 456 47.18 7.20 -8.12
C LEU A 456 46.50 7.26 -6.75
N GLU A 457 46.02 6.11 -6.24
CA GLU A 457 45.32 6.04 -4.95
C GLU A 457 45.48 4.64 -4.44
N ASP A 458 46.03 4.47 -3.21
CA ASP A 458 46.27 3.13 -2.68
C ASP A 458 45.49 2.83 -1.42
N ASN A 459 44.60 3.76 -1.03
CA ASN A 459 43.76 3.58 0.16
C ASN A 459 44.59 3.37 1.43
N SER A 460 45.78 3.99 1.47
CA SER A 460 46.63 3.87 2.68
C SER A 460 45.91 4.49 3.91
N ALA A 461 45.10 5.55 3.74
CA ALA A 461 44.38 6.21 4.86
C ALA A 461 43.40 5.21 5.46
N LEU A 462 42.63 4.50 4.60
CA LEU A 462 41.69 3.50 5.08
C LEU A 462 42.43 2.33 5.73
N ASP A 463 43.55 1.90 5.13
CA ASP A 463 44.35 0.81 5.70
C ASP A 463 44.78 1.15 7.15
N LYS A 464 45.19 2.41 7.39
CA LYS A 464 45.62 2.85 8.73
C LYS A 464 44.44 2.82 9.71
N MET A 465 43.24 3.26 9.28
CA MET A 465 42.04 3.21 10.14
C MET A 465 41.64 1.77 10.43
N LEU A 466 41.72 0.89 9.44
CA LEU A 466 41.31 -0.50 9.63
C LEU A 466 42.25 -1.37 10.46
N GLN A 467 43.52 -0.95 10.67
CA GLN A 467 44.45 -1.75 11.47
C GLN A 467 43.97 -1.88 12.92
N ASN A 468 43.16 -0.92 13.38
CA ASN A 468 42.58 -0.83 14.72
C ASN A 468 41.20 -1.54 14.82
N VAL A 469 40.74 -2.16 13.72
CA VAL A 469 39.41 -2.80 13.68
C VAL A 469 39.54 -4.30 13.43
N GLN A 470 38.68 -5.11 14.12
CA GLN A 470 38.64 -6.55 13.91
C GLN A 470 37.80 -6.78 12.66
N MET A 471 38.44 -6.83 11.52
CA MET A 471 37.75 -6.97 10.25
C MET A 471 37.53 -8.40 9.88
N PRO A 472 36.44 -8.68 9.13
CA PRO A 472 36.22 -10.05 8.68
C PRO A 472 37.14 -10.39 7.51
N SER A 473 37.21 -11.65 7.14
CA SER A 473 37.98 -12.07 5.98
C SER A 473 37.02 -12.67 4.95
N LYS A 474 37.50 -12.87 3.74
CA LYS A 474 36.69 -13.44 2.70
C LYS A 474 37.35 -14.62 2.12
N LYS A 475 36.61 -15.72 2.05
CA LYS A 475 37.06 -16.97 1.46
C LYS A 475 36.28 -17.16 0.17
N LEU A 476 36.98 -17.51 -0.92
CA LEU A 476 36.40 -17.82 -2.21
C LEU A 476 36.82 -19.23 -2.60
N ASP A 477 35.86 -20.12 -2.75
CA ASP A 477 36.16 -21.51 -3.12
C ASP A 477 35.02 -22.12 -3.89
N PHE A 478 35.07 -23.42 -4.12
CA PHE A 478 34.00 -24.05 -4.88
C PHE A 478 33.68 -25.41 -4.30
N ILE A 479 32.51 -25.91 -4.67
CA ILE A 479 32.08 -27.27 -4.37
C ILE A 479 31.85 -27.93 -5.72
N ILE A 480 31.90 -29.26 -5.74
CA ILE A 480 31.71 -29.98 -6.97
C ILE A 480 30.38 -30.67 -6.88
N LEU A 481 29.52 -30.44 -7.88
CA LEU A 481 28.24 -31.13 -7.98
C LEU A 481 28.14 -31.60 -9.41
N ASN A 482 27.89 -32.92 -9.63
CA ASN A 482 27.80 -33.46 -10.99
C ASN A 482 29.02 -33.14 -11.83
N GLU A 483 30.22 -33.22 -11.23
CA GLU A 483 31.50 -32.99 -11.92
C GLU A 483 31.67 -31.54 -12.42
N THR A 484 30.87 -30.61 -11.86
CA THR A 484 30.94 -29.19 -12.21
C THR A 484 31.30 -28.42 -10.97
N LYS A 485 32.17 -27.41 -11.10
CA LYS A 485 32.49 -26.56 -9.97
C LYS A 485 31.40 -25.51 -9.86
N PHE A 486 30.95 -25.29 -8.63
CA PHE A 486 30.04 -24.19 -8.32
C PHE A 486 30.70 -23.38 -7.22
N TRP A 487 30.94 -22.10 -7.51
CA TRP A 487 31.67 -21.22 -6.61
C TRP A 487 30.85 -20.60 -5.53
N TYR A 488 31.49 -20.39 -4.39
CA TYR A 488 30.86 -19.69 -3.29
C TYR A 488 31.85 -18.76 -2.62
N GLN A 489 31.33 -17.82 -1.85
CA GLN A 489 32.19 -17.00 -1.02
C GLN A 489 31.62 -17.00 0.38
N MET A 490 32.49 -16.78 1.35
CA MET A 490 32.04 -16.63 2.72
C MET A 490 32.74 -15.44 3.30
N ILE A 491 31.98 -14.56 3.96
CA ILE A 491 32.52 -13.42 4.71
C ILE A 491 32.63 -14.04 6.12
N LEU A 492 33.87 -14.21 6.58
CA LEU A 492 34.14 -14.92 7.83
C LEU A 492 34.43 -13.99 8.99
N PRO A 493 33.85 -14.24 10.18
CA PRO A 493 34.11 -13.34 11.31
C PRO A 493 35.62 -13.26 11.65
N PRO A 494 36.06 -12.15 12.28
CA PRO A 494 37.49 -12.06 12.70
C PRO A 494 37.85 -13.19 13.66
N HIS A 495 39.13 -13.62 13.65
CA HIS A 495 39.64 -14.72 14.50
C HIS A 495 38.79 -15.99 14.33
N PHE A 496 38.45 -16.29 13.07
CA PHE A 496 37.63 -17.43 12.68
C PHE A 496 38.24 -18.77 13.11
N ASP A 497 37.43 -19.57 13.82
CA ASP A 497 37.81 -20.87 14.38
C ASP A 497 36.96 -22.02 13.80
N LYS A 498 37.57 -22.84 12.91
CA LYS A 498 37.00 -23.99 12.18
C LYS A 498 36.36 -25.08 13.06
N SER A 499 36.74 -25.13 14.34
CA SER A 499 36.23 -26.12 15.29
C SER A 499 34.91 -25.64 15.89
N LYS A 500 34.71 -24.30 15.91
CA LYS A 500 33.50 -23.67 16.46
C LYS A 500 32.36 -23.62 15.46
N LYS A 501 31.11 -23.48 15.94
CA LYS A 501 29.92 -23.42 15.06
C LYS A 501 29.34 -22.01 15.07
N TYR A 502 29.21 -21.41 13.87
CA TYR A 502 28.73 -20.04 13.73
C TYR A 502 27.37 -20.03 13.04
N PRO A 503 26.51 -19.05 13.32
CA PRO A 503 25.26 -18.95 12.52
C PRO A 503 25.66 -18.53 11.08
N LEU A 504 24.83 -18.86 10.11
CA LEU A 504 25.19 -18.54 8.72
C LEU A 504 24.02 -17.85 8.05
N LEU A 505 24.31 -16.77 7.31
CA LEU A 505 23.32 -16.04 6.53
C LEU A 505 23.69 -16.22 5.06
N LEU A 506 22.76 -16.75 4.26
CA LEU A 506 22.98 -16.93 2.83
C LEU A 506 22.43 -15.66 2.15
N ASP A 507 23.30 -14.87 1.53
CA ASP A 507 22.99 -13.62 0.84
C ASP A 507 22.83 -14.04 -0.62
N VAL A 508 21.61 -13.88 -1.16
CA VAL A 508 21.33 -14.44 -2.48
CA VAL A 508 21.25 -14.45 -2.46
C VAL A 508 20.86 -13.44 -3.51
N TYR A 509 21.34 -13.64 -4.76
CA TYR A 509 20.83 -12.89 -5.90
C TYR A 509 20.25 -14.05 -6.74
N ALA A 510 21.14 -14.85 -7.42
CA ALA A 510 20.79 -16.07 -8.15
C ALA A 510 19.91 -15.89 -9.40
N GLY A 511 19.84 -14.66 -9.89
CA GLY A 511 19.14 -14.42 -11.15
C GLY A 511 20.03 -14.81 -12.31
N PRO A 512 19.43 -14.86 -13.51
CA PRO A 512 20.21 -15.22 -14.70
C PRO A 512 21.39 -14.28 -14.90
N CYS A 513 22.57 -14.90 -15.11
CA CYS A 513 23.85 -14.21 -15.26
C CYS A 513 24.31 -13.50 -13.98
N SER A 514 23.79 -13.88 -12.81
CA SER A 514 24.27 -13.29 -11.60
C SER A 514 25.65 -13.85 -11.21
N GLN A 515 26.36 -13.10 -10.36
CA GLN A 515 27.64 -13.58 -9.80
C GLN A 515 27.80 -12.95 -8.45
N LYS A 516 27.65 -13.78 -7.41
CA LYS A 516 27.77 -13.35 -6.02
C LYS A 516 29.00 -13.90 -5.34
N ALA A 517 29.78 -14.73 -6.06
CA ALA A 517 31.05 -15.23 -5.51
C ALA A 517 32.14 -14.56 -6.32
N ASP A 518 32.83 -13.60 -5.72
CA ASP A 518 33.87 -12.92 -6.49
C ASP A 518 34.99 -12.44 -5.60
N THR A 519 35.99 -11.76 -6.21
CA THR A 519 37.16 -11.31 -5.44
C THR A 519 37.08 -9.85 -5.03
N VAL A 520 35.90 -9.21 -5.09
CA VAL A 520 35.74 -7.79 -4.75
C VAL A 520 35.75 -7.55 -3.24
N PHE A 521 36.43 -6.47 -2.84
CA PHE A 521 36.48 -5.98 -1.47
C PHE A 521 35.28 -5.03 -1.27
N ARG A 522 34.40 -5.36 -0.28
CA ARG A 522 33.24 -4.53 -0.03
C ARG A 522 33.12 -4.22 1.45
N LEU A 523 32.59 -3.05 1.76
CA LEU A 523 32.28 -2.67 3.15
C LEU A 523 30.79 -2.47 3.13
N ASN A 524 30.06 -3.43 3.69
CA ASN A 524 28.61 -3.38 3.59
C ASN A 524 27.95 -4.00 4.82
N TRP A 525 26.64 -4.28 4.73
CA TRP A 525 25.95 -4.87 5.87
C TRP A 525 26.60 -6.19 6.30
N ALA A 526 27.01 -7.04 5.34
CA ALA A 526 27.62 -8.32 5.63
C ALA A 526 28.91 -8.12 6.45
N THR A 527 29.65 -7.02 6.18
CA THR A 527 30.89 -6.76 6.94
C THR A 527 30.54 -6.59 8.41
N TYR A 528 29.46 -5.85 8.70
CA TYR A 528 29.00 -5.63 10.09
C TYR A 528 28.54 -6.98 10.70
N LEU A 529 27.70 -7.74 9.98
CA LEU A 529 27.22 -9.01 10.50
C LEU A 529 28.35 -9.94 10.86
N ALA A 530 29.41 -10.01 10.03
CA ALA A 530 30.52 -10.89 10.34
C ALA A 530 31.42 -10.29 11.41
N SER A 531 31.71 -8.99 11.32
CA SER A 531 32.68 -8.36 12.25
C SER A 531 32.14 -8.21 13.66
N THR A 532 30.92 -7.67 13.79
CA THR A 532 30.31 -7.41 15.10
C THR A 532 29.50 -8.58 15.62
N GLU A 533 28.68 -9.18 14.75
CA GLU A 533 27.77 -10.23 15.17
C GLU A 533 28.26 -11.66 15.05
N ASN A 534 29.47 -11.85 14.46
CA ASN A 534 30.06 -13.18 14.30
C ASN A 534 29.19 -14.14 13.50
N ILE A 535 28.56 -13.63 12.41
CA ILE A 535 27.76 -14.41 11.51
C ILE A 535 28.59 -14.66 10.25
N ILE A 536 28.57 -15.85 9.73
CA ILE A 536 29.21 -16.15 8.45
C ILE A 536 28.19 -15.68 7.38
N VAL A 537 28.61 -14.82 6.45
CA VAL A 537 27.68 -14.40 5.37
C VAL A 537 28.16 -15.06 4.10
N ALA A 538 27.40 -16.03 3.60
CA ALA A 538 27.82 -16.79 2.41
C ALA A 538 26.99 -16.43 1.19
N SER A 539 27.57 -16.64 0.01
CA SER A 539 26.81 -16.54 -1.25
C SER A 539 27.29 -17.61 -2.17
N PHE A 540 26.42 -18.07 -3.05
CA PHE A 540 26.72 -19.19 -3.91
C PHE A 540 26.18 -18.93 -5.31
N ASP A 541 26.96 -19.34 -6.32
CA ASP A 541 26.55 -19.18 -7.70
C ASP A 541 26.23 -20.55 -8.30
N GLY A 542 24.95 -20.86 -8.39
CA GLY A 542 24.50 -22.16 -8.91
C GLY A 542 24.08 -22.08 -10.36
N ARG A 543 23.20 -22.99 -10.77
CA ARG A 543 22.72 -22.98 -12.15
C ARG A 543 22.01 -21.65 -12.45
N GLY A 544 22.21 -21.16 -13.66
CA GLY A 544 21.70 -19.85 -14.05
C GLY A 544 22.71 -18.72 -13.88
N SER A 545 23.77 -18.93 -13.06
CA SER A 545 24.73 -17.85 -12.81
C SER A 545 25.60 -17.61 -14.05
N GLY A 546 26.25 -16.44 -14.05
CA GLY A 546 26.98 -16.03 -15.24
C GLY A 546 28.47 -16.26 -15.26
N TYR A 547 29.00 -15.94 -16.43
CA TYR A 547 30.44 -15.88 -16.68
C TYR A 547 31.15 -17.22 -16.65
N GLN A 548 30.37 -18.30 -16.76
CA GLN A 548 30.90 -19.66 -16.70
C GLN A 548 30.40 -20.50 -17.87
N GLY A 549 29.86 -19.86 -18.90
CA GLY A 549 29.36 -20.58 -20.06
C GLY A 549 27.86 -20.83 -20.00
N ASP A 550 27.30 -21.11 -21.17
CA ASP A 550 25.86 -21.31 -21.35
C ASP A 550 25.34 -22.59 -20.76
N LYS A 551 26.17 -23.65 -20.62
CA LYS A 551 25.62 -24.88 -19.97
C LYS A 551 25.11 -24.52 -18.55
N ILE A 552 25.83 -23.63 -17.85
CA ILE A 552 25.36 -23.16 -16.54
C ILE A 552 24.33 -22.05 -16.71
N MET A 553 24.63 -21.00 -17.51
CA MET A 553 23.69 -19.86 -17.53
C MET A 553 22.33 -20.17 -18.11
N HIS A 554 22.27 -20.97 -19.17
CA HIS A 554 20.99 -21.32 -19.83
C HIS A 554 20.26 -22.49 -19.16
N ALA A 555 20.78 -23.00 -18.02
CA ALA A 555 20.15 -24.12 -17.33
C ALA A 555 18.72 -23.76 -16.87
N ILE A 556 18.49 -22.47 -16.59
CA ILE A 556 17.16 -22.01 -16.14
C ILE A 556 16.29 -21.44 -17.27
N ASN A 557 16.69 -21.61 -18.55
CA ASN A 557 15.90 -21.12 -19.67
C ASN A 557 14.46 -21.65 -19.58
N ARG A 558 13.47 -20.72 -19.66
CA ARG A 558 12.02 -21.00 -19.58
C ARG A 558 11.63 -21.60 -18.24
N ARG A 559 12.53 -21.57 -17.23
CA ARG A 559 12.33 -22.26 -15.99
C ARG A 559 12.85 -21.48 -14.79
N LEU A 560 12.52 -20.20 -14.69
CA LEU A 560 12.94 -19.47 -13.49
C LEU A 560 12.24 -20.08 -12.27
N GLY A 561 12.86 -19.91 -11.11
CA GLY A 561 12.32 -20.42 -9.85
C GLY A 561 12.47 -21.93 -9.72
N THR A 562 13.44 -22.51 -10.45
CA THR A 562 13.68 -23.97 -10.37
C THR A 562 15.10 -24.26 -9.89
N PHE A 563 16.03 -24.51 -10.81
CA PHE A 563 17.38 -24.92 -10.43
C PHE A 563 18.12 -23.91 -9.62
N GLU A 564 17.90 -22.60 -9.86
CA GLU A 564 18.67 -21.62 -9.09
C GLU A 564 18.20 -21.63 -7.63
N VAL A 565 16.92 -21.97 -7.41
CA VAL A 565 16.36 -22.09 -6.06
C VAL A 565 16.92 -23.35 -5.38
N GLU A 566 16.80 -24.50 -6.07
CA GLU A 566 17.27 -25.79 -5.59
C GLU A 566 18.76 -25.72 -5.25
N ASP A 567 19.54 -25.01 -6.09
CA ASP A 567 21.00 -24.92 -5.83
C ASP A 567 21.38 -24.09 -4.62
N GLN A 568 20.55 -23.07 -4.22
CA GLN A 568 20.83 -22.32 -2.99
C GLN A 568 20.59 -23.24 -1.77
N ILE A 569 19.55 -24.09 -1.85
CA ILE A 569 19.26 -25.01 -0.76
C ILE A 569 20.40 -26.03 -0.64
N GLU A 570 20.86 -26.53 -1.79
CA GLU A 570 21.95 -27.52 -1.81
C GLU A 570 23.21 -26.87 -1.25
N ALA A 571 23.51 -25.61 -1.64
CA ALA A 571 24.68 -24.95 -1.08
C ALA A 571 24.63 -24.91 0.44
N ALA A 572 23.46 -24.49 1.00
CA ALA A 572 23.31 -24.42 2.45
C ALA A 572 23.49 -25.82 3.07
N ARG A 573 23.05 -26.90 2.40
CA ARG A 573 23.31 -28.29 2.87
C ARG A 573 24.82 -28.60 2.87
N GLN A 574 25.52 -28.15 1.84
CA GLN A 574 26.98 -28.34 1.65
C GLN A 574 27.72 -27.54 2.71
N PHE A 575 27.15 -26.37 3.15
CA PHE A 575 27.75 -25.56 4.23
C PHE A 575 27.35 -26.04 5.63
N SER A 576 26.03 -26.24 5.91
CA SER A 576 25.45 -26.61 7.23
C SER A 576 26.09 -27.81 7.89
N LYS A 577 26.81 -28.59 7.11
CA LYS A 577 27.47 -29.78 7.63
C LYS A 577 28.93 -29.53 7.92
N MET A 578 29.43 -28.31 7.65
CA MET A 578 30.83 -27.97 7.99
C MET A 578 30.76 -27.80 9.50
N GLY A 579 31.79 -28.23 10.20
CA GLY A 579 31.80 -28.17 11.66
C GLY A 579 31.83 -26.77 12.18
N PHE A 580 31.92 -25.79 11.27
CA PHE A 580 31.93 -24.40 11.65
C PHE A 580 30.56 -23.75 11.45
N VAL A 581 29.60 -24.49 10.90
CA VAL A 581 28.23 -23.96 10.70
C VAL A 581 27.21 -24.59 11.70
N ASP A 582 26.49 -23.71 12.42
CA ASP A 582 25.43 -24.13 13.35
C ASP A 582 24.19 -24.39 12.48
N ASN A 583 23.87 -25.66 12.24
CA ASN A 583 22.72 -26.03 11.39
C ASN A 583 21.36 -25.60 11.94
N LYS A 584 21.29 -25.14 13.19
CA LYS A 584 20.03 -24.68 13.77
C LYS A 584 19.86 -23.19 13.56
N ARG A 585 20.88 -22.51 12.96
CA ARG A 585 20.83 -21.08 12.77
C ARG A 585 21.34 -20.73 11.37
N ILE A 586 20.60 -21.17 10.35
CA ILE A 586 20.92 -20.85 8.94
C ILE A 586 19.76 -19.98 8.43
N ALA A 587 20.10 -18.81 7.91
CA ALA A 587 19.08 -17.88 7.40
C ALA A 587 19.43 -17.54 5.96
N ILE A 588 18.47 -16.88 5.30
CA ILE A 588 18.67 -16.54 3.89
C ILE A 588 18.05 -15.19 3.66
N TRP A 589 18.70 -14.34 2.82
CA TRP A 589 18.07 -13.06 2.53
C TRP A 589 18.43 -12.59 1.16
N GLY A 590 17.61 -11.70 0.63
CA GLY A 590 17.94 -11.11 -0.65
C GLY A 590 16.97 -10.01 -1.00
N TRP A 591 17.36 -9.22 -1.97
CA TRP A 591 16.56 -8.10 -2.46
C TRP A 591 16.26 -8.41 -3.93
N SER A 592 15.09 -7.93 -4.44
CA SER A 592 14.81 -8.02 -5.89
C SER A 592 14.71 -9.48 -6.34
N TYR A 593 15.51 -9.94 -7.35
CA TYR A 593 15.48 -11.36 -7.73
C TYR A 593 15.89 -12.21 -6.52
N GLY A 594 16.81 -11.68 -5.71
CA GLY A 594 17.23 -12.37 -4.50
C GLY A 594 16.08 -12.51 -3.50
N GLY A 595 15.15 -11.54 -3.48
CA GLY A 595 13.96 -11.64 -2.62
C GLY A 595 13.04 -12.74 -3.12
N TYR A 596 12.92 -12.87 -4.46
CA TYR A 596 12.14 -13.94 -5.05
C TYR A 596 12.77 -15.30 -4.66
N VAL A 597 14.09 -15.45 -4.90
CA VAL A 597 14.75 -16.74 -4.57
C VAL A 597 14.66 -17.01 -3.07
N THR A 598 14.89 -15.99 -2.21
CA THR A 598 14.76 -16.20 -0.76
C THR A 598 13.36 -16.77 -0.42
N SER A 599 12.33 -16.14 -1.02
CA SER A 599 10.94 -16.54 -0.73
C SER A 599 10.65 -17.96 -1.26
N MET A 600 11.16 -18.30 -2.47
CA MET A 600 10.95 -19.64 -3.06
C MET A 600 11.67 -20.68 -2.19
N VAL A 601 12.89 -20.33 -1.69
CA VAL A 601 13.64 -21.24 -0.81
C VAL A 601 12.89 -21.42 0.51
N LEU A 602 12.43 -20.33 1.13
CA LEU A 602 11.67 -20.42 2.39
C LEU A 602 10.39 -21.22 2.23
N GLY A 603 9.82 -21.18 1.03
CA GLY A 603 8.60 -21.92 0.75
C GLY A 603 8.84 -23.33 0.24
N SER A 604 10.12 -23.81 0.23
CA SER A 604 10.44 -25.10 -0.37
C SER A 604 10.15 -26.33 0.50
N GLY A 605 10.04 -26.12 1.80
CA GLY A 605 9.87 -27.24 2.74
C GLY A 605 11.17 -27.99 2.99
N SER A 606 12.32 -27.38 2.69
CA SER A 606 13.60 -28.08 2.86
C SER A 606 13.99 -28.38 4.31
N GLY A 607 13.50 -27.56 5.22
CA GLY A 607 13.86 -27.64 6.65
C GLY A 607 15.25 -27.13 6.94
N VAL A 608 15.94 -26.53 5.93
CA VAL A 608 17.33 -26.10 6.17
C VAL A 608 17.40 -24.78 6.89
N PHE A 609 16.49 -23.85 6.53
CA PHE A 609 16.55 -22.48 6.99
C PHE A 609 15.59 -22.17 8.11
N LYS A 610 16.09 -21.45 9.10
CA LYS A 610 15.24 -21.06 10.21
C LYS A 610 14.43 -19.84 9.84
N CYS A 611 15.07 -18.92 9.11
CA CYS A 611 14.40 -17.64 8.83
C CYS A 611 14.91 -17.03 7.57
N GLY A 612 14.22 -16.00 7.12
CA GLY A 612 14.73 -15.27 5.94
C GLY A 612 14.05 -13.94 5.77
N ILE A 613 14.68 -13.08 4.96
CA ILE A 613 14.17 -11.72 4.71
C ILE A 613 14.10 -11.53 3.21
N ALA A 614 12.91 -11.14 2.70
CA ALA A 614 12.79 -10.80 1.26
C ALA A 614 12.48 -9.35 1.16
N VAL A 615 13.35 -8.59 0.43
CA VAL A 615 13.16 -7.15 0.25
C VAL A 615 12.76 -6.93 -1.20
N ALA A 616 11.62 -6.23 -1.40
CA ALA A 616 11.05 -5.94 -2.73
C ALA A 616 11.16 -7.14 -3.69
N PRO A 617 10.66 -8.31 -3.26
CA PRO A 617 10.77 -9.49 -4.13
C PRO A 617 9.78 -9.51 -5.30
N VAL A 618 10.22 -10.12 -6.39
CA VAL A 618 9.26 -10.56 -7.39
C VAL A 618 8.53 -11.76 -6.73
N SER A 619 7.23 -11.88 -6.99
CA SER A 619 6.44 -13.02 -6.45
C SER A 619 5.80 -13.85 -7.53
N ARG A 620 5.56 -13.26 -8.72
CA ARG A 620 4.94 -13.97 -9.84
C ARG A 620 5.41 -13.25 -11.09
N TRP A 621 5.90 -14.02 -12.07
CA TRP A 621 6.51 -13.41 -13.25
C TRP A 621 5.59 -12.58 -14.11
N GLU A 622 4.26 -12.87 -14.07
CA GLU A 622 3.33 -12.02 -14.81
C GLU A 622 3.29 -10.57 -14.28
N TYR A 623 3.81 -10.32 -13.05
CA TYR A 623 3.79 -8.96 -12.52
C TYR A 623 4.99 -8.14 -12.94
N TYR A 624 6.07 -8.82 -13.42
CA TYR A 624 7.30 -8.09 -13.75
C TYR A 624 7.30 -7.64 -15.21
N ASP A 625 8.26 -6.81 -15.59
CA ASP A 625 8.25 -6.25 -16.94
C ASP A 625 8.49 -7.22 -18.07
N SER A 626 7.98 -6.88 -19.25
CA SER A 626 8.06 -7.77 -20.39
C SER A 626 9.50 -8.07 -20.81
N VAL A 627 10.35 -7.06 -20.95
CA VAL A 627 11.67 -7.29 -21.52
C VAL A 627 12.54 -8.25 -20.70
N TYR A 628 12.59 -8.03 -19.39
CA TYR A 628 13.41 -8.92 -18.58
C TYR A 628 12.71 -10.27 -18.49
N THR A 629 11.42 -10.29 -18.09
CA THR A 629 10.77 -11.56 -17.78
C THR A 629 10.74 -12.48 -19.01
N GLU A 630 10.30 -11.96 -20.15
CA GLU A 630 10.14 -12.80 -21.34
C GLU A 630 11.46 -13.28 -21.88
N ARG A 631 12.57 -12.56 -21.63
CA ARG A 631 13.88 -13.02 -22.08
C ARG A 631 14.13 -14.45 -21.58
N TYR A 632 13.71 -14.74 -20.33
CA TYR A 632 13.98 -16.04 -19.72
C TYR A 632 12.78 -16.91 -19.70
N MET A 633 11.57 -16.32 -19.73
CA MET A 633 10.36 -17.12 -19.57
C MET A 633 9.50 -17.29 -20.80
N GLY A 634 9.79 -16.58 -21.89
CA GLY A 634 8.84 -16.58 -23.00
C GLY A 634 7.57 -15.86 -22.60
N LEU A 635 6.48 -16.13 -23.29
CA LEU A 635 5.21 -15.46 -23.05
C LEU A 635 4.27 -16.26 -22.17
N PRO A 636 3.48 -15.57 -21.32
CA PRO A 636 2.56 -16.29 -20.41
C PRO A 636 1.24 -16.66 -21.11
N THR A 637 1.35 -17.46 -22.16
CA THR A 637 0.18 -17.90 -22.93
C THR A 637 0.15 -19.44 -22.93
N PRO A 638 -1.03 -20.07 -23.09
CA PRO A 638 -1.08 -21.54 -23.11
C PRO A 638 -0.18 -22.18 -24.17
N GLU A 639 -0.05 -21.53 -25.32
CA GLU A 639 0.75 -21.96 -26.46
C GLU A 639 2.25 -21.87 -26.17
N ASP A 640 2.64 -20.97 -25.22
CA ASP A 640 4.03 -20.76 -24.90
C ASP A 640 4.38 -21.31 -23.53
N ASN A 641 4.49 -20.44 -22.48
CA ASN A 641 4.96 -20.89 -21.18
C ASN A 641 4.07 -20.56 -20.01
N LEU A 642 2.76 -20.39 -20.23
CA LEU A 642 1.88 -20.10 -19.11
C LEU A 642 1.96 -21.10 -17.97
N ASP A 643 2.06 -22.40 -18.27
CA ASP A 643 2.10 -23.41 -17.20
C ASP A 643 3.26 -23.15 -16.23
N HIS A 644 4.44 -22.78 -16.76
CA HIS A 644 5.55 -22.52 -15.84
C HIS A 644 5.41 -21.17 -15.14
N TYR A 645 4.82 -20.18 -15.81
CA TYR A 645 4.51 -18.93 -15.10
C TYR A 645 3.63 -19.23 -13.88
N ARG A 646 2.64 -20.13 -14.04
CA ARG A 646 1.76 -20.41 -12.91
C ARG A 646 2.38 -21.28 -11.86
N ASN A 647 3.38 -22.09 -12.22
CA ASN A 647 4.01 -23.02 -11.30
C ASN A 647 5.17 -22.39 -10.51
N SER A 648 5.62 -21.19 -10.90
CA SER A 648 6.85 -20.62 -10.31
C SER A 648 6.56 -19.41 -9.41
N THR A 649 5.35 -19.36 -8.82
CA THR A 649 5.02 -18.22 -7.97
C THR A 649 5.38 -18.49 -6.52
N VAL A 650 5.61 -17.40 -5.76
CA VAL A 650 5.84 -17.56 -4.33
C VAL A 650 4.52 -17.97 -3.66
N MET A 651 3.39 -17.40 -4.13
CA MET A 651 2.07 -17.64 -3.49
C MET A 651 1.71 -19.11 -3.41
N SER A 652 2.08 -19.91 -4.45
CA SER A 652 1.75 -21.35 -4.46
C SER A 652 2.46 -22.12 -3.35
N ARG A 653 3.48 -21.52 -2.74
CA ARG A 653 4.26 -22.18 -1.68
C ARG A 653 3.90 -21.75 -0.29
N ALA A 654 2.85 -20.91 -0.14
CA ALA A 654 2.49 -20.28 1.12
C ALA A 654 2.40 -21.23 2.31
N GLU A 655 1.76 -22.41 2.13
CA GLU A 655 1.61 -23.38 3.23
C GLU A 655 2.97 -23.74 3.86
N ASN A 656 4.02 -23.86 3.00
CA ASN A 656 5.34 -24.24 3.53
C ASN A 656 6.00 -23.19 4.39
N PHE A 657 5.48 -21.93 4.38
CA PHE A 657 6.05 -20.89 5.23
C PHE A 657 5.72 -21.11 6.72
N LYS A 658 4.85 -22.11 7.03
CA LYS A 658 4.58 -22.41 8.45
C LYS A 658 5.89 -22.94 9.11
N GLN A 659 6.85 -23.40 8.30
CA GLN A 659 8.11 -23.99 8.78
C GLN A 659 9.19 -22.94 9.08
N VAL A 660 8.96 -21.65 8.72
CA VAL A 660 10.01 -20.63 8.84
C VAL A 660 9.54 -19.32 9.46
N GLU A 661 10.52 -18.46 9.86
CA GLU A 661 10.25 -17.10 10.32
C GLU A 661 10.60 -16.21 9.10
N TYR A 662 9.65 -15.40 8.63
CA TYR A 662 9.84 -14.61 7.42
C TYR A 662 9.58 -13.16 7.67
N LEU A 663 10.40 -12.31 7.07
CA LEU A 663 10.25 -10.87 7.14
C LEU A 663 10.17 -10.40 5.70
N LEU A 664 9.06 -9.71 5.36
CA LEU A 664 8.77 -9.26 3.99
C LEU A 664 8.75 -7.74 4.01
N ILE A 665 9.57 -7.12 3.16
CA ILE A 665 9.73 -5.67 3.17
C ILE A 665 9.54 -5.10 1.78
N HIS A 666 8.85 -3.96 1.67
CA HIS A 666 8.65 -3.40 0.31
C HIS A 666 8.36 -1.91 0.39
N GLY A 667 8.92 -1.13 -0.53
CA GLY A 667 8.62 0.31 -0.60
C GLY A 667 7.31 0.51 -1.36
N THR A 668 6.44 1.40 -0.86
CA THR A 668 5.13 1.59 -1.48
C THR A 668 5.15 2.26 -2.84
N ALA A 669 6.24 3.00 -3.14
CA ALA A 669 6.37 3.72 -4.41
C ALA A 669 7.36 3.04 -5.32
N ASP A 670 7.45 1.70 -5.19
CA ASP A 670 8.34 0.96 -6.07
C ASP A 670 7.74 0.90 -7.48
N ASP A 671 8.39 1.61 -8.42
CA ASP A 671 7.93 1.62 -9.82
C ASP A 671 8.46 0.41 -10.61
N ASN A 672 9.40 -0.37 -10.01
CA ASN A 672 10.12 -1.43 -10.70
C ASN A 672 9.53 -2.78 -10.35
N VAL A 673 9.66 -3.20 -9.09
CA VAL A 673 8.97 -4.39 -8.60
C VAL A 673 7.81 -3.83 -7.80
N HIS A 674 6.61 -3.86 -8.38
CA HIS A 674 5.51 -3.13 -7.77
C HIS A 674 5.17 -3.68 -6.40
N PHE A 675 4.71 -2.77 -5.48
CA PHE A 675 4.32 -3.22 -4.14
C PHE A 675 3.31 -4.37 -4.22
N GLN A 676 2.45 -4.35 -5.26
CA GLN A 676 1.59 -5.47 -5.62
C GLN A 676 2.23 -6.85 -5.41
N GLN A 677 3.52 -7.00 -5.78
CA GLN A 677 4.13 -8.33 -5.68
C GLN A 677 4.17 -8.82 -4.24
N SER A 678 4.58 -7.94 -3.29
CA SER A 678 4.59 -8.31 -1.86
C SER A 678 3.16 -8.32 -1.32
N ALA A 679 2.26 -7.46 -1.86
CA ALA A 679 0.86 -7.49 -1.39
C ALA A 679 0.22 -8.84 -1.71
N GLN A 680 0.65 -9.47 -2.83
CA GLN A 680 0.11 -10.79 -3.15
C GLN A 680 0.73 -11.90 -2.29
N ILE A 681 2.04 -11.76 -1.92
CA ILE A 681 2.63 -12.73 -1.03
C ILE A 681 1.90 -12.68 0.32
N SER A 682 1.75 -11.48 0.89
CA SER A 682 1.15 -11.39 2.25
C SER A 682 -0.27 -11.95 2.23
N LYS A 683 -1.04 -11.64 1.19
CA LYS A 683 -2.39 -12.16 1.11
C LYS A 683 -2.41 -13.68 1.07
N ALA A 684 -1.49 -14.30 0.31
CA ALA A 684 -1.44 -15.75 0.27
C ALA A 684 -1.07 -16.36 1.64
N LEU A 685 -0.13 -15.72 2.38
CA LEU A 685 0.27 -16.21 3.70
C LEU A 685 -0.90 -16.06 4.68
N VAL A 686 -1.60 -14.93 4.62
CA VAL A 686 -2.79 -14.73 5.47
C VAL A 686 -3.84 -15.83 5.15
N ASP A 687 -4.06 -16.10 3.85
CA ASP A 687 -5.07 -17.08 3.43
C ASP A 687 -4.83 -18.49 3.93
N VAL A 688 -3.56 -18.85 4.21
CA VAL A 688 -3.22 -20.18 4.75
C VAL A 688 -2.91 -20.17 6.25
N GLY A 689 -3.07 -19.00 6.90
CA GLY A 689 -2.85 -18.89 8.33
C GLY A 689 -1.41 -18.97 8.76
N VAL A 690 -0.50 -18.36 7.97
CA VAL A 690 0.93 -18.32 8.31
C VAL A 690 1.26 -16.98 8.93
N ASP A 691 1.88 -17.00 10.12
CA ASP A 691 2.30 -15.76 10.74
C ASP A 691 3.67 -15.37 10.14
N PHE A 692 3.87 -14.08 10.00
CA PHE A 692 5.13 -13.54 9.46
C PHE A 692 5.24 -12.10 9.87
N GLN A 693 6.42 -11.50 9.60
CA GLN A 693 6.76 -10.11 9.93
CA GLN A 693 6.66 -10.08 9.93
C GLN A 693 6.73 -9.30 8.65
N ALA A 694 6.35 -8.04 8.72
CA ALA A 694 6.33 -7.21 7.53
C ALA A 694 6.78 -5.81 7.82
N MET A 695 7.20 -5.12 6.78
CA MET A 695 7.47 -3.69 6.91
C MET A 695 7.24 -3.04 5.57
N TRP A 696 6.39 -2.02 5.50
CA TRP A 696 6.29 -1.24 4.26
C TRP A 696 7.14 -0.01 4.49
N TYR A 697 7.60 0.61 3.39
CA TYR A 697 8.34 1.88 3.48
C TYR A 697 7.59 2.90 2.65
N THR A 698 6.91 3.83 3.32
CA THR A 698 6.09 4.82 2.62
C THR A 698 6.93 5.66 1.68
N ASP A 699 6.48 5.71 0.41
CA ASP A 699 7.03 6.54 -0.67
C ASP A 699 8.47 6.18 -1.09
N GLU A 700 8.96 5.02 -0.64
CA GLU A 700 10.27 4.55 -1.08
C GLU A 700 10.10 3.71 -2.31
N ASP A 701 11.14 3.74 -3.16
CA ASP A 701 11.11 2.97 -4.41
C ASP A 701 11.93 1.70 -4.28
N HIS A 702 12.35 1.11 -5.40
CA HIS A 702 13.07 -0.16 -5.35
C HIS A 702 14.38 -0.08 -4.56
N GLY A 703 14.97 1.10 -4.48
CA GLY A 703 16.23 1.21 -3.77
C GLY A 703 16.12 1.30 -2.26
N ILE A 704 14.93 1.71 -1.73
CA ILE A 704 14.71 2.04 -0.29
C ILE A 704 15.99 2.78 0.17
N ALA A 705 16.32 3.82 -0.58
CA ALA A 705 17.63 4.46 -0.50
C ALA A 705 17.67 5.85 0.03
N SER A 706 16.55 6.41 0.49
CA SER A 706 16.64 7.72 1.15
C SER A 706 17.51 7.50 2.42
N SER A 707 18.18 8.55 2.87
CA SER A 707 19.05 8.39 4.04
C SER A 707 18.31 7.75 5.23
N THR A 708 17.12 8.27 5.58
CA THR A 708 16.39 7.72 6.72
C THR A 708 15.87 6.32 6.49
N ALA A 709 15.35 6.05 5.27
CA ALA A 709 14.82 4.68 5.02
C ALA A 709 15.90 3.62 4.99
N HIS A 710 17.06 3.98 4.41
CA HIS A 710 18.20 3.09 4.35
C HIS A 710 18.67 2.72 5.76
N GLN A 711 18.76 3.73 6.66
CA GLN A 711 19.17 3.41 8.03
C GLN A 711 18.10 2.53 8.73
N HIS A 712 16.83 2.83 8.46
CA HIS A 712 15.74 2.13 9.14
C HIS A 712 15.64 0.68 8.71
N ILE A 713 15.75 0.42 7.38
CA ILE A 713 15.65 -0.97 6.94
C ILE A 713 16.78 -1.85 7.46
N TYR A 714 18.03 -1.33 7.40
CA TYR A 714 19.12 -2.15 7.91
C TYR A 714 19.05 -2.33 9.41
N THR A 715 18.52 -1.32 10.14
CA THR A 715 18.33 -1.47 11.60
C THR A 715 17.25 -2.54 11.84
N HIS A 716 16.12 -2.47 11.10
CA HIS A 716 15.05 -3.46 11.28
C HIS A 716 15.48 -4.89 10.96
N MET A 717 16.20 -5.07 9.82
CA MET A 717 16.67 -6.39 9.41
C MET A 717 17.72 -6.91 10.41
N SER A 718 18.58 -6.01 10.92
CA SER A 718 19.58 -6.44 11.90
C SER A 718 18.88 -6.96 13.16
N HIS A 719 17.83 -6.28 13.63
CA HIS A 719 17.09 -6.79 14.81
C HIS A 719 16.49 -8.18 14.52
N PHE A 720 15.93 -8.35 13.31
CA PHE A 720 15.33 -9.60 12.91
C PHE A 720 16.33 -10.75 12.88
N ILE A 721 17.51 -10.54 12.21
CA ILE A 721 18.50 -11.61 12.11
C ILE A 721 19.05 -11.93 13.51
N LYS A 722 19.28 -10.89 14.31
CA LYS A 722 19.80 -11.09 15.68
C LYS A 722 18.80 -11.85 16.54
N GLN A 723 17.48 -11.56 16.39
CA GLN A 723 16.52 -12.37 17.16
C GLN A 723 16.47 -13.80 16.66
N CYS A 724 16.54 -14.01 15.32
CA CYS A 724 16.55 -15.37 14.74
C CYS A 724 17.74 -16.20 15.27
N PHE A 725 18.89 -15.55 15.43
CA PHE A 725 20.13 -16.21 15.82
C PHE A 725 20.42 -16.09 17.30
N SER A 726 19.46 -15.55 18.09
CA SER A 726 19.63 -15.35 19.56
C SER A 726 20.91 -14.58 19.90
N LEU A 727 21.15 -13.48 19.18
CA LEU A 727 22.31 -12.63 19.44
C LEU A 727 21.89 -11.43 20.28
N PRO A 728 22.65 -11.09 21.34
CA PRO A 728 22.21 -9.99 22.20
C PRO A 728 22.37 -8.62 21.56
N ALA A 729 23.34 -8.46 20.78
N ARG B 2 -9.79 -26.98 35.06
CA ARG B 2 -10.56 -26.97 33.81
C ARG B 2 -9.77 -26.26 32.70
N LYS B 3 -10.20 -26.41 31.44
CA LYS B 3 -9.64 -25.71 30.28
C LYS B 3 -9.88 -24.20 30.40
N THR B 4 -9.16 -23.41 29.60
CA THR B 4 -9.33 -21.96 29.56
C THR B 4 -9.99 -21.60 28.24
N TYR B 5 -10.39 -20.33 28.08
CA TYR B 5 -11.02 -19.83 26.85
C TYR B 5 -9.80 -19.40 25.99
N THR B 6 -9.50 -20.20 24.97
CA THR B 6 -8.27 -20.04 24.17
C THR B 6 -8.46 -19.13 22.99
N LEU B 7 -7.33 -18.79 22.33
CA LEU B 7 -7.42 -17.97 21.12
C LEU B 7 -8.21 -18.69 20.04
N THR B 8 -7.99 -20.01 19.89
CA THR B 8 -8.72 -20.81 18.92
C THR B 8 -10.20 -20.80 19.27
N ASP B 9 -10.55 -20.86 20.58
CA ASP B 9 -11.98 -20.77 20.94
C ASP B 9 -12.58 -19.46 20.42
N TYR B 10 -11.88 -18.33 20.58
CA TYR B 10 -12.35 -17.05 20.09
C TYR B 10 -12.46 -17.04 18.56
N LEU B 11 -11.37 -17.45 17.89
CA LEU B 11 -11.33 -17.41 16.43
C LEU B 11 -12.28 -18.39 15.73
N LYS B 12 -12.56 -19.54 16.37
CA LYS B 12 -13.44 -20.55 15.76
C LYS B 12 -14.86 -20.53 16.32
N ASN B 13 -15.19 -19.53 17.18
CA ASN B 13 -16.50 -19.33 17.78
C ASN B 13 -17.02 -20.65 18.40
N THR B 14 -16.15 -21.30 19.19
CA THR B 14 -16.45 -22.57 19.87
C THR B 14 -17.65 -22.40 20.83
N TYR B 15 -17.70 -21.27 21.53
CA TYR B 15 -18.73 -20.97 22.53
C TYR B 15 -19.63 -19.90 21.98
N ARG B 16 -20.79 -20.32 21.46
CA ARG B 16 -21.70 -19.40 20.74
C ARG B 16 -22.83 -18.87 21.57
N LEU B 17 -23.01 -17.54 21.52
CA LEU B 17 -24.11 -16.85 22.19
C LEU B 17 -25.32 -17.06 21.31
N LYS B 18 -26.41 -17.59 21.88
CA LYS B 18 -27.61 -17.77 21.10
C LYS B 18 -28.43 -16.51 21.21
N LEU B 19 -29.14 -16.19 20.13
CA LEU B 19 -29.97 -14.99 20.08
C LEU B 19 -31.42 -15.46 19.94
N TYR B 20 -32.33 -14.51 19.83
CA TYR B 20 -33.72 -14.77 19.53
C TYR B 20 -34.17 -13.57 18.71
N SER B 21 -33.85 -13.61 17.40
CA SER B 21 -34.18 -12.55 16.48
C SER B 21 -35.56 -12.78 15.92
N LEU B 22 -36.49 -11.93 16.32
CA LEU B 22 -37.85 -12.06 15.82
C LEU B 22 -38.22 -10.84 14.99
N ARG B 23 -39.25 -11.00 14.15
CA ARG B 23 -39.76 -9.90 13.33
C ARG B 23 -41.25 -9.79 13.59
N TRP B 24 -41.69 -8.68 14.20
CA TRP B 24 -43.10 -8.43 14.46
C TRP B 24 -43.81 -8.16 13.14
N ILE B 25 -44.95 -8.82 12.92
CA ILE B 25 -45.72 -8.66 11.67
C ILE B 25 -47.05 -8.00 11.92
N SER B 26 -47.44 -7.95 13.18
CA SER B 26 -48.69 -7.36 13.61
C SER B 26 -48.53 -7.01 15.07
N ASP B 27 -49.63 -6.67 15.71
CA ASP B 27 -49.61 -6.35 17.13
C ASP B 27 -49.64 -7.59 18.02
N HIS B 28 -49.82 -8.81 17.44
CA HIS B 28 -49.88 -10.02 18.26
CA HIS B 28 -49.98 -10.06 18.19
C HIS B 28 -49.06 -11.19 17.71
N GLU B 29 -48.46 -11.04 16.51
CA GLU B 29 -47.66 -12.12 15.93
C GLU B 29 -46.28 -11.71 15.47
N TYR B 30 -45.36 -12.67 15.53
CA TYR B 30 -44.00 -12.45 15.06
C TYR B 30 -43.48 -13.61 14.23
N LEU B 31 -42.51 -13.33 13.35
CA LEU B 31 -41.84 -14.37 12.57
C LEU B 31 -40.54 -14.73 13.23
N TYR B 32 -40.16 -16.01 13.16
CA TYR B 32 -38.92 -16.50 13.75
C TYR B 32 -38.38 -17.67 12.95
N LYS B 33 -37.09 -17.61 12.63
CA LYS B 33 -36.38 -18.62 11.84
C LYS B 33 -35.92 -19.75 12.78
N GLN B 34 -36.38 -20.98 12.50
CA GLN B 34 -36.07 -22.17 13.29
C GLN B 34 -35.78 -23.34 12.35
N GLU B 35 -34.54 -23.86 12.37
CA GLU B 35 -34.06 -24.96 11.52
C GLU B 35 -34.34 -24.63 10.04
N ASN B 36 -33.97 -23.40 9.65
CA ASN B 36 -34.13 -22.79 8.32
C ASN B 36 -35.59 -22.54 7.86
N ASN B 37 -36.59 -22.91 8.71
CA ASN B 37 -38.01 -22.68 8.45
C ASN B 37 -38.42 -21.34 9.07
N ILE B 38 -39.42 -20.66 8.48
CA ILE B 38 -39.91 -19.42 9.07
C ILE B 38 -41.22 -19.77 9.78
N LEU B 39 -41.23 -19.62 11.11
CA LEU B 39 -42.41 -19.90 11.91
C LEU B 39 -43.09 -18.61 12.28
N VAL B 40 -44.42 -18.61 12.36
CA VAL B 40 -45.22 -17.47 12.82
C VAL B 40 -45.67 -17.82 14.23
N PHE B 41 -45.37 -16.95 15.21
CA PHE B 41 -45.73 -17.20 16.60
C PHE B 41 -46.81 -16.30 17.08
N ASN B 42 -47.70 -16.84 17.93
CA ASN B 42 -48.74 -16.07 18.58
C ASN B 42 -48.10 -15.61 19.89
N ALA B 43 -47.98 -14.29 20.11
CA ALA B 43 -47.35 -13.76 21.31
C ALA B 43 -48.09 -14.16 22.60
N GLU B 44 -49.42 -14.10 22.59
CA GLU B 44 -50.21 -14.42 23.79
C GLU B 44 -50.00 -15.84 24.30
N TYR B 45 -50.06 -16.83 23.40
CA TYR B 45 -49.98 -18.24 23.79
C TYR B 45 -48.65 -18.97 23.56
N GLY B 46 -47.83 -18.46 22.65
CA GLY B 46 -46.53 -19.06 22.38
C GLY B 46 -46.56 -20.20 21.38
N ASN B 47 -47.76 -20.50 20.83
CA ASN B 47 -47.92 -21.53 19.81
C ASN B 47 -47.45 -20.98 18.48
N SER B 48 -46.99 -21.87 17.59
CA SER B 48 -46.52 -21.49 16.27
C SER B 48 -47.13 -22.34 15.16
N SER B 49 -47.00 -21.85 13.91
CA SER B 49 -47.41 -22.50 12.67
C SER B 49 -46.29 -22.25 11.68
N VAL B 50 -46.09 -23.17 10.74
CA VAL B 50 -45.05 -22.99 9.73
C VAL B 50 -45.56 -21.95 8.72
N PHE B 51 -44.84 -20.83 8.58
CA PHE B 51 -45.21 -19.79 7.63
C PHE B 51 -44.60 -20.13 6.28
N LEU B 52 -43.31 -20.55 6.28
CA LEU B 52 -42.59 -20.93 5.07
C LEU B 52 -41.59 -22.02 5.36
N GLU B 53 -41.77 -23.17 4.69
CA GLU B 53 -40.89 -24.33 4.86
C GLU B 53 -39.52 -24.05 4.30
N ASN B 54 -38.48 -24.49 5.04
CA ASN B 54 -37.05 -24.38 4.73
C ASN B 54 -36.67 -24.81 3.31
N SER B 55 -37.35 -25.86 2.83
CA SER B 55 -37.18 -26.47 1.51
C SER B 55 -37.43 -25.51 0.36
N THR B 56 -38.38 -24.55 0.54
CA THR B 56 -38.70 -23.54 -0.47
C THR B 56 -37.42 -22.80 -0.89
N PHE B 57 -36.52 -22.49 0.08
CA PHE B 57 -35.25 -21.79 -0.14
C PHE B 57 -34.24 -22.53 -1.02
N ASP B 58 -34.42 -23.85 -1.23
CA ASP B 58 -33.54 -24.69 -2.05
C ASP B 58 -34.00 -24.90 -3.50
N GLU B 59 -35.19 -24.35 -3.88
CA GLU B 59 -35.73 -24.50 -5.23
C GLU B 59 -35.26 -23.42 -6.24
N PHE B 60 -34.24 -22.62 -5.88
CA PHE B 60 -33.76 -21.53 -6.73
C PHE B 60 -32.45 -21.74 -7.51
N GLY B 61 -31.61 -22.66 -7.04
CA GLY B 61 -30.34 -22.97 -7.70
C GLY B 61 -29.17 -22.13 -7.22
N HIS B 62 -29.46 -21.15 -6.34
CA HIS B 62 -28.47 -20.26 -5.73
C HIS B 62 -28.78 -20.10 -4.24
N SER B 63 -27.75 -19.73 -3.44
CA SER B 63 -27.92 -19.54 -2.01
C SER B 63 -28.57 -18.18 -1.75
N ILE B 64 -29.55 -18.16 -0.85
CA ILE B 64 -30.27 -16.95 -0.48
C ILE B 64 -29.57 -16.30 0.70
N ASN B 65 -29.14 -15.04 0.52
CA ASN B 65 -28.47 -14.26 1.55
C ASN B 65 -29.43 -13.78 2.63
N ASP B 66 -30.61 -13.28 2.23
CA ASP B 66 -31.62 -12.77 3.16
C ASP B 66 -32.96 -12.78 2.48
N TYR B 67 -34.00 -12.52 3.25
CA TYR B 67 -35.34 -12.47 2.74
C TYR B 67 -36.10 -11.35 3.43
N SER B 68 -37.21 -10.92 2.82
CA SER B 68 -38.07 -9.90 3.41
C SER B 68 -39.46 -10.22 2.97
N ILE B 69 -40.35 -10.52 3.92
CA ILE B 69 -41.73 -10.82 3.58
C ILE B 69 -42.49 -9.50 3.49
N SER B 70 -43.32 -9.35 2.44
CA SER B 70 -44.09 -8.11 2.29
C SER B 70 -44.99 -7.94 3.53
N PRO B 71 -45.28 -6.69 3.95
CA PRO B 71 -46.13 -6.49 5.15
C PRO B 71 -47.47 -7.20 5.13
N ASP B 72 -48.10 -7.38 3.96
CA ASP B 72 -49.38 -8.10 3.85
C ASP B 72 -49.22 -9.64 3.81
N GLY B 73 -47.97 -10.12 3.82
CA GLY B 73 -47.64 -11.54 3.81
C GLY B 73 -47.88 -12.29 2.50
N GLN B 74 -48.12 -11.56 1.40
CA GLN B 74 -48.40 -12.18 0.11
C GLN B 74 -47.19 -12.53 -0.73
N PHE B 75 -46.04 -11.88 -0.45
CA PHE B 75 -44.83 -12.05 -1.23
C PHE B 75 -43.61 -12.11 -0.36
N ILE B 76 -42.57 -12.75 -0.89
CA ILE B 76 -41.29 -12.81 -0.23
C ILE B 76 -40.26 -12.33 -1.18
N LEU B 77 -39.46 -11.38 -0.74
CA LEU B 77 -38.36 -10.85 -1.50
C LEU B 77 -37.11 -11.66 -1.11
N LEU B 78 -36.46 -12.24 -2.09
CA LEU B 78 -35.29 -13.10 -1.91
C LEU B 78 -34.07 -12.41 -2.41
N GLU B 79 -33.12 -12.22 -1.49
CA GLU B 79 -31.86 -11.55 -1.78
C GLU B 79 -30.76 -12.56 -2.03
N TYR B 80 -30.05 -12.40 -3.14
CA TYR B 80 -28.94 -13.29 -3.48
C TYR B 80 -27.85 -12.56 -4.24
N ASN B 81 -26.70 -13.23 -4.56
CA ASN B 81 -25.58 -12.58 -5.26
C ASN B 81 -25.13 -11.31 -4.50
N TYR B 82 -25.17 -11.39 -3.17
CA TYR B 82 -24.80 -10.28 -2.30
C TYR B 82 -23.32 -9.91 -2.54
N VAL B 83 -23.05 -8.62 -2.76
CA VAL B 83 -21.68 -8.10 -2.95
C VAL B 83 -21.55 -6.87 -2.05
N LYS B 84 -20.74 -6.96 -1.00
CA LYS B 84 -20.55 -5.86 -0.06
C LYS B 84 -19.90 -4.64 -0.70
N GLN B 85 -20.36 -3.41 -0.28
CA GLN B 85 -19.71 -2.18 -0.66
C GLN B 85 -19.06 -1.58 0.58
N TRP B 86 -19.69 -0.57 1.26
CA TRP B 86 -19.07 0.04 2.44
C TRP B 86 -19.62 -0.58 3.72
N ARG B 87 -19.81 0.21 4.81
CA ARG B 87 -20.28 -0.40 6.05
C ARG B 87 -21.69 -1.00 5.94
N HIS B 88 -22.57 -0.27 5.27
CA HIS B 88 -23.97 -0.64 5.12
C HIS B 88 -24.35 -0.99 3.71
N SER B 89 -23.72 -0.36 2.70
CA SER B 89 -24.07 -0.53 1.32
C SER B 89 -23.62 -1.88 0.73
N TYR B 90 -24.36 -2.35 -0.28
CA TYR B 90 -24.05 -3.59 -1.01
C TYR B 90 -24.95 -3.61 -2.20
N THR B 91 -24.66 -4.49 -3.18
CA THR B 91 -25.57 -4.68 -4.31
C THR B 91 -25.95 -6.16 -4.25
N ALA B 92 -27.05 -6.50 -4.92
CA ALA B 92 -27.53 -7.88 -4.89
C ALA B 92 -28.52 -8.05 -6.03
N SER B 93 -28.87 -9.33 -6.28
CA SER B 93 -29.93 -9.71 -7.19
C SER B 93 -31.12 -10.00 -6.32
N TYR B 94 -32.33 -9.86 -6.89
CA TYR B 94 -33.56 -10.10 -6.13
C TYR B 94 -34.57 -10.85 -6.96
N ASP B 95 -35.24 -11.77 -6.30
CA ASP B 95 -36.39 -12.50 -6.84
C ASP B 95 -37.55 -12.29 -5.91
N ILE B 96 -38.78 -12.27 -6.45
CA ILE B 96 -39.95 -12.16 -5.62
C ILE B 96 -40.73 -13.48 -5.83
N TYR B 97 -41.11 -14.11 -4.74
CA TYR B 97 -41.90 -15.33 -4.74
C TYR B 97 -43.31 -14.97 -4.27
N ASP B 98 -44.32 -15.39 -5.05
CA ASP B 98 -45.72 -15.13 -4.77
C ASP B 98 -46.21 -16.26 -3.88
N LEU B 99 -46.49 -15.94 -2.61
CA LEU B 99 -46.94 -16.92 -1.63
C LEU B 99 -48.36 -17.43 -1.86
N ASN B 100 -49.22 -16.64 -2.50
CA ASN B 100 -50.59 -17.05 -2.80
C ASN B 100 -50.69 -17.95 -4.01
N LYS B 101 -49.81 -17.75 -5.00
CA LYS B 101 -49.80 -18.56 -6.21
C LYS B 101 -48.77 -19.68 -6.12
N ARG B 102 -47.91 -19.65 -5.06
CA ARG B 102 -46.81 -20.56 -4.80
C ARG B 102 -45.94 -20.68 -6.04
N GLN B 103 -45.47 -19.53 -6.53
CA GLN B 103 -44.62 -19.52 -7.72
C GLN B 103 -43.67 -18.37 -7.70
N LEU B 104 -42.49 -18.57 -8.27
CA LEU B 104 -41.50 -17.51 -8.43
C LEU B 104 -41.98 -16.54 -9.52
N ILE B 105 -41.77 -15.23 -9.33
CA ILE B 105 -42.13 -14.24 -10.35
C ILE B 105 -40.89 -14.08 -11.23
N THR B 106 -41.03 -14.31 -12.53
CA THR B 106 -39.90 -14.27 -13.45
C THR B 106 -40.06 -13.14 -14.46
N GLU B 107 -41.12 -12.36 -14.31
CA GLU B 107 -41.39 -11.25 -15.25
C GLU B 107 -41.15 -9.92 -14.57
N GLU B 108 -40.61 -8.96 -15.35
CA GLU B 108 -40.38 -7.58 -14.84
C GLU B 108 -39.52 -7.63 -13.57
N ARG B 109 -38.51 -8.46 -13.60
CA ARG B 109 -37.66 -8.71 -12.45
C ARG B 109 -36.93 -7.46 -11.98
N ILE B 110 -36.61 -7.44 -10.70
CA ILE B 110 -35.75 -6.41 -10.12
C ILE B 110 -34.39 -6.66 -10.78
N PRO B 111 -33.70 -5.62 -11.29
CA PRO B 111 -32.45 -5.87 -12.02
C PRO B 111 -31.35 -6.43 -11.13
N ASN B 112 -30.35 -7.03 -11.75
CA ASN B 112 -29.16 -7.48 -11.04
C ASN B 112 -28.43 -6.19 -10.66
N ASN B 113 -27.51 -6.25 -9.68
CA ASN B 113 -26.75 -5.08 -9.23
C ASN B 113 -27.66 -4.02 -8.65
N THR B 114 -28.80 -4.43 -8.07
CA THR B 114 -29.70 -3.46 -7.43
C THR B 114 -28.99 -2.98 -6.15
N GLN B 115 -29.07 -1.68 -5.88
CA GLN B 115 -28.39 -1.04 -4.75
C GLN B 115 -29.19 -1.01 -3.49
N TRP B 116 -30.51 -0.93 -3.60
CA TRP B 116 -31.38 -0.92 -2.45
C TRP B 116 -32.76 -1.34 -2.86
N VAL B 117 -33.47 -2.08 -2.01
CA VAL B 117 -34.86 -2.45 -2.26
C VAL B 117 -35.60 -2.37 -0.93
N THR B 118 -36.85 -1.91 -0.99
CA THR B 118 -37.72 -1.92 0.19
C THR B 118 -39.18 -2.07 -0.15
N TRP B 119 -39.90 -2.87 0.65
CA TRP B 119 -41.34 -2.92 0.50
C TRP B 119 -41.90 -1.62 1.08
N SER B 120 -43.11 -1.24 0.67
CA SER B 120 -43.88 -0.18 1.32
C SER B 120 -44.22 -0.72 2.73
N PRO B 121 -44.56 0.14 3.71
CA PRO B 121 -44.81 -0.33 5.09
C PRO B 121 -46.11 -1.11 5.28
N VAL B 122 -47.01 -0.97 4.32
CA VAL B 122 -48.28 -1.71 4.25
C VAL B 122 -48.42 -2.21 2.81
N GLY B 123 -49.07 -3.34 2.64
CA GLY B 123 -49.27 -3.86 1.30
C GLY B 123 -48.05 -4.52 0.71
N HIS B 124 -47.80 -4.25 -0.57
CA HIS B 124 -46.71 -4.90 -1.30
C HIS B 124 -46.14 -4.10 -2.44
N LYS B 125 -46.11 -2.77 -2.29
CA LYS B 125 -45.43 -1.97 -3.31
C LYS B 125 -43.95 -2.14 -3.04
N LEU B 126 -43.13 -1.88 -4.04
CA LEU B 126 -41.67 -1.95 -3.88
C LEU B 126 -41.06 -0.69 -4.41
N ALA B 127 -39.95 -0.25 -3.80
CA ALA B 127 -39.15 0.82 -4.37
C ALA B 127 -37.75 0.27 -4.38
N TYR B 128 -37.03 0.51 -5.46
CA TYR B 128 -35.65 0.07 -5.53
C TYR B 128 -34.79 1.09 -6.21
N VAL B 129 -33.47 0.99 -5.99
CA VAL B 129 -32.51 1.88 -6.62
C VAL B 129 -31.56 1.03 -7.44
N TRP B 130 -31.42 1.39 -8.70
CA TRP B 130 -30.54 0.69 -9.65
C TRP B 130 -29.88 1.71 -10.52
N ASN B 131 -28.54 1.62 -10.63
CA ASN B 131 -27.74 2.59 -11.38
C ASN B 131 -28.04 4.03 -10.90
N ASN B 132 -28.19 4.20 -9.56
CA ASN B 132 -28.38 5.48 -8.90
C ASN B 132 -29.72 6.16 -9.17
N ASP B 133 -30.69 5.42 -9.76
CA ASP B 133 -32.04 5.93 -9.99
C ASP B 133 -33.07 5.11 -9.27
N ILE B 134 -34.19 5.78 -8.91
CA ILE B 134 -35.28 5.16 -8.18
C ILE B 134 -36.35 4.65 -9.13
N TYR B 135 -36.86 3.47 -8.78
CA TYR B 135 -37.92 2.77 -9.48
C TYR B 135 -38.96 2.32 -8.49
N VAL B 136 -40.23 2.33 -8.92
CA VAL B 136 -41.31 1.88 -8.06
C VAL B 136 -42.14 0.80 -8.77
N LYS B 137 -42.45 -0.31 -8.08
CA LYS B 137 -43.33 -1.34 -8.66
CA LYS B 137 -43.32 -1.37 -8.62
C LYS B 137 -44.58 -1.37 -7.78
N ILE B 138 -45.74 -1.20 -8.40
CA ILE B 138 -46.99 -1.21 -7.67
C ILE B 138 -47.38 -2.62 -7.33
N GLU B 139 -47.14 -3.54 -8.26
CA GLU B 139 -47.37 -4.97 -8.08
C GLU B 139 -46.09 -5.70 -8.46
N PRO B 140 -45.71 -6.77 -7.73
CA PRO B 140 -44.42 -7.43 -8.02
C PRO B 140 -44.19 -7.97 -9.43
N ASN B 141 -45.26 -8.30 -10.19
CA ASN B 141 -45.01 -8.84 -11.54
C ASN B 141 -45.22 -7.79 -12.65
N LEU B 142 -45.44 -6.53 -12.27
CA LEU B 142 -45.71 -5.44 -13.20
C LEU B 142 -44.50 -4.56 -13.49
N PRO B 143 -44.45 -3.91 -14.67
CA PRO B 143 -43.29 -3.05 -14.98
C PRO B 143 -43.11 -1.95 -13.95
N SER B 144 -41.85 -1.60 -13.70
CA SER B 144 -41.56 -0.54 -12.75
CA SER B 144 -41.52 -0.53 -12.77
C SER B 144 -41.73 0.83 -13.39
N TYR B 145 -42.02 1.80 -12.56
CA TYR B 145 -42.13 3.20 -12.96
C TYR B 145 -40.78 3.82 -12.59
N ARG B 146 -40.12 4.43 -13.56
CA ARG B 146 -38.85 5.10 -13.26
C ARG B 146 -39.13 6.47 -12.69
N ILE B 147 -38.67 6.70 -11.45
CA ILE B 147 -38.93 7.98 -10.77
C ILE B 147 -37.90 9.04 -11.14
N THR B 148 -36.60 8.66 -11.18
CA THR B 148 -35.55 9.63 -11.46
C THR B 148 -34.76 9.19 -12.65
N TRP B 149 -34.19 10.17 -13.36
CA TRP B 149 -33.44 9.93 -14.58
C TRP B 149 -32.06 10.60 -14.55
N THR B 150 -31.67 11.14 -13.40
CA THR B 150 -30.44 11.89 -13.23
C THR B 150 -29.29 11.11 -12.61
N GLY B 151 -29.57 9.88 -12.13
CA GLY B 151 -28.56 9.05 -11.47
C GLY B 151 -27.30 8.88 -12.29
N LYS B 152 -26.13 9.00 -11.66
CA LYS B 152 -24.89 8.87 -12.42
C LYS B 152 -23.83 8.43 -11.45
N GLU B 153 -23.19 7.28 -11.73
CA GLU B 153 -22.18 6.69 -10.85
C GLU B 153 -21.17 7.74 -10.34
N ASP B 154 -20.95 7.74 -9.00
CA ASP B 154 -20.02 8.65 -8.32
C ASP B 154 -20.39 10.13 -8.40
N ILE B 155 -21.59 10.47 -8.96
CA ILE B 155 -21.90 11.91 -9.14
C ILE B 155 -23.29 12.25 -8.58
N ILE B 156 -24.34 11.62 -9.11
CA ILE B 156 -25.71 11.88 -8.63
C ILE B 156 -26.26 10.60 -8.06
N TYR B 157 -26.71 10.67 -6.80
CA TYR B 157 -27.26 9.53 -6.07
C TYR B 157 -28.70 9.83 -5.72
N ASN B 158 -29.66 9.10 -6.32
CA ASN B 158 -31.07 9.29 -5.99
C ASN B 158 -31.52 8.12 -5.13
N GLY B 159 -31.98 8.38 -3.92
CA GLY B 159 -32.53 7.33 -3.06
C GLY B 159 -31.54 6.44 -2.35
N ILE B 160 -30.26 6.70 -2.55
CA ILE B 160 -29.17 6.05 -1.82
C ILE B 160 -28.20 7.14 -1.40
N THR B 161 -27.45 6.86 -0.33
CA THR B 161 -26.45 7.80 0.15
C THR B 161 -25.12 7.67 -0.57
N ASP B 162 -24.33 8.76 -0.53
CA ASP B 162 -22.95 8.71 -0.98
C ASP B 162 -22.11 8.20 0.21
N TRP B 163 -20.79 8.14 0.04
CA TRP B 163 -19.97 7.56 1.10
C TRP B 163 -20.16 8.22 2.48
N VAL B 164 -20.04 9.57 2.51
CA VAL B 164 -20.08 10.26 3.81
C VAL B 164 -21.47 10.25 4.45
N TYR B 165 -22.53 10.34 3.63
CA TYR B 165 -23.87 10.27 4.23
C TYR B 165 -24.18 8.87 4.76
N GLU B 166 -23.66 7.83 4.04
CA GLU B 166 -23.85 6.47 4.53
C GLU B 166 -23.14 6.27 5.87
N GLU B 167 -21.87 6.67 5.96
CA GLU B 167 -21.10 6.39 7.16
C GLU B 167 -21.46 7.28 8.34
N GLU B 168 -21.66 8.58 8.03
CA GLU B 168 -21.73 9.61 9.05
C GLU B 168 -23.06 10.21 9.40
N VAL B 169 -24.05 10.06 8.53
CA VAL B 169 -25.34 10.73 8.76
C VAL B 169 -26.47 9.75 8.96
N PHE B 170 -26.77 8.95 7.91
CA PHE B 170 -27.88 8.01 8.00
C PHE B 170 -27.57 6.62 8.52
N SER B 171 -26.26 6.24 8.61
CA SER B 171 -25.87 4.88 9.03
C SER B 171 -26.66 3.88 8.20
N ALA B 172 -26.80 4.17 6.91
CA ALA B 172 -27.56 3.35 5.97
C ALA B 172 -27.24 3.78 4.57
N TYR B 173 -27.41 2.86 3.63
CA TYR B 173 -27.24 3.17 2.23
C TYR B 173 -28.57 3.75 1.70
N SER B 174 -29.69 3.36 2.29
CA SER B 174 -31.02 3.85 1.86
CA SER B 174 -30.98 3.86 1.81
C SER B 174 -31.16 5.35 2.09
N ALA B 175 -31.78 6.00 1.15
CA ALA B 175 -32.18 7.41 1.30
C ALA B 175 -33.58 7.50 0.70
N LEU B 176 -34.42 6.52 1.07
CA LEU B 176 -35.83 6.38 0.64
C LEU B 176 -36.63 6.26 1.92
N TRP B 177 -37.76 6.99 2.02
CA TRP B 177 -38.62 6.92 3.20
C TRP B 177 -40.09 6.88 2.76
N TRP B 178 -40.69 5.71 2.84
CA TRP B 178 -42.10 5.58 2.48
C TRP B 178 -42.94 6.25 3.58
N SER B 179 -44.09 6.84 3.17
CA SER B 179 -45.05 7.38 4.12
C SER B 179 -45.73 6.19 4.81
N PRO B 180 -46.31 6.39 6.01
CA PRO B 180 -46.81 5.23 6.78
C PRO B 180 -47.73 4.23 6.07
N ASN B 181 -48.58 4.70 5.17
CA ASN B 181 -49.47 3.78 4.47
C ASN B 181 -49.03 3.52 3.02
N GLY B 182 -47.83 4.00 2.70
CA GLY B 182 -47.24 3.79 1.39
C GLY B 182 -47.71 4.69 0.27
N THR B 183 -48.53 5.74 0.53
CA THR B 183 -48.96 6.60 -0.57
C THR B 183 -47.78 7.34 -1.18
N PHE B 184 -46.97 7.95 -0.32
CA PHE B 184 -45.85 8.77 -0.76
C PHE B 184 -44.52 8.09 -0.57
N LEU B 185 -43.60 8.40 -1.47
CA LEU B 185 -42.21 7.93 -1.31
C LEU B 185 -41.36 9.20 -1.26
N ALA B 186 -40.70 9.44 -0.11
CA ALA B 186 -39.79 10.58 -0.01
C ALA B 186 -38.39 10.07 -0.28
N TYR B 187 -37.53 10.94 -0.83
CA TYR B 187 -36.16 10.53 -1.08
C TYR B 187 -35.24 11.71 -1.13
N ALA B 188 -33.97 11.45 -0.87
CA ALA B 188 -32.93 12.45 -0.98
C ALA B 188 -32.13 12.20 -2.22
N GLN B 189 -31.53 13.26 -2.72
CA GLN B 189 -30.65 13.21 -3.88
C GLN B 189 -29.35 13.88 -3.45
N PHE B 190 -28.21 13.20 -3.64
CA PHE B 190 -26.90 13.75 -3.29
C PHE B 190 -26.15 14.02 -4.55
N ASN B 191 -25.40 15.12 -4.54
CA ASN B 191 -24.63 15.52 -5.70
C ASN B 191 -23.18 15.68 -5.27
N ASP B 192 -22.32 14.77 -5.77
CA ASP B 192 -20.89 14.72 -5.39
C ASP B 192 -19.96 15.27 -6.47
N THR B 193 -20.51 16.02 -7.43
CA THR B 193 -19.73 16.55 -8.57
C THR B 193 -18.34 17.07 -8.20
N GLU B 194 -18.28 17.93 -7.18
CA GLU B 194 -17.01 18.60 -6.83
C GLU B 194 -16.31 18.02 -5.61
N VAL B 195 -16.79 16.86 -5.12
CA VAL B 195 -16.19 16.22 -3.96
C VAL B 195 -14.90 15.52 -4.45
N PRO B 196 -13.75 15.75 -3.80
CA PRO B 196 -12.52 15.10 -4.29
C PRO B 196 -12.60 13.58 -4.10
N LEU B 197 -11.79 12.88 -4.87
CA LEU B 197 -11.76 11.42 -4.79
C LEU B 197 -10.59 10.93 -3.97
N ILE B 198 -10.86 9.95 -3.10
CA ILE B 198 -9.79 9.21 -2.46
C ILE B 198 -9.47 8.09 -3.45
N GLU B 199 -8.17 7.85 -3.71
CA GLU B 199 -7.79 6.79 -4.67
C GLU B 199 -6.84 5.85 -3.96
N TYR B 200 -7.06 4.55 -4.15
CA TYR B 200 -6.15 3.58 -3.55
C TYR B 200 -6.15 2.34 -4.43
N SER B 201 -5.08 1.54 -4.32
CA SER B 201 -4.99 0.32 -5.12
C SER B 201 -5.76 -0.83 -4.51
N PHE B 202 -6.29 -1.69 -5.41
CA PHE B 202 -6.96 -2.93 -5.00
C PHE B 202 -6.31 -4.01 -5.86
N TYR B 203 -5.72 -5.00 -5.19
CA TYR B 203 -4.87 -6.01 -5.85
C TYR B 203 -5.63 -7.18 -6.43
N SER B 204 -6.74 -7.56 -5.77
CA SER B 204 -7.63 -8.64 -6.20
C SER B 204 -6.93 -9.99 -6.21
N ASP B 205 -7.52 -10.99 -6.90
CA ASP B 205 -6.90 -12.31 -6.94
CA ASP B 205 -6.96 -12.33 -7.06
C ASP B 205 -5.57 -12.23 -7.68
N GLU B 206 -4.70 -13.17 -7.36
CA GLU B 206 -3.35 -13.12 -7.94
C GLU B 206 -3.32 -13.14 -9.48
N SER B 207 -4.41 -13.63 -10.09
CA SER B 207 -4.52 -13.65 -11.55
C SER B 207 -4.62 -12.23 -12.17
N LEU B 208 -4.97 -11.18 -11.37
CA LEU B 208 -5.09 -9.82 -11.89
C LEU B 208 -3.69 -9.24 -12.13
N GLN B 209 -3.36 -9.02 -13.42
CA GLN B 209 -1.99 -8.61 -13.74
C GLN B 209 -1.67 -7.17 -13.29
N TYR B 210 -2.61 -6.23 -13.50
CA TYR B 210 -2.41 -4.84 -13.08
C TYR B 210 -3.37 -4.51 -11.96
N PRO B 211 -2.89 -3.99 -10.83
CA PRO B 211 -3.82 -3.60 -9.74
C PRO B 211 -4.84 -2.57 -10.26
N LYS B 212 -6.02 -2.57 -9.62
CA LYS B 212 -7.11 -1.62 -9.94
C LYS B 212 -6.99 -0.41 -9.03
N THR B 213 -7.29 0.78 -9.52
CA THR B 213 -7.31 1.94 -8.63
C THR B 213 -8.79 2.21 -8.33
N VAL B 214 -9.14 2.13 -7.05
CA VAL B 214 -10.50 2.40 -6.58
C VAL B 214 -10.56 3.93 -6.36
N ARG B 215 -11.63 4.60 -6.84
CA ARG B 215 -11.77 6.07 -6.71
C ARG B 215 -13.13 6.35 -6.09
N VAL B 216 -13.13 6.93 -4.89
CA VAL B 216 -14.39 7.14 -4.16
C VAL B 216 -14.53 8.64 -3.83
N PRO B 217 -15.67 9.29 -4.14
CA PRO B 217 -15.85 10.70 -3.70
C PRO B 217 -15.97 10.68 -2.18
N TYR B 218 -15.00 11.33 -1.54
CA TYR B 218 -14.86 11.31 -0.10
C TYR B 218 -14.36 12.69 0.29
N PRO B 219 -15.16 13.44 1.07
CA PRO B 219 -14.70 14.76 1.51
C PRO B 219 -13.91 14.65 2.81
N LYS B 220 -12.61 14.99 2.76
CA LYS B 220 -11.79 15.03 3.96
C LYS B 220 -12.09 16.39 4.66
N ALA B 221 -11.64 16.56 5.90
CA ALA B 221 -11.96 17.77 6.68
C ALA B 221 -11.67 19.05 5.89
N GLY B 222 -12.68 19.91 5.83
CA GLY B 222 -12.55 21.17 5.11
C GLY B 222 -12.70 21.11 3.61
N ALA B 223 -12.85 19.90 2.99
CA ALA B 223 -12.97 19.81 1.54
C ALA B 223 -14.40 20.10 1.08
N VAL B 224 -14.62 20.17 -0.22
CA VAL B 224 -15.96 20.39 -0.80
C VAL B 224 -16.83 19.18 -0.44
N ASN B 225 -18.00 19.46 0.14
CA ASN B 225 -18.92 18.43 0.55
C ASN B 225 -19.96 18.14 -0.55
N PRO B 226 -20.66 16.99 -0.47
CA PRO B 226 -21.79 16.77 -1.37
C PRO B 226 -22.90 17.76 -1.01
N THR B 227 -23.73 18.07 -2.01
CA THR B 227 -24.93 18.89 -1.78
C THR B 227 -26.14 17.93 -1.75
N VAL B 228 -27.25 18.38 -1.14
CA VAL B 228 -28.41 17.53 -0.99
C VAL B 228 -29.70 18.25 -1.39
N LYS B 229 -30.61 17.49 -1.97
CA LYS B 229 -31.98 17.94 -2.28
C LYS B 229 -32.93 16.87 -1.78
N PHE B 230 -34.15 17.27 -1.48
CA PHE B 230 -35.16 16.38 -0.94
C PHE B 230 -36.43 16.43 -1.77
N PHE B 231 -37.03 15.26 -2.02
CA PHE B 231 -38.24 15.17 -2.86
C PHE B 231 -39.26 14.20 -2.33
N VAL B 232 -40.53 14.40 -2.71
CA VAL B 232 -41.60 13.49 -2.36
C VAL B 232 -42.40 13.19 -3.61
N VAL B 233 -42.65 11.92 -3.88
CA VAL B 233 -43.46 11.53 -5.03
C VAL B 233 -44.72 10.78 -4.54
N ASN B 234 -45.87 11.05 -5.18
CA ASN B 234 -47.11 10.33 -4.84
C ASN B 234 -47.11 9.05 -5.71
N THR B 235 -47.00 7.87 -5.07
CA THR B 235 -46.93 6.62 -5.83
C THR B 235 -48.30 6.10 -6.30
N ASP B 236 -49.38 6.73 -5.84
CA ASP B 236 -50.77 6.39 -6.22
C ASP B 236 -51.18 7.13 -7.50
N SER B 237 -50.36 8.05 -7.99
CA SER B 237 -50.71 8.78 -9.21
C SER B 237 -49.63 8.69 -10.30
N LEU B 238 -48.97 7.52 -10.39
CA LEU B 238 -47.96 7.28 -11.41
C LEU B 238 -48.63 6.87 -12.71
N SER B 239 -48.03 7.27 -13.83
CA SER B 239 -48.56 7.00 -15.15
C SER B 239 -47.59 6.19 -15.97
N SER B 240 -48.13 5.33 -16.86
CA SER B 240 -47.33 4.53 -17.78
C SER B 240 -47.02 5.40 -19.02
N VAL B 241 -47.73 6.53 -19.16
CA VAL B 241 -47.63 7.45 -20.31
C VAL B 241 -46.68 8.62 -20.08
N THR B 242 -46.71 9.22 -18.88
CA THR B 242 -45.87 10.38 -18.57
C THR B 242 -44.87 10.09 -17.46
N ASN B 243 -43.79 10.89 -17.39
CA ASN B 243 -42.81 10.79 -16.31
C ASN B 243 -43.39 11.26 -14.96
N ALA B 244 -42.87 10.70 -13.86
CA ALA B 244 -43.36 11.00 -12.52
C ALA B 244 -43.00 12.40 -12.07
N THR B 245 -43.90 13.06 -11.34
CA THR B 245 -43.62 14.39 -10.81
C THR B 245 -43.16 14.28 -9.35
N SER B 246 -41.90 14.61 -9.08
CA SER B 246 -41.39 14.64 -7.72
C SER B 246 -41.51 16.08 -7.22
N ILE B 247 -42.02 16.25 -6.02
CA ILE B 247 -42.18 17.58 -5.43
C ILE B 247 -40.99 17.84 -4.53
N GLN B 248 -40.26 18.93 -4.80
CA GLN B 248 -39.11 19.24 -3.98
C GLN B 248 -39.51 19.95 -2.70
N ILE B 249 -38.83 19.61 -1.61
CA ILE B 249 -38.96 20.30 -0.34
C ILE B 249 -37.58 20.89 -0.12
N THR B 250 -37.49 22.24 -0.09
CA THR B 250 -36.22 22.91 0.10
C THR B 250 -35.90 23.12 1.56
N ALA B 251 -34.59 23.22 1.87
CA ALA B 251 -34.15 23.51 3.20
C ALA B 251 -34.57 24.97 3.56
N PRO B 252 -34.75 25.27 4.84
CA PRO B 252 -35.01 26.67 5.24
C PRO B 252 -33.83 27.56 4.88
N ALA B 253 -34.08 28.86 4.64
CA ALA B 253 -32.97 29.76 4.27
C ALA B 253 -31.85 29.87 5.29
N SER B 254 -32.12 29.61 6.59
CA SER B 254 -31.10 29.62 7.65
C SER B 254 -30.03 28.53 7.37
N MET B 255 -30.40 27.55 6.53
CA MET B 255 -29.49 26.46 6.10
C MET B 255 -28.87 26.78 4.77
N LEU B 256 -29.66 27.32 3.83
CA LEU B 256 -29.22 27.68 2.48
C LEU B 256 -28.13 28.75 2.41
N ILE B 257 -27.92 29.51 3.50
CA ILE B 257 -26.86 30.54 3.56
C ILE B 257 -25.43 29.97 3.43
N GLY B 258 -25.28 28.67 3.70
CA GLY B 258 -23.96 28.05 3.58
C GLY B 258 -24.09 26.55 3.44
N ASP B 259 -22.99 25.85 3.65
CA ASP B 259 -23.04 24.38 3.57
C ASP B 259 -23.89 23.81 4.67
N HIS B 260 -24.63 22.73 4.36
CA HIS B 260 -25.48 22.10 5.35
C HIS B 260 -25.68 20.63 5.01
N TYR B 261 -26.38 19.93 5.88
CA TYR B 261 -26.73 18.52 5.70
C TYR B 261 -28.18 18.29 5.96
N LEU B 262 -28.74 17.26 5.30
CA LEU B 262 -30.05 16.71 5.69
C LEU B 262 -29.71 15.65 6.73
N CYS B 263 -30.25 15.73 7.95
CA CYS B 263 -29.82 14.79 9.01
C CYS B 263 -30.86 13.86 9.58
N ASP B 264 -32.17 14.12 9.33
CA ASP B 264 -33.23 13.25 9.80
C ASP B 264 -34.41 13.41 8.90
N VAL B 265 -35.09 12.30 8.61
CA VAL B 265 -36.34 12.30 7.86
C VAL B 265 -37.27 11.43 8.68
N THR B 266 -38.41 11.99 9.18
CA THR B 266 -39.35 11.19 9.95
C THR B 266 -40.77 11.54 9.54
N TRP B 267 -41.53 10.57 9.05
CA TRP B 267 -42.95 10.80 8.73
C TRP B 267 -43.73 10.93 10.05
N ALA B 268 -44.62 11.93 10.14
CA ALA B 268 -45.43 12.19 11.33
C ALA B 268 -46.82 11.57 11.15
N THR B 269 -47.43 11.72 9.98
CA THR B 269 -48.75 11.18 9.64
C THR B 269 -48.75 10.79 8.18
N GLN B 270 -49.93 10.42 7.63
CA GLN B 270 -50.00 10.08 6.21
C GLN B 270 -49.70 11.27 5.31
N GLU B 271 -49.87 12.52 5.85
CA GLU B 271 -49.72 13.72 5.04
C GLU B 271 -48.81 14.77 5.66
N ARG B 272 -47.95 14.36 6.60
CA ARG B 272 -47.06 15.27 7.27
C ARG B 272 -45.72 14.59 7.46
N ILE B 273 -44.67 15.26 7.01
CA ILE B 273 -43.30 14.78 7.16
C ILE B 273 -42.46 15.81 7.91
N SER B 274 -41.53 15.34 8.73
CA SER B 274 -40.60 16.24 9.40
C SER B 274 -39.19 15.94 8.86
N LEU B 275 -38.43 17.00 8.71
CA LEU B 275 -37.05 16.92 8.25
C LEU B 275 -36.22 17.73 9.20
N GLN B 276 -35.01 17.24 9.48
CA GLN B 276 -34.06 18.02 10.27
C GLN B 276 -32.86 18.28 9.41
N TRP B 277 -32.40 19.52 9.44
CA TRP B 277 -31.25 20.01 8.68
C TRP B 277 -30.21 20.47 9.68
N LEU B 278 -28.92 20.33 9.32
CA LEU B 278 -27.84 20.67 10.22
C LEU B 278 -26.83 21.51 9.48
N ARG B 279 -26.37 22.62 10.07
CA ARG B 279 -25.37 23.41 9.38
C ARG B 279 -24.04 22.63 9.37
N ARG B 280 -23.17 22.94 8.40
CA ARG B 280 -21.84 22.31 8.32
C ARG B 280 -21.05 22.56 9.63
N ILE B 281 -21.25 23.76 10.27
CA ILE B 281 -20.74 23.98 11.62
C ILE B 281 -21.93 23.45 12.45
N GLN B 282 -21.75 22.25 12.99
CA GLN B 282 -22.78 21.39 13.55
C GLN B 282 -23.31 21.71 14.93
N ASN B 283 -23.47 23.00 15.22
CA ASN B 283 -24.04 23.38 16.52
C ASN B 283 -25.35 24.12 16.32
N TYR B 284 -25.94 24.00 15.13
CA TYR B 284 -27.20 24.66 14.78
C TYR B 284 -27.98 23.75 13.86
N SER B 285 -29.21 23.41 14.26
CA SER B 285 -30.06 22.56 13.44
CA SER B 285 -30.06 22.52 13.48
C SER B 285 -31.48 23.10 13.44
N VAL B 286 -32.22 22.78 12.38
CA VAL B 286 -33.63 23.22 12.21
CA VAL B 286 -33.62 23.20 12.26
C VAL B 286 -34.49 22.05 11.80
N MET B 287 -35.64 21.87 12.44
CA MET B 287 -36.63 20.87 12.06
C MET B 287 -37.73 21.60 11.33
N ASP B 288 -38.13 21.10 10.16
CA ASP B 288 -39.23 21.64 9.39
C ASP B 288 -40.31 20.61 9.44
N ILE B 289 -41.57 21.06 9.50
CA ILE B 289 -42.74 20.17 9.51
C ILE B 289 -43.54 20.53 8.29
N CYS B 290 -43.71 19.56 7.37
CA CYS B 290 -44.27 19.82 6.06
C CYS B 290 -45.52 19.05 5.81
N ASP B 291 -46.59 19.75 5.37
CA ASP B 291 -47.89 19.15 5.11
C ASP B 291 -48.23 19.07 3.65
N TYR B 292 -48.89 17.98 3.26
CA TYR B 292 -49.34 17.82 1.90
C TYR B 292 -50.51 18.79 1.67
N ASP B 293 -50.49 19.45 0.51
CA ASP B 293 -51.54 20.40 0.12
C ASP B 293 -52.34 19.81 -1.04
N GLU B 294 -53.58 19.35 -0.78
CA GLU B 294 -54.47 18.78 -1.81
C GLU B 294 -54.73 19.74 -2.98
N SER B 295 -54.76 21.05 -2.71
CA SER B 295 -55.05 22.08 -3.71
C SER B 295 -53.91 22.37 -4.72
N SER B 296 -52.64 22.12 -4.34
CA SER B 296 -51.50 22.35 -5.23
C SER B 296 -50.77 21.05 -5.57
N GLY B 297 -50.94 20.03 -4.72
CA GLY B 297 -50.24 18.74 -4.85
C GLY B 297 -48.82 18.86 -4.35
N ARG B 298 -48.50 19.98 -3.63
CA ARG B 298 -47.19 20.29 -3.08
C ARG B 298 -47.14 20.09 -1.57
N TRP B 299 -45.97 20.35 -0.99
CA TRP B 299 -45.71 20.18 0.43
C TRP B 299 -45.35 21.52 1.02
N ASN B 300 -46.12 21.97 2.02
CA ASN B 300 -45.90 23.27 2.63
C ASN B 300 -45.25 23.13 3.99
N CYS B 301 -44.06 23.72 4.16
CA CYS B 301 -43.36 23.66 5.43
C CYS B 301 -43.61 25.00 6.11
N LEU B 302 -44.65 25.08 6.97
CA LEU B 302 -44.96 26.37 7.61
C LEU B 302 -43.81 26.88 8.47
N VAL B 303 -43.39 28.12 8.22
CA VAL B 303 -42.31 28.74 8.98
C VAL B 303 -42.63 28.76 10.48
N ALA B 304 -43.92 28.92 10.84
CA ALA B 304 -44.37 28.93 12.23
C ALA B 304 -44.16 27.59 12.92
N ARG B 305 -43.91 26.50 12.14
CA ARG B 305 -43.73 25.16 12.69
C ARG B 305 -42.27 24.75 12.80
N GLN B 306 -41.33 25.64 12.47
CA GLN B 306 -39.91 25.33 12.59
C GLN B 306 -39.46 25.25 14.03
N HIS B 307 -38.54 24.33 14.31
CA HIS B 307 -37.97 24.17 15.61
C HIS B 307 -36.47 24.22 15.50
N ILE B 308 -35.87 25.16 16.19
CA ILE B 308 -34.40 25.31 16.18
C ILE B 308 -33.78 24.55 17.36
N GLU B 309 -32.64 23.89 17.11
CA GLU B 309 -31.90 23.22 18.19
C GLU B 309 -30.47 23.66 18.01
N MET B 310 -29.89 24.26 19.04
CA MET B 310 -28.51 24.71 18.98
C MET B 310 -27.73 24.31 20.22
N SER B 311 -26.40 24.36 20.12
CA SER B 311 -25.55 24.00 21.23
C SER B 311 -24.55 25.08 21.40
N THR B 312 -24.39 25.54 22.66
CA THR B 312 -23.40 26.59 22.92
C THR B 312 -22.08 25.97 23.40
N THR B 313 -22.10 24.70 23.85
CA THR B 313 -20.91 24.03 24.42
C THR B 313 -20.29 22.99 23.49
N GLY B 314 -21.01 22.63 22.44
CA GLY B 314 -20.50 21.60 21.53
C GLY B 314 -21.31 21.49 20.28
N TRP B 315 -21.62 20.25 19.87
CA TRP B 315 -22.37 20.00 18.67
C TRP B 315 -23.79 19.62 19.07
N VAL B 316 -24.70 19.47 18.09
CA VAL B 316 -26.08 19.07 18.38
C VAL B 316 -26.22 17.54 18.31
N GLY B 317 -26.77 16.96 19.38
CA GLY B 317 -27.05 15.53 19.46
C GLY B 317 -25.83 14.72 19.85
N ARG B 318 -26.01 13.44 20.10
CA ARG B 318 -24.86 12.59 20.45
C ARG B 318 -23.93 12.50 19.25
N PHE B 319 -24.47 12.12 18.09
CA PHE B 319 -23.75 12.08 16.82
C PHE B 319 -24.51 12.90 15.78
N ARG B 320 -25.79 13.17 16.05
CA ARG B 320 -26.61 14.01 15.18
C ARG B 320 -27.88 14.36 15.96
N PRO B 321 -28.65 15.36 15.49
CA PRO B 321 -29.91 15.70 16.18
C PRO B 321 -30.78 14.45 16.31
N SER B 322 -31.47 14.32 17.47
CA SER B 322 -32.29 13.15 17.75
C SER B 322 -33.56 13.08 16.90
N GLU B 323 -34.15 11.90 16.80
CA GLU B 323 -35.33 11.71 15.99
C GLU B 323 -36.58 12.08 16.79
N PRO B 324 -37.58 12.72 16.15
CA PRO B 324 -38.81 13.02 16.89
C PRO B 324 -39.73 11.79 16.89
N HIS B 325 -40.59 11.67 17.94
CA HIS B 325 -41.57 10.60 17.98
C HIS B 325 -42.94 11.26 18.07
N PHE B 326 -43.69 11.23 16.96
CA PHE B 326 -44.97 11.95 16.88
C PHE B 326 -46.11 11.21 17.49
N THR B 327 -47.05 11.99 18.09
CA THR B 327 -48.29 11.39 18.59
C THR B 327 -49.09 11.01 17.35
N LEU B 328 -50.10 10.14 17.50
CA LEU B 328 -50.89 9.68 16.36
C LEU B 328 -51.44 10.79 15.45
N ASP B 329 -51.97 11.88 16.03
CA ASP B 329 -52.51 13.00 15.25
C ASP B 329 -51.43 13.87 14.58
N GLY B 330 -50.17 13.67 14.97
CA GLY B 330 -49.05 14.42 14.43
C GLY B 330 -48.95 15.85 14.91
N ASN B 331 -49.75 16.25 15.92
CA ASN B 331 -49.74 17.63 16.40
C ASN B 331 -48.75 17.91 17.51
N SER B 332 -48.10 16.86 17.99
CA SER B 332 -47.11 17.01 19.04
C SER B 332 -46.11 15.86 18.88
N PHE B 333 -44.96 16.01 19.51
CA PHE B 333 -43.91 15.00 19.41
C PHE B 333 -42.99 15.04 20.60
N TYR B 334 -42.30 13.91 20.84
CA TYR B 334 -41.36 13.74 21.94
C TYR B 334 -39.98 13.59 21.33
N LYS B 335 -38.98 14.22 21.92
CA LYS B 335 -37.62 14.21 21.37
C LYS B 335 -36.60 14.33 22.49
N ILE B 336 -35.49 13.60 22.36
CA ILE B 336 -34.43 13.70 23.37
C ILE B 336 -33.60 14.94 23.08
N ILE B 337 -33.45 15.80 24.09
CA ILE B 337 -32.76 17.09 24.02
C ILE B 337 -31.89 17.23 25.26
N SER B 338 -30.73 17.90 25.12
CA SER B 338 -29.87 18.20 26.26
C SER B 338 -30.55 19.30 27.09
N ASN B 339 -30.78 19.06 28.37
CA ASN B 339 -31.43 20.05 29.26
C ASN B 339 -30.44 21.15 29.71
N GLU B 340 -30.89 22.06 30.60
CA GLU B 340 -30.07 23.18 31.09
C GLU B 340 -28.80 22.72 31.83
N GLU B 341 -28.85 21.53 32.47
CA GLU B 341 -27.72 20.94 33.19
C GLU B 341 -26.81 20.10 32.26
N GLY B 342 -27.18 20.00 30.99
CA GLY B 342 -26.41 19.22 30.02
C GLY B 342 -26.73 17.74 29.96
N TYR B 343 -27.84 17.31 30.59
CA TYR B 343 -28.28 15.91 30.54
C TYR B 343 -29.37 15.71 29.50
N ARG B 344 -29.23 14.61 28.71
CA ARG B 344 -30.19 14.34 27.65
C ARG B 344 -31.43 13.70 28.19
N HIS B 345 -32.56 14.40 28.03
CA HIS B 345 -33.85 13.99 28.57
C HIS B 345 -34.95 14.16 27.55
N ILE B 346 -36.15 13.58 27.83
CA ILE B 346 -37.25 13.65 26.87
C ILE B 346 -37.98 14.97 27.00
N CYS B 347 -38.14 15.70 25.88
CA CYS B 347 -38.85 16.98 25.79
C CYS B 347 -40.14 16.74 25.00
N TYR B 348 -41.24 17.44 25.37
CA TYR B 348 -42.53 17.33 24.69
C TYR B 348 -42.78 18.64 23.97
N PHE B 349 -43.05 18.56 22.67
CA PHE B 349 -43.28 19.72 21.83
C PHE B 349 -44.65 19.71 21.22
N GLN B 350 -45.24 20.90 20.98
CA GLN B 350 -46.45 21.08 20.18
C GLN B 350 -45.90 21.63 18.87
N ILE B 351 -46.40 21.17 17.71
CA ILE B 351 -45.81 21.56 16.43
C ILE B 351 -45.72 23.06 16.14
N ASP B 352 -46.70 23.85 16.66
CA ASP B 352 -46.80 25.30 16.46
C ASP B 352 -46.21 26.13 17.61
N LYS B 353 -45.62 25.48 18.64
CA LYS B 353 -45.07 26.16 19.81
C LYS B 353 -43.56 25.99 19.91
N LYS B 354 -42.83 27.08 20.18
CA LYS B 354 -41.37 27.03 20.26
C LYS B 354 -40.79 26.37 21.49
N ASP B 355 -41.35 26.63 22.66
CA ASP B 355 -40.77 26.02 23.86
C ASP B 355 -41.30 24.61 24.09
N CYS B 356 -40.40 23.72 24.54
CA CYS B 356 -40.79 22.35 24.88
C CYS B 356 -40.78 22.17 26.38
N THR B 357 -41.43 21.10 26.85
CA THR B 357 -41.50 20.79 28.26
C THR B 357 -40.76 19.47 28.50
N PHE B 358 -39.78 19.48 29.42
CA PHE B 358 -39.07 18.25 29.78
C PHE B 358 -39.97 17.38 30.61
N ILE B 359 -40.06 16.09 30.24
CA ILE B 359 -40.91 15.12 30.94
C ILE B 359 -40.09 14.22 31.86
N THR B 360 -38.74 14.20 31.67
CA THR B 360 -37.79 13.49 32.51
C THR B 360 -36.69 14.48 32.90
N LYS B 361 -36.01 14.21 34.01
CA LYS B 361 -34.88 15.03 34.52
C LYS B 361 -34.05 14.19 35.46
N GLY B 362 -32.83 14.63 35.76
CA GLY B 362 -31.94 13.90 36.66
C GLY B 362 -30.52 13.80 36.12
N THR B 363 -29.56 13.40 36.99
CA THR B 363 -28.14 13.29 36.59
C THR B 363 -27.92 11.90 36.03
N TRP B 364 -28.57 11.64 34.90
CA TRP B 364 -28.53 10.40 34.13
C TRP B 364 -29.12 10.75 32.77
N GLU B 365 -29.10 9.81 31.81
CA GLU B 365 -29.65 10.20 30.50
C GLU B 365 -30.57 9.19 29.88
N VAL B 366 -31.47 9.70 29.02
CA VAL B 366 -32.37 8.86 28.23
C VAL B 366 -31.51 8.47 27.01
N ILE B 367 -31.47 7.17 26.75
CA ILE B 367 -30.71 6.60 25.62
C ILE B 367 -31.53 6.66 24.35
N GLY B 368 -32.80 6.26 24.45
CA GLY B 368 -33.69 6.28 23.30
C GLY B 368 -35.14 6.17 23.70
N ILE B 369 -36.02 6.71 22.86
CA ILE B 369 -37.49 6.56 23.01
C ILE B 369 -37.82 5.35 22.17
N GLU B 370 -38.48 4.36 22.78
CA GLU B 370 -38.73 3.06 22.13
C GLU B 370 -40.12 2.83 21.59
N ALA B 371 -41.13 3.45 22.21
CA ALA B 371 -42.51 3.27 21.76
C ALA B 371 -43.36 4.37 22.35
N LEU B 372 -44.45 4.71 21.65
CA LEU B 372 -45.34 5.75 22.11
C LEU B 372 -46.75 5.29 21.83
N THR B 373 -47.57 5.21 22.90
CA THR B 373 -48.98 4.85 22.76
C THR B 373 -49.78 6.09 23.20
N SER B 374 -51.14 6.01 23.20
CA SER B 374 -51.95 7.15 23.65
C SER B 374 -51.79 7.40 25.16
N ASP B 375 -51.39 6.38 25.94
CA ASP B 375 -51.27 6.55 27.39
C ASP B 375 -49.86 6.55 27.91
N TYR B 376 -48.92 5.92 27.17
CA TYR B 376 -47.57 5.79 27.72
C TYR B 376 -46.47 6.09 26.73
N LEU B 377 -45.33 6.50 27.27
CA LEU B 377 -44.11 6.62 26.47
C LEU B 377 -43.11 5.64 27.10
N TYR B 378 -42.48 4.82 26.26
CA TYR B 378 -41.52 3.81 26.72
C TYR B 378 -40.16 4.26 26.28
N TYR B 379 -39.18 4.18 27.19
CA TYR B 379 -37.82 4.63 26.88
C TYR B 379 -36.79 3.81 27.60
N ILE B 380 -35.53 3.85 27.09
CA ILE B 380 -34.39 3.19 27.74
C ILE B 380 -33.56 4.30 28.38
N SER B 381 -33.05 4.11 29.61
CA SER B 381 -32.17 5.10 30.22
C SER B 381 -31.13 4.39 31.05
N ASN B 382 -30.14 5.12 31.55
CA ASN B 382 -29.16 4.53 32.45
C ASN B 382 -29.39 5.06 33.87
N GLU B 383 -30.65 5.35 34.22
CA GLU B 383 -30.94 5.87 35.55
C GLU B 383 -30.62 4.88 36.67
N TYR B 384 -30.98 3.59 36.48
CA TYR B 384 -30.87 2.57 37.51
C TYR B 384 -29.53 2.50 38.21
N LYS B 385 -29.55 2.64 39.55
CA LYS B 385 -28.36 2.59 40.41
C LYS B 385 -27.27 3.64 40.07
N GLY B 386 -27.62 4.66 39.29
CA GLY B 386 -26.70 5.70 38.84
C GLY B 386 -25.53 5.16 38.01
N MET B 387 -25.75 4.03 37.32
CA MET B 387 -24.73 3.34 36.53
C MET B 387 -24.84 3.74 35.04
N PRO B 388 -23.93 4.60 34.54
CA PRO B 388 -24.08 5.07 33.15
C PRO B 388 -23.95 3.97 32.12
N GLY B 389 -23.32 2.87 32.50
CA GLY B 389 -23.11 1.72 31.62
C GLY B 389 -24.15 0.62 31.73
N GLY B 390 -25.26 0.93 32.39
CA GLY B 390 -26.40 0.02 32.50
C GLY B 390 -27.52 0.55 31.63
N ARG B 391 -28.48 -0.31 31.28
CA ARG B 391 -29.60 0.11 30.44
C ARG B 391 -30.85 -0.59 30.92
N ASN B 392 -31.94 0.18 31.09
CA ASN B 392 -33.23 -0.38 31.49
C ASN B 392 -34.39 0.29 30.78
N LEU B 393 -35.51 -0.45 30.65
CA LEU B 393 -36.74 0.04 30.01
C LEU B 393 -37.65 0.63 31.09
N TYR B 394 -38.17 1.82 30.81
CA TYR B 394 -39.11 2.51 31.71
C TYR B 394 -40.33 2.89 30.91
N LYS B 395 -41.44 3.13 31.62
CA LYS B 395 -42.60 3.66 30.97
C LYS B 395 -43.06 4.84 31.79
N ILE B 396 -43.55 5.87 31.09
CA ILE B 396 -44.06 7.07 31.75
CA ILE B 396 -44.04 7.08 31.75
C ILE B 396 -45.47 7.37 31.31
N GLN B 397 -46.35 7.68 32.29
CA GLN B 397 -47.74 8.02 31.97
C GLN B 397 -47.70 9.42 31.37
N LEU B 398 -48.33 9.60 30.21
CA LEU B 398 -48.36 10.88 29.50
C LEU B 398 -49.16 11.95 30.25
N ILE B 399 -50.07 11.53 31.13
CA ILE B 399 -50.95 12.41 31.92
C ILE B 399 -50.40 12.78 33.31
N ASP B 400 -49.28 12.15 33.75
CA ASP B 400 -48.61 12.42 35.03
C ASP B 400 -47.16 11.93 34.96
N TYR B 401 -46.20 12.87 34.79
CA TYR B 401 -44.76 12.58 34.63
C TYR B 401 -44.05 12.01 35.85
N THR B 402 -44.68 12.11 37.04
CA THR B 402 -44.08 11.53 38.25
C THR B 402 -44.35 10.02 38.26
N LYS B 403 -45.29 9.56 37.41
CA LYS B 403 -45.67 8.14 37.33
C LYS B 403 -44.77 7.42 36.32
N VAL B 404 -43.56 7.06 36.78
CA VAL B 404 -42.53 6.35 36.03
C VAL B 404 -42.40 4.95 36.60
N THR B 405 -42.45 3.93 35.74
CA THR B 405 -42.28 2.56 36.20
C THR B 405 -41.06 1.95 35.50
N CYS B 406 -40.18 1.27 36.24
CA CYS B 406 -39.09 0.56 35.56
C CYS B 406 -39.56 -0.83 35.27
N LEU B 407 -39.58 -1.18 33.99
CA LEU B 407 -40.09 -2.47 33.52
C LEU B 407 -39.08 -3.60 33.57
N SER B 408 -37.79 -3.27 33.56
CA SER B 408 -36.76 -4.30 33.49
C SER B 408 -35.80 -4.38 34.68
N CYS B 409 -35.66 -3.29 35.47
CA CYS B 409 -34.71 -3.15 36.60
C CYS B 409 -34.61 -4.37 37.51
N GLU B 410 -35.76 -4.86 37.97
CA GLU B 410 -35.85 -5.94 38.95
C GLU B 410 -36.17 -7.32 38.44
N LEU B 411 -36.27 -7.51 37.11
CA LEU B 411 -36.55 -8.85 36.59
C LEU B 411 -35.51 -9.88 37.03
N ASN B 412 -34.22 -9.53 36.91
CA ASN B 412 -33.12 -10.39 37.36
C ASN B 412 -31.92 -9.49 37.53
N PRO B 413 -31.88 -8.72 38.65
CA PRO B 413 -30.82 -7.72 38.84
C PRO B 413 -29.38 -8.18 38.87
N GLU B 414 -29.10 -9.44 39.24
CA GLU B 414 -27.71 -9.93 39.24
C GLU B 414 -27.26 -10.31 37.82
N ARG B 415 -28.17 -10.87 37.03
CA ARG B 415 -27.85 -11.32 35.68
C ARG B 415 -28.02 -10.25 34.62
N CYS B 416 -29.01 -9.38 34.81
CA CYS B 416 -29.45 -8.47 33.76
C CYS B 416 -29.46 -7.00 34.13
N GLN B 417 -28.53 -6.24 33.55
CA GLN B 417 -28.41 -4.81 33.78
C GLN B 417 -28.29 -4.00 32.50
N TYR B 418 -28.41 -4.67 31.34
CA TYR B 418 -28.28 -3.98 30.05
C TYR B 418 -29.33 -4.51 29.12
N TYR B 419 -30.40 -3.75 28.95
CA TYR B 419 -31.51 -4.19 28.14
C TYR B 419 -31.71 -3.36 26.89
N SER B 420 -32.29 -4.00 25.87
CA SER B 420 -32.87 -3.36 24.72
C SER B 420 -34.25 -4.00 24.58
N VAL B 421 -35.09 -3.45 23.70
CA VAL B 421 -36.47 -3.91 23.57
C VAL B 421 -36.94 -3.90 22.13
N SER B 422 -37.91 -4.75 21.81
CA SER B 422 -38.57 -4.79 20.51
C SER B 422 -40.06 -4.88 20.78
N PHE B 423 -40.81 -3.80 20.49
CA PHE B 423 -42.27 -3.78 20.67
C PHE B 423 -43.01 -4.30 19.46
N SER B 424 -44.20 -4.92 19.68
CA SER B 424 -45.07 -5.32 18.57
C SER B 424 -45.67 -4.05 17.92
N LYS B 425 -46.32 -4.20 16.75
CA LYS B 425 -46.85 -3.09 15.95
C LYS B 425 -47.57 -1.96 16.64
N GLU B 426 -48.38 -2.27 17.68
CA GLU B 426 -49.07 -1.21 18.43
C GLU B 426 -48.71 -1.34 19.92
N ALA B 427 -47.49 -1.85 20.18
CA ALA B 427 -46.93 -2.02 21.53
C ALA B 427 -47.78 -2.86 22.49
N LYS B 428 -48.52 -3.87 21.97
CA LYS B 428 -49.33 -4.75 22.85
C LYS B 428 -48.38 -5.71 23.58
N TYR B 429 -47.28 -6.09 22.90
CA TYR B 429 -46.27 -6.97 23.47
C TYR B 429 -44.89 -6.37 23.28
N TYR B 430 -43.94 -6.87 24.08
CA TYR B 430 -42.54 -6.46 23.91
C TYR B 430 -41.60 -7.57 24.27
N GLN B 431 -40.53 -7.69 23.47
CA GLN B 431 -39.48 -8.63 23.76
C GLN B 431 -38.38 -7.83 24.46
N LEU B 432 -37.91 -8.32 25.62
CA LEU B 432 -36.75 -7.73 26.32
C LEU B 432 -35.54 -8.58 26.01
N ARG B 433 -34.43 -7.90 25.68
CA ARG B 433 -33.17 -8.54 25.32
C ARG B 433 -32.12 -8.05 26.31
N CYS B 434 -31.75 -8.90 27.26
CA CYS B 434 -30.75 -8.61 28.30
C CYS B 434 -29.40 -9.05 27.72
N SER B 435 -28.39 -8.16 27.68
CA SER B 435 -27.10 -8.56 27.09
CA SER B 435 -27.08 -8.48 27.09
C SER B 435 -25.97 -8.67 28.13
N GLY B 436 -26.31 -8.58 29.41
CA GLY B 436 -25.30 -8.72 30.44
C GLY B 436 -25.72 -8.13 31.76
N PRO B 437 -24.93 -8.30 32.84
CA PRO B 437 -23.58 -8.93 32.90
C PRO B 437 -23.51 -10.44 32.81
N GLY B 438 -24.63 -11.12 33.02
CA GLY B 438 -24.69 -12.56 32.87
C GLY B 438 -24.93 -12.94 31.42
N LEU B 439 -25.21 -14.22 31.16
CA LEU B 439 -25.51 -14.65 29.80
C LEU B 439 -26.77 -13.98 29.23
N PRO B 440 -26.76 -13.56 27.95
CA PRO B 440 -27.95 -12.91 27.41
C PRO B 440 -29.23 -13.70 27.61
N LEU B 441 -30.32 -12.97 27.92
CA LEU B 441 -31.62 -13.53 28.23
C LEU B 441 -32.70 -12.76 27.46
N TYR B 442 -33.49 -13.51 26.67
CA TYR B 442 -34.56 -13.00 25.81
C TYR B 442 -35.88 -13.45 26.41
N THR B 443 -36.77 -12.49 26.69
CA THR B 443 -38.08 -12.77 27.32
C THR B 443 -39.19 -12.01 26.62
N LEU B 444 -40.44 -12.52 26.71
CA LEU B 444 -41.59 -11.89 26.08
C LEU B 444 -42.55 -11.43 27.16
N HIS B 445 -43.13 -10.26 26.95
CA HIS B 445 -43.98 -9.60 27.94
C HIS B 445 -45.22 -9.03 27.27
N SER B 446 -46.31 -8.84 28.04
CA SER B 446 -47.50 -8.18 27.49
C SER B 446 -47.59 -6.80 28.17
N SER B 447 -47.83 -5.75 27.39
CA SER B 447 -47.84 -4.39 27.90
C SER B 447 -48.98 -4.03 28.85
N VAL B 448 -50.17 -4.63 28.68
CA VAL B 448 -51.36 -4.30 29.49
C VAL B 448 -51.05 -4.12 30.98
N ASN B 449 -50.43 -5.16 31.59
CA ASN B 449 -50.03 -5.16 32.99
C ASN B 449 -48.57 -5.56 33.18
N ASP B 450 -47.76 -5.47 32.09
CA ASP B 450 -46.34 -5.85 32.11
C ASP B 450 -46.11 -7.27 32.65
N LYS B 451 -46.99 -8.19 32.26
CA LYS B 451 -46.87 -9.58 32.68
C LYS B 451 -45.76 -10.27 31.86
N GLY B 452 -44.91 -11.03 32.53
CA GLY B 452 -43.90 -11.84 31.88
C GLY B 452 -44.59 -13.05 31.29
N LEU B 453 -44.53 -13.22 29.97
CA LEU B 453 -45.20 -14.33 29.31
C LEU B 453 -44.37 -15.59 29.33
N ARG B 454 -43.12 -15.50 28.85
CA ARG B 454 -42.24 -16.65 28.80
C ARG B 454 -40.81 -16.26 28.51
N VAL B 455 -39.89 -17.20 28.74
CA VAL B 455 -38.47 -17.07 28.41
C VAL B 455 -38.35 -17.60 26.97
N LEU B 456 -37.80 -16.79 26.06
CA LEU B 456 -37.63 -17.16 24.66
C LEU B 456 -36.30 -17.85 24.43
N GLU B 457 -35.23 -17.36 25.09
CA GLU B 457 -33.88 -17.93 24.99
C GLU B 457 -33.11 -17.54 26.25
N ASP B 458 -32.59 -18.55 26.97
CA ASP B 458 -31.85 -18.29 28.20
C ASP B 458 -30.37 -18.68 28.14
N ASN B 459 -29.90 -19.12 26.96
CA ASN B 459 -28.50 -19.53 26.77
C ASN B 459 -28.05 -20.63 27.72
N SER B 460 -28.99 -21.53 28.09
CA SER B 460 -28.68 -22.65 29.00
C SER B 460 -27.62 -23.59 28.37
N ALA B 461 -27.66 -23.78 27.03
CA ALA B 461 -26.69 -24.62 26.31
C ALA B 461 -25.29 -24.04 26.47
N LEU B 462 -25.14 -22.71 26.31
CA LEU B 462 -23.84 -22.07 26.50
C LEU B 462 -23.42 -22.15 27.96
N ASP B 463 -24.36 -21.93 28.90
CA ASP B 463 -24.07 -21.99 30.32
C ASP B 463 -23.47 -23.34 30.68
N LYS B 464 -24.04 -24.45 30.14
CA LYS B 464 -23.55 -25.81 30.37
C LYS B 464 -22.10 -25.95 29.88
N MET B 465 -21.80 -25.43 28.67
CA MET B 465 -20.44 -25.47 28.12
C MET B 465 -19.45 -24.67 28.96
N LEU B 466 -19.82 -23.45 29.41
CA LEU B 466 -18.94 -22.59 30.17
C LEU B 466 -18.64 -23.08 31.57
N GLN B 467 -19.49 -23.98 32.13
CA GLN B 467 -19.24 -24.54 33.47
C GLN B 467 -17.92 -25.27 33.56
N ASN B 468 -17.45 -25.83 32.43
CA ASN B 468 -16.20 -26.57 32.31
C ASN B 468 -15.01 -25.69 31.85
N VAL B 469 -15.19 -24.35 31.81
CA VAL B 469 -14.12 -23.44 31.35
C VAL B 469 -13.75 -22.48 32.46
N GLN B 470 -12.44 -22.20 32.66
CA GLN B 470 -11.98 -21.19 33.61
C GLN B 470 -12.23 -19.80 32.99
N MET B 471 -13.44 -19.28 33.15
CA MET B 471 -13.82 -17.99 32.53
C MET B 471 -13.36 -16.79 33.34
N PRO B 472 -13.03 -15.67 32.67
CA PRO B 472 -12.66 -14.46 33.44
C PRO B 472 -13.89 -13.80 34.05
N SER B 473 -13.69 -12.87 34.95
CA SER B 473 -14.78 -12.11 35.53
C SER B 473 -14.65 -10.68 35.07
N LYS B 474 -15.69 -9.90 35.26
CA LYS B 474 -15.65 -8.50 34.90
C LYS B 474 -15.99 -7.67 36.10
N LYS B 475 -15.19 -6.66 36.37
CA LYS B 475 -15.41 -5.68 37.43
C LYS B 475 -15.76 -4.35 36.77
N LEU B 476 -16.86 -3.71 37.18
CA LEU B 476 -17.27 -2.41 36.70
C LEU B 476 -17.30 -1.50 37.93
N ASP B 477 -16.48 -0.46 37.92
CA ASP B 477 -16.37 0.47 39.04
C ASP B 477 -15.96 1.85 38.54
N PHE B 478 -15.68 2.77 39.46
CA PHE B 478 -15.28 4.12 39.09
C PHE B 478 -14.11 4.67 39.92
N ILE B 479 -13.41 5.66 39.38
CA ILE B 479 -12.36 6.43 40.06
C ILE B 479 -12.84 7.89 40.10
N ILE B 480 -12.47 8.63 41.15
CA ILE B 480 -12.89 10.02 41.27
C ILE B 480 -11.75 10.94 40.87
N LEU B 481 -12.00 11.82 39.89
CA LEU B 481 -11.03 12.80 39.43
C LEU B 481 -11.71 14.16 39.48
N ASN B 482 -11.18 15.08 40.31
CA ASN B 482 -11.73 16.44 40.47
C ASN B 482 -13.24 16.42 40.76
N GLU B 483 -13.63 15.60 41.77
CA GLU B 483 -15.01 15.42 42.26
C GLU B 483 -15.97 14.84 41.21
N THR B 484 -15.44 14.23 40.12
CA THR B 484 -16.25 13.61 39.06
C THR B 484 -15.92 12.13 39.02
N LYS B 485 -16.96 11.29 38.94
CA LYS B 485 -16.82 9.85 38.85
C LYS B 485 -16.48 9.54 37.39
N PHE B 486 -15.47 8.71 37.18
CA PHE B 486 -15.13 8.22 35.83
C PHE B 486 -15.09 6.71 35.94
N TRP B 487 -15.88 6.04 35.09
CA TRP B 487 -16.04 4.61 35.17
C TRP B 487 -14.99 3.83 34.39
N TYR B 488 -14.71 2.64 34.85
CA TYR B 488 -13.78 1.74 34.20
C TYR B 488 -14.31 0.33 34.35
N GLN B 489 -13.83 -0.56 33.49
CA GLN B 489 -14.12 -1.96 33.66
C GLN B 489 -12.81 -2.72 33.58
N MET B 490 -12.77 -3.90 34.17
CA MET B 490 -11.62 -4.76 34.09
C MET B 490 -12.06 -6.16 33.83
N ILE B 491 -11.48 -6.79 32.80
CA ILE B 491 -11.68 -8.20 32.54
C ILE B 491 -10.55 -8.87 33.33
N LEU B 492 -10.94 -9.62 34.36
CA LEU B 492 -10.00 -10.21 35.29
C LEU B 492 -9.79 -11.67 35.08
N PRO B 493 -8.52 -12.10 35.06
CA PRO B 493 -8.22 -13.53 34.92
C PRO B 493 -8.96 -14.42 35.95
N PRO B 494 -9.23 -15.71 35.62
CA PRO B 494 -9.87 -16.61 36.60
C PRO B 494 -8.98 -16.77 37.83
N HIS B 495 -9.59 -17.07 39.00
CA HIS B 495 -8.86 -17.21 40.28
C HIS B 495 -8.03 -15.97 40.57
N PHE B 496 -8.58 -14.78 40.27
CA PHE B 496 -7.90 -13.51 40.46
C PHE B 496 -7.41 -13.34 41.89
N ASP B 497 -6.11 -13.08 42.04
CA ASP B 497 -5.43 -12.95 43.33
C ASP B 497 -4.86 -11.55 43.48
N LYS B 498 -5.51 -10.69 44.28
CA LYS B 498 -5.08 -9.30 44.47
C LYS B 498 -3.68 -9.14 45.08
N SER B 499 -3.07 -10.25 45.56
CA SER B 499 -1.74 -10.28 46.14
C SER B 499 -0.64 -10.52 45.09
N LYS B 500 -1.05 -10.89 43.85
CA LYS B 500 -0.13 -11.13 42.73
C LYS B 500 -0.12 -9.89 41.83
N LYS B 501 0.95 -9.70 41.04
CA LYS B 501 1.09 -8.57 40.12
C LYS B 501 0.86 -9.04 38.68
N TYR B 502 -0.26 -8.62 38.09
CA TYR B 502 -0.62 -9.02 36.73
C TYR B 502 -0.23 -7.99 35.71
N PRO B 503 0.06 -8.44 34.47
CA PRO B 503 0.22 -7.45 33.41
C PRO B 503 -1.16 -6.87 33.03
N LEU B 504 -1.18 -5.63 32.50
CA LEU B 504 -2.44 -4.97 32.19
C LEU B 504 -2.42 -4.41 30.78
N LEU B 505 -3.51 -4.68 30.02
CA LEU B 505 -3.67 -4.12 28.69
C LEU B 505 -4.85 -3.17 28.75
N LEU B 506 -4.63 -1.91 28.37
CA LEU B 506 -5.66 -0.89 28.32
C LEU B 506 -6.28 -0.92 26.91
N ASP B 507 -7.52 -1.36 26.84
CA ASP B 507 -8.27 -1.47 25.56
C ASP B 507 -9.00 -0.11 25.45
N VAL B 508 -8.67 0.68 24.44
CA VAL B 508 -9.17 2.03 24.30
CA VAL B 508 -9.13 2.06 24.27
C VAL B 508 -10.01 2.33 23.07
N TYR B 509 -11.08 3.14 23.25
CA TYR B 509 -11.87 3.71 22.17
C TYR B 509 -11.64 5.21 22.44
N ALA B 510 -12.35 5.77 23.47
CA ALA B 510 -12.13 7.14 23.89
C ALA B 510 -12.53 8.27 22.96
N GLY B 511 -13.28 7.96 21.89
CA GLY B 511 -13.79 8.97 21.01
C GLY B 511 -14.98 9.67 21.65
N PRO B 512 -15.43 10.76 21.03
CA PRO B 512 -16.59 11.50 21.57
C PRO B 512 -17.84 10.62 21.64
N CYS B 513 -18.49 10.59 22.83
CA CYS B 513 -19.65 9.77 23.10
C CYS B 513 -19.35 8.25 23.17
N SER B 514 -18.07 7.87 23.38
CA SER B 514 -17.77 6.45 23.53
C SER B 514 -18.18 5.96 24.92
N GLN B 515 -18.35 4.66 25.05
CA GLN B 515 -18.58 4.04 26.36
C GLN B 515 -17.99 2.66 26.31
N LYS B 516 -16.82 2.50 26.97
CA LYS B 516 -16.14 1.21 27.05
C LYS B 516 -16.27 0.52 28.40
N ALA B 517 -16.93 1.21 29.38
CA ALA B 517 -17.14 0.59 30.69
C ALA B 517 -18.65 0.37 30.76
N ASP B 518 -19.07 -0.90 30.68
CA ASP B 518 -20.51 -1.22 30.69
C ASP B 518 -20.80 -2.59 31.26
N THR B 519 -22.09 -2.99 31.31
CA THR B 519 -22.47 -4.27 31.91
C THR B 519 -22.68 -5.33 30.88
N VAL B 520 -22.21 -5.15 29.62
CA VAL B 520 -22.45 -6.15 28.57
C VAL B 520 -21.55 -7.37 28.73
N PHE B 521 -22.11 -8.56 28.50
CA PHE B 521 -21.38 -9.82 28.51
C PHE B 521 -20.79 -10.01 27.09
N ARG B 522 -19.46 -10.15 27.00
CA ARG B 522 -18.80 -10.33 25.68
C ARG B 522 -17.87 -11.50 25.71
N LEU B 523 -17.75 -12.20 24.57
CA LEU B 523 -16.78 -13.27 24.36
C LEU B 523 -15.89 -12.75 23.23
N ASN B 524 -14.70 -12.26 23.58
CA ASN B 524 -13.87 -11.62 22.56
C ASN B 524 -12.39 -11.85 22.84
N TRP B 525 -11.52 -11.15 22.12
CA TRP B 525 -10.08 -11.32 22.33
C TRP B 525 -9.68 -11.10 23.82
N ALA B 526 -10.28 -10.10 24.47
CA ALA B 526 -9.99 -9.83 25.89
C ALA B 526 -10.34 -11.04 26.75
N THR B 527 -11.42 -11.79 26.42
CA THR B 527 -11.75 -13.00 27.20
C THR B 527 -10.59 -14.00 27.16
N TYR B 528 -9.97 -14.18 25.97
CA TYR B 528 -8.85 -15.11 25.83
C TYR B 528 -7.63 -14.54 26.59
N LEU B 529 -7.35 -13.25 26.45
CA LEU B 529 -6.16 -12.69 27.12
C LEU B 529 -6.25 -12.87 28.63
N ALA B 530 -7.43 -12.68 29.17
CA ALA B 530 -7.60 -12.84 30.64
C ALA B 530 -7.65 -14.30 31.03
N SER B 531 -8.44 -15.13 30.31
CA SER B 531 -8.62 -16.54 30.64
C SER B 531 -7.37 -17.40 30.48
N THR B 532 -6.70 -17.27 29.33
CA THR B 532 -5.54 -18.10 29.01
C THR B 532 -4.22 -17.43 29.38
N GLU B 533 -4.08 -16.14 29.09
CA GLU B 533 -2.78 -15.47 29.31
C GLU B 533 -2.64 -14.76 30.64
N ASN B 534 -3.73 -14.75 31.45
CA ASN B 534 -3.70 -14.09 32.77
C ASN B 534 -3.34 -12.61 32.68
N ILE B 535 -3.89 -11.91 31.68
CA ILE B 535 -3.72 -10.48 31.50
C ILE B 535 -5.02 -9.77 31.95
N ILE B 536 -4.89 -8.65 32.69
CA ILE B 536 -6.06 -7.84 33.03
C ILE B 536 -6.30 -6.95 31.81
N VAL B 537 -7.52 -6.96 31.26
CA VAL B 537 -7.85 -6.07 30.14
C VAL B 537 -8.78 -5.00 30.67
N ALA B 538 -8.29 -3.78 30.75
CA ALA B 538 -9.05 -2.67 31.32
C ALA B 538 -9.48 -1.67 30.28
N SER B 539 -10.63 -0.99 30.53
CA SER B 539 -11.08 0.13 29.71
C SER B 539 -11.57 1.20 30.62
N PHE B 540 -11.47 2.44 30.17
CA PHE B 540 -11.78 3.63 30.95
C PHE B 540 -12.53 4.66 30.13
N ASP B 541 -13.61 5.23 30.71
CA ASP B 541 -14.37 6.28 30.05
C ASP B 541 -14.03 7.60 30.74
N GLY B 542 -13.23 8.42 30.06
CA GLY B 542 -12.80 9.71 30.60
C GLY B 542 -13.51 10.86 29.95
N ARG B 543 -12.89 12.04 29.92
CA ARG B 543 -13.50 13.20 29.27
C ARG B 543 -13.76 12.91 27.80
N GLY B 544 -14.91 13.40 27.32
CA GLY B 544 -15.38 13.12 25.97
C GLY B 544 -16.29 11.91 25.86
N SER B 545 -16.34 11.04 26.90
CA SER B 545 -17.17 9.85 26.90
C SER B 545 -18.66 10.21 27.03
N GLY B 546 -19.50 9.28 26.61
CA GLY B 546 -20.93 9.57 26.52
C GLY B 546 -21.78 9.10 27.66
N TYR B 547 -23.07 9.50 27.57
CA TYR B 547 -24.15 9.02 28.44
C TYR B 547 -24.05 9.51 29.87
N GLN B 548 -23.26 10.55 30.10
CA GLN B 548 -23.02 11.09 31.45
C GLN B 548 -23.16 12.59 31.49
N GLY B 549 -23.80 13.16 30.48
CA GLY B 549 -24.00 14.60 30.39
C GLY B 549 -22.96 15.31 29.55
N ASP B 550 -23.30 16.50 29.11
CA ASP B 550 -22.45 17.35 28.27
C ASP B 550 -21.20 17.87 28.94
N LYS B 551 -21.20 18.04 30.27
CA LYS B 551 -19.98 18.50 30.93
C LYS B 551 -18.81 17.55 30.64
N ILE B 552 -19.10 16.25 30.64
CA ILE B 552 -18.09 15.22 30.34
C ILE B 552 -17.93 15.10 28.81
N MET B 553 -19.05 14.95 28.07
CA MET B 553 -18.96 14.71 26.62
C MET B 553 -18.37 15.87 25.83
N HIS B 554 -18.78 17.11 26.14
CA HIS B 554 -18.28 18.28 25.41
C HIS B 554 -16.92 18.80 25.86
N ALA B 555 -16.29 18.13 26.85
CA ALA B 555 -14.97 18.55 27.38
C ALA B 555 -13.93 18.60 26.26
N ILE B 556 -14.08 17.73 25.23
CA ILE B 556 -13.13 17.71 24.11
C ILE B 556 -13.54 18.51 22.87
N ASN B 557 -14.57 19.36 22.99
CA ASN B 557 -15.03 20.19 21.89
C ASN B 557 -13.88 21.03 21.33
N ARG B 558 -13.66 20.93 20.00
CA ARG B 558 -12.60 21.62 19.25
C ARG B 558 -11.20 21.20 19.67
N ARG B 559 -11.10 20.14 20.48
CA ARG B 559 -9.86 19.71 21.11
C ARG B 559 -9.67 18.20 21.18
N LEU B 560 -9.87 17.51 20.04
CA LEU B 560 -9.59 16.08 20.00
C LEU B 560 -8.09 15.87 20.23
N GLY B 561 -7.74 14.73 20.79
CA GLY B 561 -6.33 14.40 21.05
C GLY B 561 -5.76 15.10 22.27
N THR B 562 -6.64 15.56 23.18
CA THR B 562 -6.18 16.25 24.40
C THR B 562 -6.63 15.52 25.65
N PHE B 563 -7.76 15.92 26.26
CA PHE B 563 -8.21 15.34 27.52
C PHE B 563 -8.49 13.88 27.48
N GLU B 564 -9.03 13.36 26.34
CA GLU B 564 -9.33 11.92 26.27
C GLU B 564 -8.05 11.08 26.28
N VAL B 565 -6.96 11.62 25.74
CA VAL B 565 -5.64 10.98 25.73
C VAL B 565 -5.03 11.03 27.15
N GLU B 566 -4.99 12.24 27.73
CA GLU B 566 -4.49 12.47 29.10
C GLU B 566 -5.24 11.60 30.09
N ASP B 567 -6.56 11.44 29.94
CA ASP B 567 -7.33 10.63 30.86
C ASP B 567 -7.03 9.15 30.79
N GLN B 568 -6.66 8.63 29.60
CA GLN B 568 -6.29 7.22 29.52
C GLN B 568 -4.96 7.01 30.27
N ILE B 569 -4.01 7.96 30.11
CA ILE B 569 -2.70 7.89 30.79
C ILE B 569 -2.96 7.93 32.32
N GLU B 570 -3.84 8.84 32.77
CA GLU B 570 -4.19 8.97 34.19
C GLU B 570 -4.84 7.72 34.73
N ALA B 571 -5.79 7.13 33.97
CA ALA B 571 -6.42 5.87 34.38
C ALA B 571 -5.35 4.79 34.58
N ALA B 572 -4.40 4.65 33.61
CA ALA B 572 -3.38 3.60 33.75
C ALA B 572 -2.48 3.86 34.97
N ARG B 573 -2.18 5.14 35.26
CA ARG B 573 -1.40 5.51 36.47
C ARG B 573 -2.12 5.03 37.74
N GLN B 574 -3.43 5.27 37.81
CA GLN B 574 -4.32 4.86 38.90
C GLN B 574 -4.38 3.36 39.00
N PHE B 575 -4.49 2.65 37.85
CA PHE B 575 -4.48 1.20 37.87
C PHE B 575 -3.10 0.68 38.31
N SER B 576 -2.02 1.26 37.77
CA SER B 576 -0.63 0.84 38.03
C SER B 576 -0.23 0.91 39.47
N LYS B 577 -0.93 1.74 40.25
CA LYS B 577 -0.63 1.89 41.66
C LYS B 577 -1.31 0.81 42.48
N MET B 578 -2.38 0.18 41.92
CA MET B 578 -3.09 -0.94 42.54
C MET B 578 -2.05 -2.04 42.64
N GLY B 579 -1.89 -2.59 43.83
CA GLY B 579 -0.90 -3.61 44.11
C GLY B 579 -1.04 -4.87 43.29
N PHE B 580 -2.13 -4.99 42.52
CA PHE B 580 -2.31 -6.18 41.69
C PHE B 580 -1.87 -5.97 40.22
N VAL B 581 -1.34 -4.78 39.88
CA VAL B 581 -0.87 -4.47 38.52
C VAL B 581 0.65 -4.37 38.49
N ASP B 582 1.29 -5.09 37.54
CA ASP B 582 2.73 -5.00 37.37
C ASP B 582 3.01 -3.74 36.52
N ASN B 583 3.53 -2.68 37.15
CA ASN B 583 3.80 -1.42 36.45
C ASN B 583 4.88 -1.51 35.35
N LYS B 584 5.59 -2.63 35.28
CA LYS B 584 6.59 -2.85 34.23
C LYS B 584 5.92 -3.50 33.01
N ARG B 585 4.64 -3.89 33.14
CA ARG B 585 3.93 -4.59 32.06
C ARG B 585 2.53 -4.01 31.81
N ILE B 586 2.49 -2.74 31.43
CA ILE B 586 1.27 -2.03 31.05
C ILE B 586 1.35 -1.75 29.54
N ALA B 587 0.33 -2.20 28.80
CA ALA B 587 0.27 -1.97 27.34
C ALA B 587 -1.05 -1.26 27.05
N ILE B 588 -1.19 -0.75 25.82
CA ILE B 588 -2.42 -0.08 25.40
C ILE B 588 -2.70 -0.49 23.95
N TRP B 589 -3.98 -0.67 23.61
CA TRP B 589 -4.28 -0.94 22.20
C TRP B 589 -5.63 -0.40 21.84
N GLY B 590 -5.83 -0.18 20.57
CA GLY B 590 -7.14 0.22 20.10
C GLY B 590 -7.18 0.22 18.59
N TRP B 591 -8.39 0.26 18.07
CA TRP B 591 -8.67 0.28 16.64
C TRP B 591 -9.39 1.60 16.33
N SER B 592 -9.17 2.18 15.12
CA SER B 592 -9.92 3.36 14.67
C SER B 592 -9.61 4.57 15.57
N TYR B 593 -10.63 5.18 16.20
CA TYR B 593 -10.32 6.29 17.12
C TYR B 593 -9.41 5.77 18.24
N GLY B 594 -9.61 4.53 18.68
CA GLY B 594 -8.78 3.90 19.72
C GLY B 594 -7.34 3.74 19.25
N GLY B 595 -7.15 3.56 17.94
CA GLY B 595 -5.80 3.50 17.37
C GLY B 595 -5.12 4.84 17.44
N TYR B 596 -5.88 5.90 17.14
CA TYR B 596 -5.41 7.29 17.24
C TYR B 596 -5.02 7.56 18.71
N VAL B 597 -5.92 7.25 19.66
CA VAL B 597 -5.61 7.50 21.08
C VAL B 597 -4.40 6.70 21.53
N THR B 598 -4.35 5.40 21.18
CA THR B 598 -3.21 4.55 21.53
C THR B 598 -1.90 5.21 21.04
N SER B 599 -1.90 5.66 19.78
CA SER B 599 -0.70 6.27 19.17
C SER B 599 -0.35 7.59 19.88
N MET B 600 -1.37 8.40 20.22
CA MET B 600 -1.13 9.67 20.92
C MET B 600 -0.57 9.37 22.32
N VAL B 601 -1.06 8.32 23.01
CA VAL B 601 -0.57 7.92 24.33
C VAL B 601 0.87 7.43 24.23
N LEU B 602 1.15 6.55 23.24
CA LEU B 602 2.52 6.06 23.09
C LEU B 602 3.51 7.15 22.72
N GLY B 603 3.07 8.22 22.06
CA GLY B 603 3.91 9.34 21.70
C GLY B 603 3.93 10.45 22.75
N SER B 604 3.30 10.22 23.90
CA SER B 604 3.18 11.25 24.97
C SER B 604 4.42 11.44 25.83
N GLY B 605 5.28 10.43 25.87
CA GLY B 605 6.46 10.47 26.73
C GLY B 605 6.11 10.27 28.20
N SER B 606 4.97 9.61 28.47
CA SER B 606 4.50 9.42 29.85
C SER B 606 5.35 8.45 30.69
N GLY B 607 5.99 7.49 30.04
CA GLY B 607 6.74 6.44 30.71
C GLY B 607 5.88 5.34 31.31
N VAL B 608 4.53 5.46 31.20
CA VAL B 608 3.62 4.48 31.80
C VAL B 608 3.54 3.19 31.00
N PHE B 609 3.61 3.30 29.66
CA PHE B 609 3.31 2.12 28.84
C PHE B 609 4.53 1.51 28.21
N LYS B 610 4.64 0.20 28.28
CA LYS B 610 5.79 -0.51 27.69
C LYS B 610 5.61 -0.60 26.17
N CYS B 611 4.38 -0.89 25.75
CA CYS B 611 4.12 -1.19 24.34
C CYS B 611 2.68 -0.90 23.99
N GLY B 612 2.37 -0.89 22.70
CA GLY B 612 0.98 -0.74 22.31
C GLY B 612 0.77 -1.11 20.87
N ILE B 613 -0.49 -1.31 20.50
CA ILE B 613 -0.85 -1.68 19.13
C ILE B 613 -1.89 -0.69 18.63
N ALA B 614 -1.71 -0.14 17.43
CA ALA B 614 -2.72 0.74 16.85
C ALA B 614 -3.19 0.08 15.58
N VAL B 615 -4.52 -0.15 15.48
CA VAL B 615 -5.08 -0.78 14.28
C VAL B 615 -5.88 0.26 13.53
N ALA B 616 -5.59 0.46 12.22
CA ALA B 616 -6.25 1.42 11.36
C ALA B 616 -6.50 2.76 12.06
N PRO B 617 -5.44 3.35 12.65
CA PRO B 617 -5.65 4.61 13.37
C PRO B 617 -5.82 5.79 12.48
N VAL B 618 -6.58 6.79 12.99
CA VAL B 618 -6.49 8.13 12.46
C VAL B 618 -5.12 8.66 12.97
N SER B 619 -4.42 9.42 12.11
CA SER B 619 -3.13 9.99 12.49
C SER B 619 -3.14 11.53 12.45
N ARG B 620 -4.04 12.13 11.65
CA ARG B 620 -4.14 13.58 11.49
C ARG B 620 -5.55 13.85 11.06
N TRP B 621 -6.23 14.81 11.74
CA TRP B 621 -7.65 15.04 11.44
C TRP B 621 -7.99 15.50 10.05
N GLU B 622 -7.04 16.20 9.38
CA GLU B 622 -7.29 16.64 7.99
CA GLU B 622 -7.20 16.64 7.99
C GLU B 622 -7.43 15.43 7.06
N TYR B 623 -7.02 14.21 7.49
CA TYR B 623 -7.17 13.03 6.62
C TYR B 623 -8.52 12.35 6.77
N TYR B 624 -9.27 12.65 7.86
CA TYR B 624 -10.55 11.98 8.07
C TYR B 624 -11.72 12.75 7.47
N ASP B 625 -12.89 12.12 7.40
CA ASP B 625 -14.01 12.74 6.70
C ASP B 625 -14.53 14.01 7.35
N SER B 626 -15.17 14.82 6.53
CA SER B 626 -15.68 16.13 6.95
C SER B 626 -16.73 16.02 8.04
N VAL B 627 -17.76 15.19 7.86
CA VAL B 627 -18.88 15.16 8.81
C VAL B 627 -18.50 14.81 10.22
N TYR B 628 -17.77 13.72 10.39
CA TYR B 628 -17.34 13.33 11.73
C TYR B 628 -16.33 14.33 12.26
N THR B 629 -15.26 14.60 11.50
CA THR B 629 -14.16 15.43 12.00
C THR B 629 -14.62 16.83 12.43
N GLU B 630 -15.33 17.50 11.53
CA GLU B 630 -15.75 18.90 11.76
C GLU B 630 -16.77 19.02 12.86
N ARG B 631 -17.52 17.96 13.14
CA ARG B 631 -18.51 17.96 14.25
C ARG B 631 -17.78 18.35 15.55
N TYR B 632 -16.55 17.84 15.72
CA TYR B 632 -15.77 18.04 16.94
C TYR B 632 -14.68 19.04 16.79
N MET B 633 -14.15 19.22 15.58
CA MET B 633 -12.97 20.05 15.38
C MET B 633 -13.21 21.36 14.70
N GLY B 634 -14.41 21.55 14.15
CA GLY B 634 -14.67 22.70 13.29
C GLY B 634 -13.86 22.58 12.02
N LEU B 635 -13.62 23.70 11.34
CA LEU B 635 -12.88 23.69 10.08
C LEU B 635 -11.37 23.87 10.24
N PRO B 636 -10.58 23.21 9.37
CA PRO B 636 -9.12 23.37 9.42
C PRO B 636 -8.66 24.62 8.66
N THR B 637 -9.12 25.79 9.11
CA THR B 637 -8.77 27.06 8.46
C THR B 637 -8.11 27.95 9.53
N PRO B 638 -7.23 28.89 9.14
CA PRO B 638 -6.59 29.77 10.15
C PRO B 638 -7.61 30.52 11.03
N GLU B 639 -8.74 30.93 10.45
CA GLU B 639 -9.84 31.65 11.10
C GLU B 639 -10.62 30.76 12.07
N ASP B 640 -10.56 29.43 11.85
CA ASP B 640 -11.31 28.52 12.70
C ASP B 640 -10.41 27.70 13.63
N ASN B 641 -10.04 26.45 13.24
CA ASN B 641 -9.30 25.61 14.17
C ASN B 641 -8.05 24.95 13.59
N LEU B 642 -7.48 25.52 12.52
CA LEU B 642 -6.27 24.95 11.93
C LEU B 642 -5.17 24.70 12.93
N ASP B 643 -4.91 25.63 13.87
CA ASP B 643 -3.84 25.40 14.86
C ASP B 643 -4.00 24.12 15.63
N HIS B 644 -5.24 23.81 16.05
CA HIS B 644 -5.42 22.57 16.79
C HIS B 644 -5.36 21.33 15.89
N TYR B 645 -5.82 21.44 14.63
CA TYR B 645 -5.65 20.33 13.66
C TYR B 645 -4.15 20.00 13.52
N ARG B 646 -3.31 21.05 13.49
CA ARG B 646 -1.87 20.86 13.31
C ARG B 646 -1.16 20.39 14.59
N ASN B 647 -1.73 20.67 15.77
CA ASN B 647 -1.16 20.31 17.06
C ASN B 647 -1.57 18.93 17.56
N SER B 648 -2.55 18.27 16.88
CA SER B 648 -3.09 17.03 17.39
C SER B 648 -2.76 15.82 16.50
N THR B 649 -1.62 15.87 15.78
CA THR B 649 -1.25 14.72 14.94
C THR B 649 -0.39 13.70 15.67
N VAL B 650 -0.44 12.44 15.21
CA VAL B 650 0.43 11.43 15.77
C VAL B 650 1.87 11.74 15.31
N MET B 651 2.05 12.15 14.04
CA MET B 651 3.38 12.35 13.44
C MET B 651 4.25 13.29 14.24
N SER B 652 3.64 14.36 14.84
CA SER B 652 4.47 15.32 15.60
C SER B 652 5.08 14.70 16.83
N ARG B 653 4.57 13.55 17.30
CA ARG B 653 5.05 12.86 18.50
C ARG B 653 6.05 11.73 18.22
N ALA B 654 6.49 11.60 16.96
CA ALA B 654 7.34 10.49 16.52
C ALA B 654 8.58 10.23 17.40
N GLU B 655 9.32 11.30 17.76
CA GLU B 655 10.52 11.15 18.59
C GLU B 655 10.23 10.39 19.89
N ASN B 656 9.01 10.60 20.48
CA ASN B 656 8.71 9.89 21.73
C ASN B 656 8.49 8.41 21.63
N PHE B 657 8.33 7.87 20.41
CA PHE B 657 8.13 6.43 20.23
C PHE B 657 9.44 5.64 20.46
N LYS B 658 10.60 6.35 20.60
CA LYS B 658 11.86 5.67 20.92
C LYS B 658 11.77 4.91 22.25
N GLN B 659 10.88 5.36 23.14
CA GLN B 659 10.68 4.80 24.48
C GLN B 659 9.77 3.56 24.55
N VAL B 660 9.06 3.21 23.46
CA VAL B 660 8.06 2.14 23.52
C VAL B 660 8.18 1.15 22.37
N GLU B 661 7.54 -0.02 22.52
CA GLU B 661 7.41 -1.05 21.48
C GLU B 661 6.03 -0.77 20.82
N TYR B 662 6.01 -0.52 19.49
CA TYR B 662 4.78 -0.17 18.81
C TYR B 662 4.54 -1.10 17.65
N LEU B 663 3.28 -1.54 17.49
CA LEU B 663 2.84 -2.37 16.37
C LEU B 663 1.74 -1.57 15.66
N LEU B 664 1.96 -1.26 14.39
CA LEU B 664 1.05 -0.46 13.56
C LEU B 664 0.47 -1.36 12.48
N ILE B 665 -0.88 -1.41 12.38
CA ILE B 665 -1.54 -2.34 11.47
C ILE B 665 -2.58 -1.62 10.66
N HIS B 666 -2.68 -1.91 9.34
CA HIS B 666 -3.72 -1.21 8.55
C HIS B 666 -4.05 -2.03 7.32
N GLY B 667 -5.33 -2.06 6.95
CA GLY B 667 -5.77 -2.72 5.72
C GLY B 667 -5.52 -1.81 4.53
N THR B 668 -4.99 -2.36 3.41
CA THR B 668 -4.68 -1.48 2.29
C THR B 668 -5.88 -0.92 1.53
N ALA B 669 -7.04 -1.59 1.65
CA ALA B 669 -8.24 -1.14 0.93
C ALA B 669 -9.20 -0.49 1.92
N ASP B 670 -8.65 0.18 2.96
CA ASP B 670 -9.52 0.84 3.92
C ASP B 670 -10.06 2.10 3.28
N ASP B 671 -11.37 2.10 3.00
CA ASP B 671 -12.06 3.26 2.39
C ASP B 671 -12.44 4.34 3.45
N ASN B 672 -12.34 3.97 4.72
CA ASN B 672 -12.84 4.76 5.85
C ASN B 672 -11.67 5.54 6.46
N VAL B 673 -10.73 4.85 7.12
CA VAL B 673 -9.52 5.51 7.63
C VAL B 673 -8.49 5.08 6.59
N HIS B 674 -8.16 5.99 5.70
CA HIS B 674 -7.32 5.60 4.56
C HIS B 674 -5.98 5.07 5.01
N PHE B 675 -5.43 4.10 4.25
CA PHE B 675 -4.11 3.55 4.57
C PHE B 675 -3.08 4.70 4.70
N GLN B 676 -3.28 5.77 3.91
CA GLN B 676 -2.56 7.04 4.02
C GLN B 676 -2.24 7.41 5.48
N GLN B 677 -3.22 7.26 6.39
CA GLN B 677 -3.03 7.67 7.79
C GLN B 677 -1.89 6.93 8.45
N SER B 678 -1.79 5.61 8.25
CA SER B 678 -0.68 4.82 8.83
C SER B 678 0.58 5.01 7.99
N ALA B 679 0.43 5.24 6.67
CA ALA B 679 1.62 5.48 5.82
C ALA B 679 2.36 6.74 6.28
N GLN B 680 1.60 7.75 6.78
CA GLN B 680 2.24 8.97 7.27
C GLN B 680 2.83 8.73 8.68
N ILE B 681 2.20 7.90 9.53
CA ILE B 681 2.80 7.57 10.82
C ILE B 681 4.14 6.89 10.58
N SER B 682 4.16 5.81 9.77
CA SER B 682 5.39 5.06 9.55
C SER B 682 6.49 5.98 8.98
N LYS B 683 6.15 6.86 8.04
CA LYS B 683 7.14 7.76 7.42
C LYS B 683 7.74 8.70 8.47
N ALA B 684 6.88 9.16 9.40
CA ALA B 684 7.39 10.04 10.46
C ALA B 684 8.30 9.29 11.41
N LEU B 685 8.00 8.03 11.73
CA LEU B 685 8.84 7.21 12.60
C LEU B 685 10.18 6.91 11.90
N VAL B 686 10.11 6.61 10.59
CA VAL B 686 11.36 6.35 9.86
C VAL B 686 12.23 7.62 9.85
N ASP B 687 11.61 8.79 9.65
CA ASP B 687 12.32 10.08 9.56
C ASP B 687 13.05 10.46 10.86
N VAL B 688 12.61 9.95 12.01
CA VAL B 688 13.30 10.20 13.30
C VAL B 688 14.15 9.02 13.79
N GLY B 689 14.23 7.95 12.99
CA GLY B 689 15.01 6.78 13.35
C GLY B 689 14.45 5.94 14.47
N VAL B 690 13.10 5.77 14.50
CA VAL B 690 12.46 4.96 15.52
C VAL B 690 12.08 3.61 14.94
N ASP B 691 12.55 2.52 15.56
CA ASP B 691 12.15 1.20 15.13
C ASP B 691 10.75 0.89 15.66
N PHE B 692 9.98 0.11 14.88
CA PHE B 692 8.62 -0.29 15.25
C PHE B 692 8.26 -1.51 14.40
N GLN B 693 7.14 -2.15 14.73
CA GLN B 693 6.64 -3.34 14.02
C GLN B 693 5.42 -2.91 13.20
N ALA B 694 5.28 -3.54 12.01
CA ALA B 694 4.17 -3.17 11.13
C ALA B 694 3.54 -4.39 10.53
N MET B 695 2.28 -4.20 10.08
CA MET B 695 1.64 -5.25 9.32
C MET B 695 0.61 -4.60 8.44
N TRP B 696 0.68 -4.80 7.12
CA TRP B 696 -0.41 -4.34 6.27
C TRP B 696 -1.26 -5.56 5.99
N TYR B 697 -2.54 -5.34 5.61
CA TYR B 697 -3.44 -6.42 5.24
C TYR B 697 -3.96 -6.14 3.85
N THR B 698 -3.43 -6.90 2.88
CA THR B 698 -3.79 -6.65 1.48
C THR B 698 -5.28 -6.80 1.26
N ASP B 699 -5.86 -5.76 0.65
CA ASP B 699 -7.27 -5.71 0.22
C ASP B 699 -8.29 -5.78 1.33
N GLU B 700 -7.83 -5.64 2.57
CA GLU B 700 -8.74 -5.60 3.71
C GLU B 700 -9.18 -4.16 3.96
N ASP B 701 -10.41 -4.00 4.47
CA ASP B 701 -10.88 -2.64 4.71
C ASP B 701 -10.83 -2.32 6.20
N HIS B 702 -11.65 -1.33 6.64
CA HIS B 702 -11.58 -0.89 8.05
C HIS B 702 -11.88 -2.01 9.05
N GLY B 703 -12.67 -3.00 8.66
CA GLY B 703 -12.99 -4.09 9.56
C GLY B 703 -11.95 -5.17 9.72
N ILE B 704 -10.98 -5.30 8.75
CA ILE B 704 -10.00 -6.43 8.70
C ILE B 704 -10.77 -7.68 9.13
N ALA B 705 -11.89 -7.86 8.42
CA ALA B 705 -12.94 -8.77 8.82
C ALA B 705 -13.14 -10.02 8.00
N SER B 706 -12.36 -10.24 6.96
CA SER B 706 -12.48 -11.54 6.27
C SER B 706 -12.07 -12.62 7.26
N SER B 707 -12.60 -13.84 7.11
CA SER B 707 -12.27 -14.92 8.02
C SER B 707 -10.75 -15.10 8.22
N THR B 708 -9.99 -15.18 7.11
CA THR B 708 -8.55 -15.37 7.26
C THR B 708 -7.84 -14.14 7.85
N ALA B 709 -8.18 -12.90 7.41
CA ALA B 709 -7.48 -11.74 7.99
C ALA B 709 -7.81 -11.55 9.44
N HIS B 710 -9.08 -11.80 9.82
CA HIS B 710 -9.44 -11.69 11.24
C HIS B 710 -8.59 -12.66 12.09
N GLN B 711 -8.46 -13.92 11.66
CA GLN B 711 -7.67 -14.87 12.41
C GLN B 711 -6.21 -14.44 12.44
N HIS B 712 -5.71 -13.91 11.32
CA HIS B 712 -4.31 -13.56 11.27
C HIS B 712 -3.98 -12.37 12.16
N ILE B 713 -4.82 -11.32 12.12
CA ILE B 713 -4.54 -10.13 12.92
C ILE B 713 -4.53 -10.46 14.41
N TYR B 714 -5.52 -11.25 14.86
CA TYR B 714 -5.52 -11.57 16.30
C TYR B 714 -4.38 -12.48 16.72
N THR B 715 -3.96 -13.36 15.81
CA THR B 715 -2.81 -14.22 16.10
C THR B 715 -1.54 -13.33 16.19
N HIS B 716 -1.34 -12.40 15.22
CA HIS B 716 -0.16 -11.54 15.21
C HIS B 716 -0.12 -10.62 16.45
N MET B 717 -1.30 -10.05 16.82
CA MET B 717 -1.35 -9.16 17.98
C MET B 717 -1.13 -9.96 19.27
N SER B 718 -1.62 -11.23 19.31
CA SER B 718 -1.40 -12.05 20.52
C SER B 718 0.08 -12.34 20.70
N HIS B 719 0.80 -12.64 19.60
CA HIS B 719 2.24 -12.88 19.78
C HIS B 719 2.93 -11.60 20.27
N PHE B 720 2.54 -10.42 19.72
CA PHE B 720 3.16 -9.16 20.10
C PHE B 720 2.96 -8.88 21.62
N ILE B 721 1.72 -8.99 22.10
CA ILE B 721 1.41 -8.73 23.52
C ILE B 721 2.13 -9.74 24.41
N LYS B 722 2.10 -11.01 24.03
CA LYS B 722 2.76 -12.06 24.82
C LYS B 722 4.25 -11.78 24.95
N GLN B 723 4.90 -11.35 23.85
CA GLN B 723 6.34 -11.04 23.95
C GLN B 723 6.60 -9.81 24.81
N CYS B 724 5.76 -8.76 24.69
CA CYS B 724 5.85 -7.53 25.48
C CYS B 724 5.76 -7.87 26.97
N PHE B 725 4.84 -8.80 27.30
CA PHE B 725 4.56 -9.19 28.69
C PHE B 725 5.39 -10.36 29.21
N SER B 726 6.41 -10.78 28.42
CA SER B 726 7.29 -11.90 28.86
C SER B 726 6.54 -13.21 29.10
N LEU B 727 5.48 -13.49 28.29
CA LEU B 727 4.71 -14.71 28.42
C LEU B 727 5.23 -15.78 27.47
N PRO B 728 5.19 -17.06 27.88
CA PRO B 728 5.76 -18.12 27.02
C PRO B 728 4.93 -18.48 25.81
N ALA B 729 5.60 -19.07 24.82
CA ALA B 729 5.06 -19.55 23.56
C ALA B 729 4.83 -21.08 23.65
N ALA B 730 4.19 -21.65 22.62
CA ALA B 730 3.92 -23.08 22.58
C ALA B 730 4.06 -23.57 21.17
N ALA B 731 4.77 -24.67 21.00
CA ALA B 731 4.90 -25.31 19.71
C ALA B 731 3.58 -25.96 19.31
N SER B 732 3.43 -26.17 18.01
CA SER B 732 2.23 -26.83 17.46
C SER B 732 2.78 -27.72 16.36
N TRP B 733 2.10 -28.79 15.96
CA TRP B 733 2.74 -29.65 14.96
C TRP B 733 3.11 -28.98 13.60
N SER B 734 2.12 -28.28 12.97
CA SER B 734 2.26 -27.52 11.71
C SER B 734 1.75 -26.11 11.92
N HIS B 735 2.33 -25.18 11.31
C1 NAG C . 53.87 19.09 -17.68
C2 NAG C . 52.99 20.17 -18.34
C3 NAG C . 53.41 20.33 -19.80
C4 NAG C . 54.90 20.59 -19.91
C5 NAG C . 55.65 19.44 -19.23
C6 NAG C . 57.15 19.60 -19.22
C7 NAG C . 50.73 20.15 -17.36
C8 NAG C . 49.32 19.68 -17.53
N2 NAG C . 51.61 19.72 -18.27
O3 NAG C . 52.67 21.39 -20.40
O4 NAG C . 55.26 20.64 -21.29
O5 NAG C . 55.25 19.40 -17.85
O6 NAG C . 57.53 20.93 -18.88
O7 NAG C . 51.07 20.87 -16.43
C1 NAG C . 55.79 21.85 -21.79
C2 NAG C . 56.59 21.55 -23.06
C3 NAG C . 57.15 22.88 -23.58
C4 NAG C . 56.03 23.90 -23.82
C5 NAG C . 55.13 24.00 -22.58
C6 NAG C . 53.88 24.82 -22.80
C7 NAG C . 57.64 19.29 -23.12
C8 NAG C . 56.33 18.77 -23.64
N2 NAG C . 57.67 20.61 -22.81
O3 NAG C . 57.84 22.60 -24.80
O4 NAG C . 56.58 25.21 -23.89
O5 NAG C . 54.70 22.70 -22.16
O6 NAG C . 52.99 24.19 -23.72
O7 NAG C . 58.62 18.57 -22.99
C1 MAN C . 57.42 25.77 -24.92
C2 MAN C . 56.66 26.91 -25.57
C3 MAN C . 57.10 27.20 -27.00
C4 MAN C . 58.59 26.92 -27.17
C5 MAN C . 58.86 25.44 -26.92
C6 MAN C . 60.31 25.16 -26.60
O2 MAN C . 57.03 27.99 -24.73
O3 MAN C . 56.86 28.56 -27.35
O4 MAN C . 59.00 27.17 -28.51
O5 MAN C . 58.05 24.90 -25.85
O6 MAN C . 60.50 23.81 -26.29
C1 MAN C . 55.65 28.88 -28.03
C2 MAN C . 55.77 30.28 -28.62
C3 MAN C . 55.78 31.32 -27.50
C4 MAN C . 54.54 31.17 -26.62
C5 MAN C . 54.45 29.75 -26.09
C6 MAN C . 53.17 29.48 -25.31
O2 MAN C . 54.69 30.52 -29.50
O3 MAN C . 55.86 32.64 -28.05
O4 MAN C . 54.60 32.09 -25.53
O5 MAN C . 54.50 28.80 -27.17
O6 MAN C . 53.14 28.15 -24.83
C1 MAN C . 61.80 23.52 -25.94
C2 MAN C . 61.99 22.00 -26.02
C3 MAN C . 61.17 21.31 -24.93
C4 MAN C . 61.44 21.89 -23.56
C5 MAN C . 61.28 23.42 -23.58
C6 MAN C . 61.70 24.08 -22.28
O2 MAN C . 63.38 21.71 -25.87
O3 MAN C . 61.44 19.90 -24.92
O4 MAN C . 60.50 21.36 -22.61
O5 MAN C . 62.10 23.98 -24.62
O6 MAN C . 61.28 25.46 -22.26
N1 N7F D . 20.23 -8.16 -7.61
C2 N7F D . 21.37 -7.49 -7.89
N3 N7F D . 21.53 -6.81 -8.97
C4 N7F D . 19.19 -8.29 -8.50
C5 N7F D . 19.39 -7.65 -9.82
C6 N7F D . 20.47 -6.87 -9.94
C7 N7F D . 20.39 -6.26 -11.24
C8 N7F D . 19.26 -6.74 -11.80
N9 N7F D . 18.64 -7.49 -10.88
C10 N7F D . 21.43 -5.36 -11.68
N11 N7F D . 22.27 -4.68 -12.07
N12 N7F D . 18.82 -6.27 -12.95
C13 N7F D . 17.49 -5.59 -12.95
C14 N7F D . 16.73 -5.70 -14.27
C15 N7F D . 17.68 -5.02 -15.30
C16 N7F D . 18.93 -5.94 -15.45
C17 N7F D . 19.72 -6.01 -14.11
N18 N7F D . 15.47 -4.93 -14.15
C19 N7F D . 17.60 -8.45 -11.25
C20 N7F D . 16.17 -8.11 -10.96
C21 N7F D . 15.21 -8.99 -11.47
C22 N7F D . 13.85 -8.71 -11.23
C23 N7F D . 13.52 -7.62 -10.42
C24 N7F D . 14.47 -6.74 -9.94
C25 N7F D . 15.83 -6.96 -10.20
O26 N7F D . 18.14 -8.90 -8.27
C27 N7F D . 20.06 -8.73 -6.26
C28 N7F D . 20.68 -9.44 -3.47
C29 N7F D . 21.03 -9.78 -2.16
C30 N7F D . 21.26 -8.77 -1.21
C31 N7F D . 21.08 -7.42 -1.54
C32 N7F D . 20.23 -7.67 -5.16
C33 N7F D . 20.58 -8.08 -3.85
C34 N7F D . 20.72 -7.08 -2.87
N35 N7F D . 20.55 -5.75 -3.18
C36 N7F D . 20.09 -5.35 -4.39
C37 N7F D . 19.92 -6.31 -5.40
C1 NAG E . 14.36 28.54 -14.89
C2 NAG E . 14.34 29.71 -15.88
C3 NAG E . 14.73 31.02 -15.19
C4 NAG E . 13.92 31.24 -13.93
C5 NAG E . 14.05 30.01 -13.01
C6 NAG E . 13.24 30.10 -11.74
C7 NAG E . 14.80 29.31 -18.25
C8 NAG E . 15.87 29.02 -19.27
N2 NAG E . 15.23 29.43 -16.99
O3 NAG E . 14.52 32.10 -16.11
O4 NAG E . 14.40 32.41 -13.25
O5 NAG E . 13.60 28.85 -13.72
O6 NAG E . 11.85 30.24 -12.00
O7 NAG E . 13.62 29.41 -18.56
C1 NAG F . 32.40 15.01 -40.59
C2 NAG F . 33.33 15.90 -41.43
C3 NAG F . 32.50 16.40 -42.62
C4 NAG F . 31.87 15.22 -43.36
C5 NAG F . 31.08 14.31 -42.41
C6 NAG F . 30.54 13.07 -43.06
C7 NAG F . 35.11 17.28 -40.41
C8 NAG F . 35.40 18.48 -39.58
N2 NAG F . 33.81 17.03 -40.65
O3 NAG F . 33.35 17.11 -43.49
O4 NAG F . 31.00 15.70 -44.38
O5 NAG F . 31.94 13.89 -41.34
O6 NAG F . 31.56 12.36 -43.74
O7 NAG F . 36.01 16.56 -40.87
C1 NAG G . 1.57 5.93 -31.72
C2 NAG G . 1.38 6.72 -33.01
C3 NAG G . -0.12 6.86 -33.28
C4 NAG G . -0.82 5.50 -33.28
C5 NAG G . -0.49 4.72 -32.01
C6 NAG G . -0.98 3.30 -32.05
C7 NAG G . 3.15 8.36 -33.51
C8 NAG G . 3.59 9.78 -33.35
N2 NAG G . 2.00 8.03 -32.89
O3 NAG G . -0.31 7.51 -34.52
O4 NAG G . -2.24 5.69 -33.32
O5 NAG G . 0.94 4.66 -31.86
O6 NAG G . -0.70 2.59 -30.83
O7 NAG G . 3.81 7.54 -34.14
C1 NAG H . 7.13 22.98 -38.10
C2 NAG H . 6.30 24.05 -38.81
C3 NAG H . 5.26 24.61 -37.85
C4 NAG H . 4.41 23.49 -37.26
C5 NAG H . 5.29 22.39 -36.67
C6 NAG H . 4.53 21.17 -36.21
C7 NAG H . 7.43 25.29 -40.62
C8 NAG H . 8.34 26.42 -40.95
N2 NAG H . 7.15 25.11 -39.33
O3 NAG H . 4.42 25.51 -38.55
O4 NAG H . 3.57 24.02 -36.23
O5 NAG H . 6.25 21.95 -37.65
O6 NAG H . 3.99 20.44 -37.30
O7 NAG H . 6.97 24.55 -41.49
C1 NAG I . 13.21 -19.34 -29.95
C2 NAG I . 13.52 -20.66 -30.65
C3 NAG I . 12.22 -21.26 -31.19
C4 NAG I . 11.25 -21.49 -30.03
C5 NAG I . 11.04 -20.19 -29.27
C6 NAG I . 10.25 -20.38 -28.00
C7 NAG I . 15.66 -21.21 -31.69
C8 NAG I . 16.60 -20.93 -32.82
N2 NAG I . 14.51 -20.53 -31.71
O3 NAG I . 12.50 -22.51 -31.82
O4 NAG I . 10.00 -21.99 -30.51
O5 NAG I . 12.32 -19.65 -28.87
O6 NAG I . 10.96 -21.23 -27.10
O7 NAG I . 15.93 -22.01 -30.80
C1 NAG J . 22.88 -33.23 -10.84
C2 NAG J . 21.92 -32.04 -10.76
C3 NAG J . 20.54 -32.53 -10.33
C4 NAG J . 20.07 -33.72 -11.19
C5 NAG J . 21.14 -34.81 -11.21
C6 NAG J . 20.80 -35.99 -12.08
C7 NAG J . 23.17 -29.97 -10.15
C8 NAG J . 23.53 -29.82 -11.60
N2 NAG J . 22.39 -31.01 -9.83
O3 NAG J . 19.60 -31.47 -10.46
O4 NAG J . 18.86 -34.26 -10.67
O5 NAG J . 22.36 -34.25 -11.70
O6 NAG J . 20.61 -35.61 -13.45
O7 NAG J . 23.54 -29.15 -9.31
S SO4 K . 8.11 -25.82 -22.56
O1 SO4 K . 7.18 -25.12 -23.44
O2 SO4 K . 8.91 -26.76 -23.35
O3 SO4 K . 9.04 -24.84 -21.94
O4 SO4 K . 7.33 -26.50 -21.53
S SO4 L . 16.04 32.40 -22.71
O1 SO4 L . 15.05 31.35 -22.97
O2 SO4 L . 17.32 31.84 -22.27
O3 SO4 L . 16.25 33.18 -23.94
O4 SO4 L . 15.54 33.27 -21.62
S SO4 M . -3.58 -18.43 -11.47
O1 SO4 M . -4.61 -19.48 -11.53
O2 SO4 M . -2.26 -19.08 -11.37
O3 SO4 M . -3.64 -17.60 -12.67
O4 SO4 M . -3.82 -17.59 -10.30
N1 N7F N . -14.39 2.36 17.99
C2 N7F N . -15.56 1.66 18.23
N3 N7F N . -16.65 1.99 17.64
C4 N7F N . -14.35 3.52 17.27
C5 N7F N . -15.62 3.97 16.64
C6 N7F N . -16.68 3.16 16.80
C7 N7F N . -17.74 3.72 16.00
C8 N7F N . -17.25 4.86 15.47
N9 N7F N . -15.96 4.94 15.81
C10 N7F N . -19.02 3.08 15.94
N11 N7F N . -20.05 2.56 15.94
N12 N7F N . -17.92 5.58 14.61
C13 N7F N . -17.38 5.70 13.22
C14 N7F N . -17.73 7.05 12.57
C15 N7F N . -19.28 7.11 12.53
C16 N7F N . -19.79 7.21 14.00
C17 N7F N . -19.33 6.00 14.85
N18 N7F N . -17.14 7.12 11.22
C19 N7F N . -15.19 6.18 15.68
C20 N7F N . -14.15 6.36 14.57
C21 N7F N . -13.88 5.33 13.67
C22 N7F N . -12.98 5.60 12.63
C23 N7F N . -12.35 6.86 12.54
C24 N7F N . -12.61 7.87 13.46
C25 N7F N . -13.54 7.62 14.48
O26 N7F N . -13.29 4.15 17.10
C27 N7F N . -13.15 1.84 18.59
C28 N7F N . -11.35 0.00 20.09
C29 N7F N . -10.51 -0.88 20.80
C30 N7F N . -10.42 -2.24 20.46
C31 N7F N . -11.08 -2.69 19.29
C32 N7F N . -12.92 0.36 18.19
C33 N7F N . -12.07 -0.47 18.96
C34 N7F N . -11.94 -1.83 18.59
N35 N7F N . -12.54 -2.30 17.46
C36 N7F N . -13.23 -1.49 16.64
C37 N7F N . -13.43 -0.14 16.97
S SO4 O . -37.82 -9.37 -17.36
O1 SO4 O . -39.23 -9.23 -17.79
O2 SO4 O . -37.19 -10.45 -18.14
O3 SO4 O . -37.09 -8.10 -17.57
O4 SO4 O . -37.72 -9.73 -15.94
S SO4 P . -10.30 28.11 19.53
O1 SO4 P . -10.90 26.77 19.51
O2 SO4 P . -8.84 28.01 19.38
O3 SO4 P . -10.84 28.90 18.42
O4 SO4 P . -10.63 28.75 20.80
S SO4 Q . 1.85 20.65 8.64
O1 SO4 Q . 0.74 20.87 7.71
O2 SO4 Q . 2.62 19.49 8.17
O3 SO4 Q . 2.70 21.83 8.69
O4 SO4 Q . 1.35 20.38 9.98
C1 NAG R . -52.41 -20.29 18.19
C2 NAG R . -52.57 -20.09 16.68
C3 NAG R . -53.86 -19.33 16.38
C4 NAG R . -55.06 -20.03 17.02
C5 NAG R . -54.82 -20.21 18.51
C6 NAG R . -55.90 -20.99 19.21
C7 NAG R . -50.41 -19.97 15.48
C8 NAG R . -49.45 -19.04 14.81
N2 NAG R . -51.43 -19.37 16.13
O3 NAG R . -54.05 -19.23 14.97
O4 NAG R . -56.24 -19.27 16.79
O5 NAG R . -53.58 -20.92 18.72
O6 NAG R . -55.77 -20.93 20.63
O7 NAG R . -50.28 -21.19 15.44
C1 NAG S . -28.98 -11.47 -13.86
C2 NAG S . -30.02 -11.42 -14.98
C3 NAG S . -30.22 -12.83 -15.55
C4 NAG S . -28.88 -13.43 -15.98
C5 NAG S . -27.91 -13.43 -14.80
C6 NAG S . -26.53 -13.92 -15.15
C7 NAG S . -31.85 -9.77 -14.77
C8 NAG S . -33.10 -9.41 -14.03
N2 NAG S . -31.26 -10.93 -14.41
O3 NAG S . -31.10 -12.76 -16.66
O4 NAG S . -29.08 -14.76 -16.44
O5 NAG S . -27.76 -12.09 -14.29
O6 NAG S . -25.92 -13.11 -16.15
O7 NAG S . -31.37 -9.04 -15.65
C1 NAG T . -53.25 6.49 2.73
C2 NAG T . -54.74 6.20 2.63
C3 NAG T . -55.26 7.01 1.44
C4 NAG T . -54.93 8.49 1.61
C5 NAG T . -53.46 8.71 1.93
C6 NAG T . -53.13 10.13 2.31
C7 NAG T . -55.83 4.04 3.17
C8 NAG T . -55.84 2.58 2.87
N2 NAG T . -54.97 4.78 2.42
O3 NAG T . -56.68 6.85 1.37
O4 NAG T . -55.28 9.20 0.42
O5 NAG T . -53.04 7.88 3.02
O6 NAG T . -53.92 10.57 3.41
O7 NAG T . -56.55 4.55 4.02
C1 NAG U . -24.63 18.75 -9.46
C2 NAG U . -25.68 19.24 -10.46
C3 NAG U . -24.94 19.92 -11.61
C4 NAG U . -24.05 21.04 -11.10
C5 NAG U . -23.10 20.52 -10.01
C6 NAG U . -22.32 21.61 -9.33
C7 NAG U . -27.74 17.87 -10.60
C8 NAG U . -28.41 16.75 -11.32
N2 NAG U . -26.47 18.12 -10.96
O3 NAG U . -25.91 20.44 -12.52
O4 NAG U . -23.24 21.52 -12.17
O5 NAG U . -23.87 19.85 -8.98
O6 NAG U . -21.38 21.05 -8.42
O7 NAG U . -28.30 18.53 -9.73
C1 NAG V . -38.95 10.91 -19.35
C2 NAG V . -39.35 11.13 -20.81
C3 NAG V . -38.26 10.57 -21.71
C4 NAG V . -36.90 11.19 -21.36
C5 NAG V . -36.60 10.98 -19.88
C6 NAG V . -35.33 11.66 -19.42
C7 NAG V . -41.76 11.07 -21.35
C8 NAG V . -42.93 10.16 -21.62
N2 NAG V . -40.61 10.45 -21.06
O3 NAG V . -38.57 10.83 -23.07
O4 NAG V . -35.87 10.61 -22.14
O5 NAG V . -37.67 11.49 -19.08
O6 NAG V . -35.44 13.08 -19.46
O7 NAG V . -41.87 12.28 -21.40
C1 NAG W . -21.01 27.31 16.77
C2 NAG W . -21.36 28.49 17.68
C3 NAG W . -20.62 29.74 17.23
C4 NAG W . -19.11 29.48 17.21
C5 NAG W . -18.78 28.23 16.40
C6 NAG W . -17.34 27.79 16.55
C7 NAG W . -23.53 28.58 18.81
C8 NAG W . -25.02 28.51 18.62
N2 NAG W . -22.79 28.73 17.71
O3 NAG W . -20.91 30.80 18.14
O4 NAG W . -18.45 30.60 16.63
O5 NAG W . -19.59 27.11 16.84
O6 NAG W . -17.05 27.42 17.91
O7 NAG W . -23.02 28.46 19.94
#